data_4GIP
#
_entry.id   4GIP
#
_cell.length_a   250.930
_cell.length_b   140.520
_cell.length_c   84.600
_cell.angle_alpha   90.00
_cell.angle_beta   99.84
_cell.angle_gamma   90.00
#
_symmetry.space_group_name_H-M   'C 1 2 1'
#
loop_
_entity.id
_entity.type
_entity.pdbx_description
1 polymer 'Fusion glycoprotein F2'
2 polymer 'Fusion glycoprotein F1'
3 non-polymer 2-acetamido-2-deoxy-beta-D-glucopyranose
4 water water
#
loop_
_entity_poly.entity_id
_entity_poly.type
_entity_poly.pdbx_seq_one_letter_code
_entity_poly.pdbx_strand_id
1 'polypeptide(L)'
;LDPAALMQIGVIPTNVRQLMYYTEASSAFIVVKLMPTIDSPISGCNITSISSYNATVTKLLQPIGENLETIRNQLIPTRR
R
;
A,B,C
2 'polypeptide(L)'
;FAGVVIGLAALGVATAAQVTAAVALVKANENAAAILNLKNAIQKTNAAVADVVQATQSLGTAVQAVQDHINSVVSPAITA
ANCKAQDAIIGSILNLYLTELTTIFHNQITNPALSPITIQALRILLGSTLPTVVEKSFNTQISAAELLSSGLLTGQIVGL
DLTYMQMVIKIELPTLTVQPATQIIDLATISAFINNQEVMAQLPTRVMVTGSLIQAYPASQCTITPNTVYCRYNDAQVLS
DDTMACLQGNLTRCTFSPVVGSFLTRFVLFDGIVYANCRSMLCKCMQPAAVILQPSSSPVTVIDMYKCVSLQLDNLRFTI
TQLANVTYNSTIKLESSQILSIDPLDISQNLAAVNKSLSDALQHLAQSDTYLSAIEDKIEEILSKIYHIENEIARIKKLI
GEAHHHHHH
;
D,E,F
#
# COMPACT_ATOMS: atom_id res chain seq x y z
N LEU A 1 27.60 -16.14 -7.48
CA LEU A 1 26.44 -16.21 -8.37
C LEU A 1 26.82 -16.77 -9.75
N ASP A 2 26.03 -17.73 -10.24
CA ASP A 2 26.28 -18.36 -11.54
C ASP A 2 25.18 -18.00 -12.53
N PRO A 3 25.26 -16.80 -13.15
CA PRO A 3 24.19 -16.32 -14.03
C PRO A 3 23.93 -17.24 -15.22
N ALA A 4 24.99 -17.81 -15.78
CA ALA A 4 24.85 -18.64 -16.96
C ALA A 4 24.02 -19.88 -16.67
N ALA A 5 24.29 -20.55 -15.56
CA ALA A 5 23.53 -21.76 -15.25
C ALA A 5 22.08 -21.41 -14.94
N LEU A 6 21.87 -20.29 -14.24
CA LEU A 6 20.52 -19.87 -13.85
C LEU A 6 19.62 -19.60 -15.06
N MET A 7 20.19 -19.00 -16.11
CA MET A 7 19.42 -18.72 -17.32
C MET A 7 18.93 -19.99 -18.03
N GLN A 8 19.60 -21.11 -17.79
CA GLN A 8 19.19 -22.37 -18.40
C GLN A 8 17.92 -22.91 -17.76
N ILE A 9 17.49 -22.30 -16.66
CA ILE A 9 16.19 -22.64 -16.07
C ILE A 9 15.28 -21.43 -16.01
N GLY A 10 15.60 -20.40 -16.80
CA GLY A 10 14.69 -19.27 -16.99
C GLY A 10 14.85 -18.15 -15.99
N VAL A 11 15.90 -18.20 -15.17
CA VAL A 11 16.17 -17.13 -14.22
C VAL A 11 17.08 -16.08 -14.88
N ILE A 12 16.62 -14.84 -14.94
CA ILE A 12 17.29 -13.80 -15.73
C ILE A 12 17.83 -12.63 -14.91
N PRO A 13 19.16 -12.42 -14.92
CA PRO A 13 19.64 -11.20 -14.26
C PRO A 13 19.29 -9.96 -15.10
N THR A 14 18.31 -9.19 -14.64
CA THR A 14 17.80 -8.07 -15.40
C THR A 14 18.51 -6.76 -15.09
N ASN A 15 19.10 -6.67 -13.90
CA ASN A 15 19.89 -5.51 -13.52
C ASN A 15 21.06 -5.89 -12.63
N VAL A 16 22.17 -5.19 -12.81
CA VAL A 16 23.32 -5.30 -11.91
C VAL A 16 23.70 -3.91 -11.46
N ARG A 17 23.64 -3.67 -10.16
CA ARG A 17 23.81 -2.33 -9.59
C ARG A 17 24.86 -2.32 -8.48
N GLN A 18 25.50 -1.17 -8.29
CA GLN A 18 26.39 -0.96 -7.16
C GLN A 18 25.59 -0.58 -5.91
N LEU A 19 26.14 -0.94 -4.75
CA LEU A 19 25.54 -0.63 -3.48
C LEU A 19 26.25 0.57 -2.91
N MET A 20 25.49 1.53 -2.40
CA MET A 20 26.05 2.73 -1.80
C MET A 20 25.72 2.74 -0.34
N TYR A 21 26.64 3.25 0.44
CA TYR A 21 26.37 3.60 1.82
C TYR A 21 26.93 4.99 2.07
N TYR A 22 26.55 5.57 3.20
CA TYR A 22 27.00 6.93 3.50
C TYR A 22 27.91 6.94 4.74
N THR A 23 28.73 7.98 4.83
CA THR A 23 29.66 8.13 5.94
C THR A 23 29.41 9.45 6.67
N GLU A 24 28.93 10.43 5.93
CA GLU A 24 28.65 11.76 6.49
C GLU A 24 27.44 12.37 5.78
N ALA A 25 26.76 13.31 6.45
CA ALA A 25 25.59 13.94 5.86
C ALA A 25 25.70 15.46 5.82
N SER A 26 25.34 16.04 4.69
CA SER A 26 25.24 17.49 4.56
C SER A 26 23.90 17.92 5.15
N SER A 27 23.93 18.95 5.98
CA SER A 27 22.73 19.33 6.70
C SER A 27 22.25 20.75 6.42
N ALA A 28 20.93 20.97 6.55
CA ALA A 28 20.36 22.30 6.38
C ALA A 28 19.19 22.51 7.34
N PHE A 29 19.05 23.73 7.85
CA PHE A 29 17.97 24.03 8.77
C PHE A 29 16.82 24.78 8.12
N ILE A 30 15.61 24.32 8.40
CA ILE A 30 14.40 24.90 7.86
C ILE A 30 13.52 25.39 9.01
N VAL A 31 12.90 26.55 8.81
CA VAL A 31 11.87 27.01 9.74
C VAL A 31 10.54 26.98 9.03
N VAL A 32 9.65 26.12 9.47
CA VAL A 32 8.32 26.08 8.89
C VAL A 32 7.42 27.06 9.64
N LYS A 33 7.03 28.15 8.97
CA LYS A 33 6.04 29.06 9.54
C LYS A 33 4.69 28.45 9.22
N LEU A 34 3.95 28.07 10.25
CA LEU A 34 2.69 27.39 10.03
C LEU A 34 1.56 28.40 9.87
N MET A 35 1.82 29.63 10.29
CA MET A 35 0.82 30.69 10.20
C MET A 35 1.29 31.74 9.19
N PRO A 36 0.52 31.93 8.10
CA PRO A 36 0.93 32.93 7.10
C PRO A 36 0.87 34.36 7.65
N THR A 37 1.66 35.25 7.04
CA THR A 37 1.61 36.67 7.38
C THR A 37 0.51 37.35 6.58
N ILE A 38 -0.34 38.10 7.26
CA ILE A 38 -1.32 38.92 6.56
C ILE A 38 -1.03 40.40 6.82
N ASP A 39 -0.54 41.09 5.79
CA ASP A 39 -0.04 42.46 5.93
C ASP A 39 -1.11 43.54 5.79
N SER A 40 -2.18 43.24 5.05
CA SER A 40 -3.23 44.21 4.81
C SER A 40 -3.92 44.62 6.12
N PRO A 41 -4.14 45.94 6.29
CA PRO A 41 -4.77 46.51 7.50
C PRO A 41 -6.20 46.01 7.72
N ILE A 42 -6.49 45.58 8.94
CA ILE A 42 -7.82 45.08 9.29
C ILE A 42 -8.59 46.09 10.14
N SER A 43 -9.72 46.56 9.63
CA SER A 43 -10.50 47.59 10.31
C SER A 43 -11.93 47.13 10.57
N GLY A 44 -12.26 46.87 11.84
CA GLY A 44 -13.59 46.46 12.23
C GLY A 44 -14.03 45.13 11.66
N CYS A 45 -13.21 44.10 11.88
CA CYS A 45 -13.51 42.77 11.35
C CYS A 45 -12.75 41.67 12.11
N ASN A 46 -13.47 40.67 12.58
CA ASN A 46 -12.85 39.51 13.23
C ASN A 46 -12.68 38.36 12.26
N ILE A 47 -11.44 38.11 11.83
CA ILE A 47 -11.14 36.98 10.97
C ILE A 47 -11.08 35.70 11.79
N THR A 48 -12.24 35.08 12.00
CA THR A 48 -12.34 33.88 12.83
C THR A 48 -11.47 32.72 12.33
N SER A 49 -11.12 32.76 11.05
CA SER A 49 -10.34 31.71 10.39
C SER A 49 -8.97 31.51 11.02
N ILE A 50 -8.29 32.62 11.28
CA ILE A 50 -6.92 32.59 11.77
C ILE A 50 -6.85 31.94 13.15
N SER A 51 -7.75 32.33 14.04
CA SER A 51 -7.76 31.81 15.40
C SER A 51 -8.20 30.34 15.47
N SER A 52 -9.12 29.95 14.60
CA SER A 52 -9.60 28.57 14.57
C SER A 52 -8.53 27.62 14.02
N TYR A 53 -7.75 28.13 13.07
CA TYR A 53 -6.64 27.37 12.51
C TYR A 53 -5.52 27.28 13.55
N ASN A 54 -5.20 28.43 14.14
CA ASN A 54 -4.25 28.53 15.25
C ASN A 54 -4.53 27.46 16.32
N ALA A 55 -5.78 27.41 16.78
CA ALA A 55 -6.17 26.52 17.87
C ALA A 55 -5.96 25.06 17.51
N THR A 56 -6.49 24.66 16.36
CA THR A 56 -6.44 23.27 15.95
C THR A 56 -5.02 22.79 15.61
N VAL A 57 -4.27 23.64 14.90
CA VAL A 57 -2.88 23.30 14.59
C VAL A 57 -2.06 23.13 15.87
N THR A 58 -2.26 24.05 16.81
CA THR A 58 -1.56 24.04 18.08
C THR A 58 -1.83 22.75 18.86
N LYS A 59 -3.07 22.30 18.83
CA LYS A 59 -3.45 21.11 19.56
C LYS A 59 -2.80 19.92 18.88
N LEU A 60 -2.73 19.97 17.55
CA LEU A 60 -2.18 18.87 16.76
C LEU A 60 -0.71 18.64 17.06
N LEU A 61 0.01 19.71 17.35
CA LEU A 61 1.45 19.62 17.59
C LEU A 61 1.81 19.50 19.07
N GLN A 62 0.81 19.55 19.93
CA GLN A 62 1.01 19.36 21.37
C GLN A 62 1.93 18.18 21.69
N PRO A 63 1.61 16.96 21.22
CA PRO A 63 2.46 15.83 21.60
C PRO A 63 3.90 15.97 21.16
N ILE A 64 4.12 16.48 19.95
CA ILE A 64 5.49 16.71 19.48
C ILE A 64 6.17 17.73 20.38
N GLY A 65 5.46 18.81 20.68
CA GLY A 65 6.00 19.85 21.53
C GLY A 65 6.35 19.36 22.94
N GLU A 66 5.48 18.55 23.53
CA GLU A 66 5.73 18.04 24.87
C GLU A 66 6.91 17.10 24.87
N ASN A 67 7.05 16.35 23.79
CA ASN A 67 8.16 15.41 23.67
C ASN A 67 9.51 16.09 23.51
N LEU A 68 9.58 17.11 22.65
CA LEU A 68 10.78 17.93 22.50
C LEU A 68 11.23 18.50 23.83
N GLU A 69 10.29 18.98 24.62
CA GLU A 69 10.66 19.62 25.87
C GLU A 69 11.13 18.63 26.90
N THR A 70 10.44 17.50 27.04
CA THR A 70 10.92 16.43 27.91
C THR A 70 12.35 16.07 27.53
N ILE A 71 12.57 15.75 26.27
CA ILE A 71 13.92 15.37 25.86
C ILE A 71 14.93 16.50 26.09
N ARG A 72 14.59 17.72 25.70
CA ARG A 72 15.52 18.82 25.79
C ARG A 72 15.79 19.20 27.24
N ASN A 73 14.84 18.88 28.11
CA ASN A 73 14.99 19.12 29.55
C ASN A 73 15.67 18.01 30.33
N GLN A 74 15.58 16.77 29.86
CA GLN A 74 16.09 15.68 30.69
C GLN A 74 17.23 14.90 30.07
N LEU A 75 17.51 15.17 28.79
CA LEU A 75 18.58 14.50 28.09
C LEU A 75 19.72 15.48 27.96
N ILE A 76 20.69 15.34 28.85
CA ILE A 76 21.68 16.38 29.02
C ILE A 76 23.05 15.87 28.63
N PRO A 77 23.76 16.63 27.78
CA PRO A 77 25.12 16.27 27.40
C PRO A 77 26.10 16.59 28.50
N THR A 78 26.90 15.62 28.93
CA THR A 78 27.99 15.88 29.86
C THR A 78 29.08 16.68 29.14
N ARG A 79 29.00 16.74 27.82
CA ARG A 79 29.82 17.65 27.03
C ARG A 79 29.08 18.22 25.82
N ARG A 80 28.61 19.46 25.97
CA ARG A 80 28.05 20.28 24.88
C ARG A 80 27.79 21.70 25.35
N ARG A 81 26.91 21.84 26.35
CA ARG A 81 26.54 23.13 26.93
C ARG A 81 26.14 24.17 25.88
N PHE B 1 34.23 12.42 28.60
CA PHE B 1 34.25 11.53 27.45
C PHE B 1 33.40 12.10 26.32
N ALA B 2 33.83 13.25 25.77
CA ALA B 2 33.06 13.99 24.76
C ALA B 2 32.48 13.14 23.63
N GLY B 3 31.14 13.15 23.48
CA GLY B 3 30.26 13.94 24.34
C GLY B 3 29.12 13.13 24.91
N VAL B 4 29.32 12.63 26.13
CA VAL B 4 28.39 11.74 26.81
C VAL B 4 27.00 12.39 26.96
N VAL B 5 25.96 11.56 27.09
CA VAL B 5 24.60 12.03 27.35
C VAL B 5 24.07 11.38 28.63
N ILE B 6 23.39 12.16 29.46
CA ILE B 6 22.79 11.65 30.69
C ILE B 6 21.29 11.87 30.71
N GLY B 7 20.54 10.88 31.18
CA GLY B 7 19.09 10.98 31.25
C GLY B 7 18.34 10.21 30.19
N LEU B 8 18.91 9.09 29.73
CA LEU B 8 18.24 8.29 28.70
C LEU B 8 16.95 7.63 29.18
N ALA B 9 16.70 7.61 30.49
CA ALA B 9 15.47 7.00 31.00
C ALA B 9 14.26 7.84 30.61
N ALA B 10 14.52 9.12 30.39
CA ALA B 10 13.52 10.04 29.86
C ALA B 10 12.81 9.50 28.60
N LEU B 11 13.56 8.81 27.73
CA LEU B 11 12.99 8.27 26.49
C LEU B 11 11.99 7.14 26.68
N GLY B 12 11.95 6.57 27.89
CA GLY B 12 11.07 5.45 28.14
C GLY B 12 11.69 4.28 27.43
N VAL B 13 10.91 3.53 26.66
CA VAL B 13 11.47 2.42 25.91
C VAL B 13 11.67 2.85 24.48
N ALA B 14 12.89 2.68 23.96
CA ALA B 14 13.22 3.30 22.68
C ALA B 14 14.16 2.43 21.86
N THR B 15 14.04 2.50 20.54
CA THR B 15 14.94 1.73 19.70
C THR B 15 16.24 2.50 19.50
N ALA B 16 17.25 1.79 18.99
CA ALA B 16 18.57 2.36 18.70
C ALA B 16 18.47 3.57 17.78
N ALA B 17 17.58 3.51 16.82
CA ALA B 17 17.41 4.59 15.86
C ALA B 17 16.81 5.77 16.57
N GLN B 18 15.97 5.49 17.57
CA GLN B 18 15.32 6.55 18.33
C GLN B 18 16.33 7.21 19.24
N VAL B 19 17.09 6.38 19.98
CA VAL B 19 18.19 6.87 20.82
C VAL B 19 19.14 7.74 20.01
N THR B 20 19.52 7.26 18.83
CA THR B 20 20.37 8.01 17.91
C THR B 20 19.74 9.36 17.56
N ALA B 21 18.42 9.36 17.38
CA ALA B 21 17.72 10.57 17.00
C ALA B 21 17.66 11.52 18.19
N ALA B 22 17.49 10.95 19.38
CA ALA B 22 17.46 11.75 20.60
C ALA B 22 18.78 12.48 20.77
N VAL B 23 19.87 11.76 20.56
CA VAL B 23 21.20 12.33 20.74
C VAL B 23 21.48 13.44 19.72
N ALA B 24 20.98 13.27 18.50
CA ALA B 24 21.15 14.28 17.45
C ALA B 24 20.31 15.52 17.75
N LEU B 25 19.17 15.31 18.38
CA LEU B 25 18.27 16.39 18.78
C LEU B 25 18.93 17.33 19.79
N VAL B 26 19.53 16.75 20.83
CA VAL B 26 20.17 17.58 21.84
C VAL B 26 21.47 18.20 21.33
N LYS B 27 22.09 17.61 20.31
CA LYS B 27 23.23 18.25 19.65
C LYS B 27 22.75 19.49 18.91
N ALA B 28 21.52 19.43 18.40
CA ALA B 28 20.95 20.51 17.63
C ALA B 28 20.49 21.68 18.49
N ASN B 29 20.59 21.52 19.82
CA ASN B 29 20.10 22.51 20.79
C ASN B 29 20.44 23.95 20.43
N GLU B 30 21.74 24.21 20.33
CA GLU B 30 22.27 25.55 20.07
C GLU B 30 21.75 26.10 18.74
N ASN B 31 21.79 25.26 17.70
CA ASN B 31 21.35 25.70 16.37
C ASN B 31 19.86 26.02 16.32
N ALA B 32 19.05 25.16 16.94
CA ALA B 32 17.62 25.38 16.99
C ALA B 32 17.28 26.64 17.79
N ALA B 33 17.97 26.83 18.92
CA ALA B 33 17.72 27.97 19.79
C ALA B 33 18.05 29.30 19.12
N ALA B 34 19.09 29.29 18.28
CA ALA B 34 19.55 30.52 17.64
C ALA B 34 18.56 30.92 16.56
N ILE B 35 17.91 29.93 15.98
CA ILE B 35 16.92 30.17 14.93
C ILE B 35 15.61 30.68 15.53
N LEU B 36 15.11 29.97 16.54
CA LEU B 36 13.90 30.36 17.24
C LEU B 36 14.07 31.71 17.95
N ASN B 37 15.31 32.09 18.21
CA ASN B 37 15.59 33.39 18.76
C ASN B 37 15.12 34.54 17.84
N LEU B 38 15.00 34.24 16.54
CA LEU B 38 14.63 35.25 15.56
C LEU B 38 13.18 35.08 15.11
N LYS B 39 12.40 34.34 15.91
CA LYS B 39 11.03 34.02 15.53
C LYS B 39 10.17 35.25 15.31
N ASN B 40 10.49 36.33 16.01
CA ASN B 40 9.78 37.58 15.80
C ASN B 40 10.04 38.15 14.41
N ALA B 41 11.31 38.30 14.05
CA ALA B 41 11.67 38.72 12.69
C ALA B 41 11.10 37.78 11.62
N ILE B 42 11.32 36.48 11.81
CA ILE B 42 10.83 35.45 10.88
C ILE B 42 9.33 35.61 10.61
N GLN B 43 8.58 35.86 11.68
CA GLN B 43 7.13 35.95 11.58
C GLN B 43 6.64 37.22 10.87
N LYS B 44 7.34 38.34 11.05
CA LYS B 44 6.89 39.60 10.45
C LYS B 44 7.11 39.61 8.94
N THR B 45 8.18 38.96 8.48
CA THR B 45 8.46 38.84 7.05
C THR B 45 7.32 38.16 6.30
N ASN B 46 6.79 38.83 5.28
CA ASN B 46 5.80 38.21 4.42
C ASN B 46 6.48 37.68 3.16
N ALA B 47 6.93 36.44 3.24
CA ALA B 47 7.61 35.77 2.14
C ALA B 47 7.34 34.28 2.22
N ALA B 48 7.24 33.62 1.07
CA ALA B 48 7.06 32.17 1.04
C ALA B 48 8.38 31.50 1.44
N VAL B 49 9.46 31.96 0.83
CA VAL B 49 10.81 31.52 1.19
C VAL B 49 11.62 32.76 1.57
N ALA B 50 12.42 32.65 2.63
CA ALA B 50 13.16 33.78 3.17
C ALA B 50 14.38 33.31 3.96
N ASP B 51 15.44 34.12 3.95
CA ASP B 51 16.67 33.74 4.64
C ASP B 51 16.62 34.12 6.11
N VAL B 52 17.09 33.21 6.97
CA VAL B 52 17.20 33.48 8.40
C VAL B 52 18.63 33.91 8.71
N VAL B 53 18.82 35.21 8.96
CA VAL B 53 20.18 35.74 9.12
C VAL B 53 20.48 36.30 10.52
N GLN B 54 21.57 35.82 11.10
CA GLN B 54 22.07 36.31 12.39
C GLN B 54 23.42 36.97 12.23
N ALA B 55 23.42 38.30 12.26
CA ALA B 55 24.65 39.09 12.09
C ALA B 55 25.37 38.75 10.79
N THR B 56 24.71 39.02 9.67
CA THR B 56 25.26 38.79 8.33
C THR B 56 25.60 37.33 7.98
N GLN B 57 25.21 36.38 8.83
CA GLN B 57 25.40 34.96 8.54
C GLN B 57 24.09 34.19 8.55
N SER B 58 23.94 33.25 7.61
CA SER B 58 22.70 32.48 7.47
C SER B 58 22.66 31.25 8.36
N LEU B 59 21.55 31.06 9.06
CA LEU B 59 21.36 29.86 9.87
C LEU B 59 20.52 28.83 9.12
N GLY B 60 19.62 29.33 8.28
CA GLY B 60 18.72 28.46 7.54
C GLY B 60 17.73 29.23 6.68
N THR B 61 16.61 28.60 6.39
CA THR B 61 15.61 29.16 5.48
C THR B 61 14.24 29.13 6.14
N ALA B 62 13.49 30.22 6.03
CA ALA B 62 12.14 30.27 6.56
C ALA B 62 11.14 30.05 5.44
N VAL B 63 10.27 29.05 5.61
CA VAL B 63 9.30 28.71 4.59
C VAL B 63 7.86 28.85 5.07
N GLN B 64 7.00 29.31 4.16
CA GLN B 64 5.58 29.41 4.45
C GLN B 64 4.80 28.84 3.27
N ALA B 65 4.20 27.68 3.48
CA ALA B 65 3.65 26.84 2.42
C ALA B 65 2.50 27.44 1.63
N VAL B 66 1.69 28.28 2.28
CA VAL B 66 0.48 28.84 1.65
C VAL B 66 0.55 30.36 1.46
N GLN B 67 1.74 30.93 1.56
CA GLN B 67 1.87 32.39 1.67
C GLN B 67 1.57 33.13 0.37
N ASP B 68 2.12 32.65 -0.74
CA ASP B 68 1.92 33.28 -2.03
C ASP B 68 0.46 33.20 -2.47
N HIS B 69 -0.20 32.09 -2.15
CA HIS B 69 -1.62 31.94 -2.41
C HIS B 69 -2.38 33.01 -1.63
N ILE B 70 -2.08 33.09 -0.33
CA ILE B 70 -2.71 34.06 0.56
C ILE B 70 -2.48 35.50 0.09
N ASN B 71 -1.23 35.83 -0.25
CA ASN B 71 -0.87 37.14 -0.77
C ASN B 71 -1.70 37.53 -1.99
N SER B 72 -2.07 36.53 -2.77
CA SER B 72 -2.73 36.74 -4.05
C SER B 72 -4.23 37.02 -3.96
N VAL B 73 -4.88 36.51 -2.92
CA VAL B 73 -6.34 36.52 -2.87
C VAL B 73 -6.93 37.43 -1.80
N VAL B 74 -6.08 38.04 -0.99
CA VAL B 74 -6.56 38.96 0.04
C VAL B 74 -6.49 40.40 -0.44
N SER B 75 -7.51 41.19 -0.09
CA SER B 75 -7.56 42.59 -0.49
C SER B 75 -6.56 43.38 0.36
N PRO B 76 -6.04 44.49 -0.20
CA PRO B 76 -5.03 45.32 0.46
C PRO B 76 -5.54 46.05 1.72
N ALA B 77 -6.82 45.87 2.05
CA ALA B 77 -7.38 46.39 3.29
C ALA B 77 -8.60 45.56 3.70
N ILE B 78 -8.73 45.26 4.97
CA ILE B 78 -9.87 44.46 5.42
C ILE B 78 -10.89 45.28 6.19
N THR B 79 -12.07 45.45 5.58
CA THR B 79 -13.12 46.30 6.13
C THR B 79 -14.18 45.45 6.82
N ALA B 80 -15.29 46.07 7.19
CA ALA B 80 -16.41 45.35 7.77
C ALA B 80 -17.26 44.74 6.66
N ALA B 81 -17.19 45.35 5.48
CA ALA B 81 -17.85 44.83 4.28
C ALA B 81 -17.18 43.54 3.82
N ASN B 82 -15.85 43.61 3.66
CA ASN B 82 -15.02 42.48 3.28
C ASN B 82 -15.24 41.25 4.15
N CYS B 83 -14.96 41.42 5.44
CA CYS B 83 -14.92 40.36 6.47
C CYS B 83 -15.41 38.97 6.07
N LYS B 84 -16.71 38.85 5.76
CA LYS B 84 -17.32 37.57 5.39
C LYS B 84 -16.57 36.90 4.23
N ALA B 85 -16.38 37.65 3.15
CA ALA B 85 -15.73 37.14 1.95
C ALA B 85 -14.25 36.80 2.18
N GLN B 86 -13.56 37.63 2.95
CA GLN B 86 -12.13 37.42 3.20
C GLN B 86 -11.90 36.32 4.24
N ASP B 87 -12.83 36.19 5.19
CA ASP B 87 -12.80 35.12 6.17
C ASP B 87 -13.01 33.78 5.46
N ALA B 88 -13.71 33.83 4.34
CA ALA B 88 -14.06 32.65 3.57
C ALA B 88 -12.82 32.07 2.90
N ILE B 89 -12.22 32.82 1.99
CA ILE B 89 -11.08 32.31 1.24
C ILE B 89 -9.85 32.02 2.10
N ILE B 90 -9.56 32.92 3.04
CA ILE B 90 -8.47 32.69 3.97
C ILE B 90 -8.69 31.39 4.72
N GLY B 91 -9.90 31.22 5.22
CA GLY B 91 -10.28 30.02 5.95
C GLY B 91 -10.20 28.76 5.11
N SER B 92 -10.58 28.86 3.85
CA SER B 92 -10.50 27.72 2.93
C SER B 92 -9.05 27.39 2.59
N ILE B 93 -8.19 28.39 2.59
CA ILE B 93 -6.75 28.18 2.33
C ILE B 93 -6.05 27.50 3.51
N LEU B 94 -6.37 27.95 4.73
CA LEU B 94 -5.77 27.41 5.94
C LEU B 94 -6.30 26.01 6.25
N ASN B 95 -7.61 25.81 6.06
CA ASN B 95 -8.23 24.52 6.36
C ASN B 95 -7.77 23.42 5.42
N LEU B 96 -7.34 23.80 4.22
CA LEU B 96 -6.82 22.82 3.30
C LEU B 96 -5.45 22.39 3.79
N TYR B 97 -4.62 23.37 4.11
CA TYR B 97 -3.29 23.10 4.67
C TYR B 97 -3.43 22.32 5.98
N LEU B 98 -4.42 22.69 6.79
CA LEU B 98 -4.69 21.98 8.02
C LEU B 98 -5.05 20.52 7.78
N THR B 99 -5.86 20.27 6.76
CA THR B 99 -6.25 18.90 6.45
C THR B 99 -5.04 18.08 6.04
N GLU B 100 -4.13 18.68 5.27
CA GLU B 100 -2.88 18.00 4.92
C GLU B 100 -1.99 17.75 6.14
N LEU B 101 -1.86 18.77 6.99
CA LEU B 101 -1.08 18.61 8.22
C LEU B 101 -1.57 17.41 9.04
N THR B 102 -2.89 17.22 9.11
CA THR B 102 -3.44 16.13 9.92
C THR B 102 -3.17 14.75 9.31
N THR B 103 -2.62 14.72 8.10
CA THR B 103 -2.29 13.45 7.45
C THR B 103 -0.86 12.99 7.78
N ILE B 104 -0.06 13.88 8.36
CA ILE B 104 1.33 13.55 8.66
C ILE B 104 1.70 13.67 10.13
N PHE B 105 0.76 14.10 10.97
CA PHE B 105 1.05 14.26 12.39
C PHE B 105 0.03 13.57 13.26
N HIS B 106 0.05 12.25 13.36
CA HIS B 106 -0.82 11.60 14.34
C HIS B 106 -0.11 11.18 15.63
N ASN B 107 -0.77 11.41 16.75
CA ASN B 107 -0.30 11.02 18.07
C ASN B 107 -0.48 9.52 18.34
N GLN B 108 0.50 8.71 17.94
CA GLN B 108 0.41 7.25 18.11
C GLN B 108 1.42 6.63 19.07
N ILE B 109 2.59 7.25 19.21
CA ILE B 109 3.72 6.61 19.88
C ILE B 109 4.33 7.44 21.02
N THR B 110 5.17 6.77 21.80
CA THR B 110 5.87 7.33 22.96
C THR B 110 6.66 8.62 22.72
N ASN B 111 7.50 8.62 21.69
CA ASN B 111 8.38 9.76 21.41
C ASN B 111 8.15 10.30 20.01
N PRO B 112 7.03 11.00 19.79
CA PRO B 112 6.65 11.48 18.46
C PRO B 112 7.65 12.45 17.84
N ALA B 113 8.43 13.15 18.65
CA ALA B 113 9.36 14.14 18.12
C ALA B 113 10.56 13.51 17.42
N LEU B 114 10.78 12.21 17.65
CA LEU B 114 11.93 11.52 17.08
C LEU B 114 11.65 10.81 15.74
N SER B 115 10.39 10.77 15.33
CA SER B 115 10.02 10.16 14.05
C SER B 115 10.56 10.98 12.87
N PRO B 116 11.21 10.29 11.91
CA PRO B 116 11.78 10.93 10.72
C PRO B 116 10.71 11.66 9.91
N ILE B 117 11.03 12.84 9.39
CA ILE B 117 10.15 13.54 8.44
C ILE B 117 10.53 13.11 7.01
N THR B 118 9.69 12.27 6.42
CA THR B 118 9.91 11.77 5.06
C THR B 118 9.69 12.83 3.98
N ILE B 119 10.15 12.53 2.76
CA ILE B 119 9.98 13.42 1.63
C ILE B 119 8.49 13.69 1.33
N GLN B 120 7.64 12.67 1.47
CA GLN B 120 6.19 12.87 1.30
C GLN B 120 5.72 13.89 2.33
N ALA B 121 6.19 13.74 3.56
CA ALA B 121 5.82 14.62 4.65
C ALA B 121 6.43 16.01 4.44
N LEU B 122 7.64 16.07 3.89
CA LEU B 122 8.25 17.35 3.52
C LEU B 122 7.46 18.06 2.43
N ARG B 123 7.02 17.30 1.42
CA ARG B 123 6.18 17.82 0.34
C ARG B 123 4.92 18.51 0.85
N ILE B 124 4.19 17.79 1.70
CA ILE B 124 3.01 18.35 2.36
C ILE B 124 3.37 19.60 3.18
N LEU B 125 4.47 19.52 3.92
CA LEU B 125 4.82 20.53 4.89
C LEU B 125 5.31 21.81 4.22
N LEU B 126 6.04 21.67 3.13
CA LEU B 126 6.66 22.83 2.48
C LEU B 126 5.82 23.32 1.32
N GLY B 127 4.95 22.46 0.82
CA GLY B 127 4.14 22.81 -0.34
C GLY B 127 4.97 23.19 -1.55
N SER B 128 4.67 24.33 -2.14
CA SER B 128 5.35 24.77 -3.35
C SER B 128 6.74 25.34 -3.08
N THR B 129 7.10 25.45 -1.81
CA THR B 129 8.41 25.99 -1.45
C THR B 129 9.51 24.94 -1.54
N LEU B 130 9.11 23.67 -1.48
CA LEU B 130 10.08 22.57 -1.47
C LEU B 130 11.12 22.60 -2.60
N PRO B 131 10.70 22.84 -3.86
CA PRO B 131 11.75 22.84 -4.89
C PRO B 131 12.75 23.99 -4.68
N THR B 132 12.30 25.10 -4.12
CA THR B 132 13.17 26.26 -3.91
C THR B 132 14.17 26.02 -2.78
N VAL B 133 13.71 25.29 -1.76
CA VAL B 133 14.56 24.93 -0.63
C VAL B 133 15.62 23.90 -1.02
N VAL B 134 15.23 22.92 -1.83
CA VAL B 134 16.19 21.94 -2.31
C VAL B 134 17.21 22.58 -3.27
N GLU B 135 16.72 23.50 -4.10
CA GLU B 135 17.59 24.18 -5.07
C GLU B 135 18.65 25.08 -4.42
N LYS B 136 18.42 25.49 -3.17
CA LYS B 136 19.29 26.48 -2.54
C LYS B 136 20.02 25.99 -1.28
N SER B 137 19.45 25.01 -0.59
CA SER B 137 19.98 24.59 0.72
C SER B 137 21.04 23.49 0.64
N PHE B 138 21.29 22.97 -0.55
CA PHE B 138 22.29 21.92 -0.70
C PHE B 138 23.25 22.20 -1.85
N ASN B 139 24.54 22.02 -1.58
CA ASN B 139 25.56 22.26 -2.59
C ASN B 139 26.24 20.96 -3.00
N THR B 140 25.53 20.11 -3.74
CA THR B 140 26.12 18.85 -4.17
C THR B 140 26.06 18.63 -5.68
N GLN B 141 26.65 17.51 -6.12
CA GLN B 141 26.61 17.11 -7.52
C GLN B 141 25.22 16.60 -7.87
N ILE B 142 24.44 16.25 -6.85
CA ILE B 142 23.11 15.71 -7.05
C ILE B 142 22.10 16.79 -7.43
N SER B 143 21.48 16.61 -8.58
CA SER B 143 20.53 17.58 -9.13
C SER B 143 19.30 17.69 -8.24
N ALA B 144 18.64 18.85 -8.30
CA ALA B 144 17.39 19.05 -7.57
C ALA B 144 16.31 18.07 -8.06
N ALA B 145 16.26 17.85 -9.37
CA ALA B 145 15.31 16.90 -9.93
C ALA B 145 15.42 15.52 -9.27
N GLU B 146 16.65 15.06 -9.05
CA GLU B 146 16.87 13.78 -8.39
C GLU B 146 16.54 13.84 -6.89
N LEU B 147 16.82 14.98 -6.26
CA LEU B 147 16.56 15.12 -4.83
C LEU B 147 15.07 15.14 -4.54
N LEU B 148 14.30 15.80 -5.41
CA LEU B 148 12.87 15.86 -5.25
C LEU B 148 12.18 14.51 -5.52
N SER B 149 12.71 13.76 -6.48
CA SER B 149 12.03 12.56 -6.96
C SER B 149 12.48 11.26 -6.28
N SER B 150 13.25 11.39 -5.21
CA SER B 150 13.80 10.24 -4.52
C SER B 150 13.55 10.32 -3.02
N GLY B 151 13.90 9.26 -2.31
CA GLY B 151 13.80 9.27 -0.85
C GLY B 151 15.10 9.64 -0.16
N LEU B 152 15.99 10.32 -0.88
CA LEU B 152 17.29 10.70 -0.33
C LEU B 152 17.19 11.69 0.84
N LEU B 153 16.37 12.73 0.65
CA LEU B 153 16.12 13.72 1.69
C LEU B 153 15.28 13.15 2.82
N THR B 154 15.63 13.51 4.04
CA THR B 154 14.90 13.09 5.21
C THR B 154 15.13 14.17 6.26
N GLY B 155 14.14 14.38 7.12
CA GLY B 155 14.26 15.41 8.13
C GLY B 155 13.96 14.94 9.54
N GLN B 156 14.39 15.73 10.52
CA GLN B 156 14.06 15.55 11.92
C GLN B 156 13.67 16.90 12.50
N ILE B 157 12.56 16.94 13.22
CA ILE B 157 12.18 18.12 13.98
C ILE B 157 13.15 18.33 15.14
N VAL B 158 13.80 19.49 15.17
CA VAL B 158 14.78 19.78 16.21
C VAL B 158 14.35 20.95 17.08
N GLY B 159 13.23 21.59 16.74
CA GLY B 159 12.76 22.74 17.49
C GLY B 159 11.30 23.05 17.22
N LEU B 160 10.64 23.68 18.17
CA LEU B 160 9.24 24.06 17.99
C LEU B 160 8.78 25.12 18.97
N ASP B 161 8.18 26.18 18.43
CA ASP B 161 7.58 27.23 19.24
C ASP B 161 6.08 27.32 18.96
N LEU B 162 5.28 26.73 19.86
CA LEU B 162 3.84 26.66 19.65
C LEU B 162 3.13 28.02 19.63
N THR B 163 3.69 29.02 20.32
CA THR B 163 3.08 30.35 20.28
C THR B 163 3.23 31.02 18.92
N TYR B 164 4.44 31.00 18.38
CA TYR B 164 4.68 31.58 17.06
C TYR B 164 4.37 30.59 15.96
N MET B 165 4.03 29.36 16.35
CA MET B 165 3.71 28.27 15.42
C MET B 165 4.83 28.08 14.42
N GLN B 166 6.05 27.93 14.94
CA GLN B 166 7.23 27.77 14.11
C GLN B 166 7.92 26.45 14.45
N MET B 167 8.17 25.63 13.42
CA MET B 167 8.80 24.34 13.61
C MET B 167 10.14 24.31 12.91
N VAL B 168 11.21 24.07 13.66
CA VAL B 168 12.54 23.94 13.09
C VAL B 168 12.79 22.49 12.67
N ILE B 169 13.26 22.32 11.44
CA ILE B 169 13.53 20.98 10.92
C ILE B 169 14.96 20.90 10.36
N LYS B 170 15.65 19.82 10.71
CA LYS B 170 16.99 19.59 10.19
C LYS B 170 16.88 18.62 9.02
N ILE B 171 17.29 19.07 7.83
CA ILE B 171 17.23 18.23 6.64
C ILE B 171 18.61 17.67 6.35
N GLU B 172 18.68 16.35 6.12
CA GLU B 172 19.97 15.71 5.86
C GLU B 172 20.04 15.05 4.49
N LEU B 173 20.97 15.55 3.68
CA LEU B 173 21.32 14.89 2.43
C LEU B 173 22.56 14.01 2.66
N PRO B 174 22.40 12.70 2.52
CA PRO B 174 23.56 11.82 2.75
C PRO B 174 24.68 12.05 1.74
N THR B 175 25.89 11.65 2.10
CA THR B 175 27.00 11.66 1.16
C THR B 175 27.39 10.21 0.90
N LEU B 176 27.27 9.79 -0.35
CA LEU B 176 27.23 8.36 -0.68
C LEU B 176 28.54 7.77 -1.18
N THR B 177 28.98 6.70 -0.53
CA THR B 177 30.20 6.00 -0.93
C THR B 177 29.87 4.62 -1.49
N VAL B 178 30.46 4.25 -2.63
CA VAL B 178 30.26 2.92 -3.19
C VAL B 178 30.89 1.87 -2.28
N GLN B 179 30.12 0.87 -1.90
CA GLN B 179 30.63 -0.23 -1.11
C GLN B 179 31.33 -1.23 -2.01
N PRO B 180 32.61 -1.52 -1.70
CA PRO B 180 33.50 -2.30 -2.57
C PRO B 180 33.12 -3.78 -2.73
N ALA B 181 33.36 -4.30 -3.93
CA ALA B 181 33.13 -5.72 -4.26
C ALA B 181 31.71 -6.19 -3.94
N THR B 182 30.73 -5.29 -4.06
CA THR B 182 29.35 -5.63 -3.77
C THR B 182 28.43 -5.29 -4.94
N GLN B 183 27.58 -6.23 -5.32
CA GLN B 183 26.56 -5.94 -6.33
C GLN B 183 25.16 -6.27 -5.84
N ILE B 184 24.19 -5.47 -6.26
CA ILE B 184 22.78 -5.79 -6.07
C ILE B 184 22.24 -6.22 -7.41
N ILE B 185 21.69 -7.44 -7.47
CA ILE B 185 21.23 -8.03 -8.72
C ILE B 185 19.75 -8.35 -8.70
N ASP B 186 19.04 -7.89 -9.72
CA ASP B 186 17.61 -8.17 -9.84
C ASP B 186 17.42 -9.44 -10.67
N LEU B 187 16.56 -10.34 -10.20
CA LEU B 187 16.28 -11.58 -10.91
C LEU B 187 14.82 -11.69 -11.28
N ALA B 188 14.57 -12.08 -12.52
CA ALA B 188 13.22 -12.31 -13.00
C ALA B 188 13.16 -13.74 -13.51
N THR B 189 11.97 -14.28 -13.66
CA THR B 189 11.85 -15.63 -14.16
C THR B 189 10.91 -15.61 -15.35
N ILE B 190 11.27 -16.36 -16.39
CA ILE B 190 10.31 -16.69 -17.41
C ILE B 190 9.97 -18.12 -17.07
N SER B 191 8.88 -18.63 -17.62
CA SER B 191 8.50 -20.01 -17.34
C SER B 191 9.45 -20.97 -18.06
N ALA B 192 9.63 -22.15 -17.49
CA ALA B 192 10.46 -23.19 -18.06
C ALA B 192 9.56 -24.39 -18.19
N PHE B 193 9.86 -25.30 -19.09
CA PHE B 193 9.06 -26.51 -19.19
C PHE B 193 9.86 -27.67 -18.63
N ILE B 194 9.43 -28.23 -17.51
CA ILE B 194 10.24 -29.23 -16.79
C ILE B 194 9.38 -30.40 -16.35
N ASN B 195 9.80 -31.61 -16.70
CA ASN B 195 9.06 -32.81 -16.33
C ASN B 195 7.57 -32.70 -16.64
N ASN B 196 7.30 -32.25 -17.87
CA ASN B 196 5.96 -32.05 -18.41
C ASN B 196 5.06 -31.00 -17.74
N GLN B 197 5.67 -30.02 -17.08
CA GLN B 197 4.91 -28.92 -16.48
C GLN B 197 5.53 -27.59 -16.85
N GLU B 198 4.69 -26.59 -17.10
CA GLU B 198 5.18 -25.23 -17.21
C GLU B 198 5.33 -24.68 -15.78
N VAL B 199 6.57 -24.36 -15.41
CA VAL B 199 6.93 -24.00 -14.04
C VAL B 199 7.76 -22.73 -14.03
N MET B 200 8.00 -22.19 -12.82
CA MET B 200 8.96 -21.12 -12.62
C MET B 200 9.77 -21.42 -11.37
N ALA B 201 11.05 -21.10 -11.44
CA ALA B 201 11.97 -21.22 -10.32
C ALA B 201 11.56 -20.30 -9.19
N GLN B 202 11.67 -20.79 -7.97
CA GLN B 202 11.30 -19.99 -6.81
C GLN B 202 12.57 -19.46 -6.16
N LEU B 203 12.80 -18.16 -6.30
CA LEU B 203 14.03 -17.51 -5.88
C LEU B 203 13.71 -16.11 -5.43
N PRO B 204 14.55 -15.52 -4.57
CA PRO B 204 14.42 -14.10 -4.24
C PRO B 204 14.55 -13.24 -5.50
N THR B 205 13.81 -12.14 -5.62
CA THR B 205 13.90 -11.31 -6.83
C THR B 205 15.01 -10.27 -6.82
N ARG B 206 15.63 -10.06 -5.67
CA ARG B 206 16.75 -9.13 -5.63
C ARG B 206 17.74 -9.61 -4.61
N VAL B 207 18.99 -9.77 -5.01
CA VAL B 207 20.00 -10.29 -4.09
C VAL B 207 21.21 -9.38 -4.00
N MET B 208 21.95 -9.55 -2.90
CA MET B 208 23.20 -8.86 -2.71
C MET B 208 24.30 -9.91 -2.75
N VAL B 209 25.31 -9.64 -3.56
CA VAL B 209 26.45 -10.53 -3.74
C VAL B 209 27.75 -9.82 -3.33
N THR B 210 28.49 -10.43 -2.40
CA THR B 210 29.85 -10.00 -2.05
C THR B 210 30.68 -11.26 -1.90
N GLY B 211 31.63 -11.46 -2.80
CA GLY B 211 32.46 -12.65 -2.74
C GLY B 211 31.62 -13.90 -2.88
N SER B 212 31.72 -14.80 -1.92
CA SER B 212 30.97 -16.05 -1.98
C SER B 212 29.66 -15.95 -1.19
N LEU B 213 29.45 -14.79 -0.57
CA LEU B 213 28.26 -14.54 0.21
C LEU B 213 27.12 -13.99 -0.67
N ILE B 214 25.92 -14.54 -0.48
CA ILE B 214 24.73 -14.06 -1.19
C ILE B 214 23.61 -13.95 -0.19
N GLN B 215 22.90 -12.82 -0.22
CA GLN B 215 21.77 -12.59 0.66
C GLN B 215 20.60 -11.98 -0.09
N ALA B 216 19.40 -12.19 0.41
CA ALA B 216 18.24 -11.57 -0.19
C ALA B 216 18.29 -10.11 0.20
N TYR B 217 17.87 -9.22 -0.68
CA TYR B 217 18.08 -7.80 -0.44
C TYR B 217 16.99 -7.00 -1.13
N PRO B 218 15.78 -7.04 -0.58
CA PRO B 218 14.74 -6.20 -1.19
C PRO B 218 15.12 -4.76 -0.89
N ALA B 219 15.36 -3.94 -1.88
CA ALA B 219 15.69 -2.57 -1.52
C ALA B 219 14.37 -1.80 -1.45
N SER B 220 13.58 -2.15 -0.43
CA SER B 220 12.21 -1.67 -0.28
C SER B 220 12.13 -0.19 0.06
N GLN B 221 12.83 0.21 1.11
CA GLN B 221 12.80 1.61 1.51
C GLN B 221 14.08 2.30 1.03
N CYS B 222 14.48 1.99 -0.20
CA CYS B 222 15.76 2.46 -0.70
C CYS B 222 15.60 3.32 -1.95
N THR B 223 16.64 4.08 -2.27
CA THR B 223 16.68 4.90 -3.48
C THR B 223 17.43 4.19 -4.60
N ILE B 224 16.73 3.93 -5.69
CA ILE B 224 17.27 3.07 -6.73
C ILE B 224 17.44 3.81 -8.04
N THR B 225 18.62 3.71 -8.63
CA THR B 225 18.92 4.29 -9.93
C THR B 225 19.32 3.16 -10.89
N PRO B 226 19.46 3.46 -12.19
CA PRO B 226 19.87 2.40 -13.11
C PRO B 226 21.15 1.63 -12.73
N ASN B 227 22.09 2.28 -12.06
CA ASN B 227 23.38 1.64 -11.77
C ASN B 227 23.66 1.44 -10.30
N THR B 228 22.77 1.95 -9.46
CA THR B 228 23.09 2.14 -8.06
C THR B 228 21.89 1.99 -7.13
N VAL B 229 22.13 1.39 -5.97
CA VAL B 229 21.13 1.29 -4.92
C VAL B 229 21.63 2.01 -3.67
N TYR B 230 20.87 2.99 -3.17
CA TYR B 230 21.21 3.59 -1.88
C TYR B 230 20.27 3.16 -0.79
N CYS B 231 20.84 2.63 0.27
CA CYS B 231 20.06 2.27 1.42
C CYS B 231 20.56 3.04 2.63
N ARG B 232 19.62 3.64 3.35
CA ARG B 232 19.94 4.35 4.57
C ARG B 232 20.35 3.27 5.53
N TYR B 233 19.55 2.22 5.56
CA TYR B 233 19.73 1.11 6.47
C TYR B 233 20.13 -0.15 5.72
N ASN B 234 20.04 -1.31 6.38
CA ASN B 234 20.43 -2.57 5.74
C ASN B 234 19.44 -3.68 6.00
N ASP B 235 18.63 -4.00 4.99
CA ASP B 235 17.53 -4.95 5.17
C ASP B 235 17.76 -6.34 4.57
N ALA B 236 19.03 -6.76 4.51
CA ALA B 236 19.38 -8.08 4.00
C ALA B 236 18.70 -9.23 4.76
N GLN B 237 18.55 -10.36 4.09
CA GLN B 237 17.95 -11.52 4.71
C GLN B 237 18.73 -12.78 4.37
N VAL B 238 18.85 -13.68 5.35
CA VAL B 238 19.56 -14.94 5.19
C VAL B 238 18.86 -15.91 4.23
N LEU B 239 19.62 -16.44 3.27
CA LEU B 239 19.11 -17.43 2.33
C LEU B 239 19.49 -18.80 2.83
N SER B 240 18.65 -19.79 2.53
CA SER B 240 18.93 -21.16 2.93
C SER B 240 20.07 -21.74 2.12
N ASP B 241 20.62 -22.87 2.57
CA ASP B 241 21.72 -23.51 1.89
C ASP B 241 21.33 -23.95 0.48
N ASP B 242 20.10 -24.42 0.35
CA ASP B 242 19.56 -24.83 -0.96
C ASP B 242 19.47 -23.66 -1.92
N THR B 243 18.88 -22.56 -1.48
CA THR B 243 18.76 -21.39 -2.32
C THR B 243 20.14 -20.88 -2.71
N MET B 244 21.08 -20.94 -1.77
CA MET B 244 22.46 -20.54 -2.01
C MET B 244 23.11 -21.41 -3.08
N ALA B 245 23.06 -22.73 -2.87
CA ALA B 245 23.55 -23.72 -3.83
C ALA B 245 22.96 -23.50 -5.22
N CYS B 246 21.64 -23.37 -5.27
CA CYS B 246 20.95 -23.13 -6.53
C CYS B 246 21.45 -21.85 -7.24
N LEU B 247 21.66 -20.78 -6.50
CA LEU B 247 22.07 -19.51 -7.09
C LEU B 247 23.52 -19.58 -7.55
N GLN B 248 24.24 -20.57 -7.05
CA GLN B 248 25.62 -20.75 -7.43
C GLN B 248 25.75 -21.79 -8.52
N GLY B 249 24.63 -22.33 -8.97
CA GLY B 249 24.61 -23.17 -10.16
C GLY B 249 24.32 -24.64 -9.95
N ASN B 250 24.16 -25.10 -8.72
CA ASN B 250 23.72 -26.48 -8.52
C ASN B 250 22.22 -26.53 -8.74
N LEU B 251 21.81 -26.72 -10.00
CA LEU B 251 20.42 -26.57 -10.38
C LEU B 251 19.53 -27.68 -9.88
N THR B 252 20.10 -28.75 -9.36
CA THR B 252 19.28 -29.80 -8.78
C THR B 252 18.84 -29.45 -7.36
N ARG B 253 19.28 -28.28 -6.89
CA ARG B 253 18.85 -27.75 -5.60
C ARG B 253 17.83 -26.62 -5.74
N CYS B 254 17.39 -26.34 -6.98
CA CYS B 254 16.35 -25.33 -7.21
C CYS B 254 14.96 -25.86 -6.91
N THR B 255 14.01 -24.93 -6.84
CA THR B 255 12.62 -25.24 -6.56
C THR B 255 11.82 -24.53 -7.61
N PHE B 256 10.92 -25.27 -8.24
CA PHE B 256 10.05 -24.77 -9.28
C PHE B 256 8.61 -24.91 -8.83
N SER B 257 7.76 -24.01 -9.28
CA SER B 257 6.34 -24.13 -9.00
C SER B 257 5.60 -24.03 -10.30
N PRO B 258 4.59 -24.89 -10.50
CA PRO B 258 3.73 -24.85 -11.69
C PRO B 258 3.10 -23.49 -11.78
N VAL B 259 2.94 -22.93 -12.97
CA VAL B 259 2.31 -21.62 -13.13
C VAL B 259 1.33 -21.68 -14.28
N VAL B 260 0.37 -20.76 -14.28
CA VAL B 260 -0.42 -20.53 -15.48
C VAL B 260 0.45 -19.64 -16.38
N GLY B 261 0.94 -20.20 -17.48
CA GLY B 261 1.84 -19.46 -18.32
C GLY B 261 1.12 -18.41 -19.11
N SER B 262 1.85 -17.39 -19.55
CA SER B 262 1.31 -16.48 -20.55
C SER B 262 2.42 -16.01 -21.47
N PHE B 263 2.04 -15.48 -22.62
CA PHE B 263 2.98 -14.96 -23.61
C PHE B 263 4.03 -14.05 -22.95
N LEU B 264 3.58 -13.07 -22.20
CA LEU B 264 4.49 -12.07 -21.64
C LEU B 264 5.45 -12.57 -20.53
N THR B 265 5.29 -13.83 -20.11
CA THR B 265 6.21 -14.43 -19.14
C THR B 265 6.87 -15.68 -19.67
N ARG B 266 6.85 -15.85 -21.00
CA ARG B 266 7.46 -17.01 -21.63
C ARG B 266 8.77 -16.70 -22.36
N PHE B 267 9.15 -15.42 -22.44
CA PHE B 267 10.42 -15.04 -23.06
C PHE B 267 10.96 -13.68 -22.59
N VAL B 268 12.28 -13.52 -22.67
CA VAL B 268 12.89 -12.18 -22.57
C VAL B 268 13.84 -11.92 -23.71
N LEU B 269 14.21 -10.65 -23.82
CA LEU B 269 15.33 -10.28 -24.65
C LEU B 269 16.50 -9.92 -23.78
N PHE B 270 17.65 -10.50 -24.08
CA PHE B 270 18.83 -10.36 -23.27
C PHE B 270 19.94 -9.93 -24.21
N ASP B 271 20.06 -8.62 -24.42
CA ASP B 271 21.06 -8.05 -25.33
C ASP B 271 20.94 -8.58 -26.75
N GLY B 272 19.71 -8.71 -27.25
CA GLY B 272 19.46 -9.21 -28.59
C GLY B 272 19.20 -10.70 -28.68
N ILE B 273 19.56 -11.45 -27.64
CA ILE B 273 19.34 -12.89 -27.62
C ILE B 273 17.99 -13.18 -26.98
N VAL B 274 17.26 -14.13 -27.54
CA VAL B 274 15.98 -14.52 -26.95
C VAL B 274 16.13 -15.75 -26.05
N TYR B 275 15.71 -15.61 -24.80
CA TYR B 275 15.55 -16.76 -23.95
C TYR B 275 14.05 -16.97 -23.86
N ALA B 276 13.59 -18.12 -24.33
CA ALA B 276 12.16 -18.38 -24.49
C ALA B 276 11.82 -19.81 -24.12
N ASN B 277 10.62 -19.99 -23.55
CA ASN B 277 10.08 -21.32 -23.33
C ASN B 277 9.34 -21.67 -24.60
N CYS B 278 10.01 -22.40 -25.49
CA CYS B 278 9.54 -22.70 -26.85
C CYS B 278 8.70 -23.97 -26.91
N ARG B 279 8.44 -24.55 -25.75
CA ARG B 279 7.46 -25.59 -25.67
C ARG B 279 6.08 -24.98 -25.41
N SER B 280 5.97 -24.17 -24.37
CA SER B 280 4.69 -23.59 -24.01
C SER B 280 4.28 -22.48 -24.98
N MET B 281 5.26 -21.97 -25.71
CA MET B 281 5.01 -20.92 -26.68
C MET B 281 5.50 -21.35 -28.06
N LEU B 282 4.77 -20.95 -29.10
CA LEU B 282 5.18 -21.22 -30.48
C LEU B 282 6.32 -20.32 -30.92
N CYS B 283 7.52 -20.90 -31.05
CA CYS B 283 8.68 -20.14 -31.54
C CYS B 283 8.85 -20.34 -33.04
N LYS B 284 8.33 -19.40 -33.81
CA LYS B 284 8.36 -19.49 -35.27
C LYS B 284 9.52 -18.69 -35.87
N CYS B 285 10.45 -19.40 -36.48
CA CYS B 285 11.55 -18.76 -37.19
C CYS B 285 11.16 -18.51 -38.65
N MET B 286 11.51 -17.33 -39.15
CA MET B 286 11.15 -16.95 -40.51
C MET B 286 12.30 -17.24 -41.49
N GLN B 287 13.51 -17.30 -40.96
CA GLN B 287 14.69 -17.57 -41.77
C GLN B 287 15.80 -18.09 -40.87
N PRO B 288 16.08 -19.40 -40.92
CA PRO B 288 15.47 -20.40 -41.82
C PRO B 288 14.05 -20.72 -41.37
N ALA B 289 13.14 -20.90 -42.32
CA ALA B 289 11.73 -21.08 -41.99
C ALA B 289 11.53 -22.36 -41.21
N ALA B 290 11.12 -22.23 -39.95
CA ALA B 290 11.00 -23.38 -39.05
C ALA B 290 10.23 -23.02 -37.79
N VAL B 291 9.56 -24.00 -37.21
CA VAL B 291 9.09 -23.89 -35.84
C VAL B 291 10.20 -24.48 -34.98
N ILE B 292 10.80 -23.66 -34.13
CA ILE B 292 11.81 -24.16 -33.20
C ILE B 292 11.11 -24.95 -32.12
N LEU B 293 11.47 -26.22 -31.98
CA LEU B 293 10.91 -27.04 -30.92
C LEU B 293 11.90 -27.14 -29.78
N GLN B 294 11.40 -27.48 -28.61
CA GLN B 294 12.22 -27.57 -27.43
C GLN B 294 12.21 -28.98 -26.85
N PRO B 295 13.36 -29.64 -26.84
CA PRO B 295 13.30 -31.00 -26.31
C PRO B 295 13.11 -31.00 -24.80
N SER B 296 12.64 -32.12 -24.25
CA SER B 296 12.38 -32.24 -22.82
C SER B 296 13.56 -31.86 -21.93
N SER B 297 14.76 -32.21 -22.37
CA SER B 297 15.94 -31.96 -21.56
C SER B 297 16.37 -30.49 -21.61
N SER B 298 15.64 -29.68 -22.37
CA SER B 298 15.92 -28.23 -22.43
C SER B 298 14.76 -27.51 -21.75
N PRO B 299 14.95 -27.03 -20.50
CA PRO B 299 13.85 -26.32 -19.83
C PRO B 299 13.46 -25.05 -20.56
N VAL B 300 14.44 -24.30 -21.08
CA VAL B 300 14.13 -23.15 -21.93
C VAL B 300 15.02 -23.22 -23.17
N THR B 301 14.80 -22.30 -24.10
CA THR B 301 15.52 -22.30 -25.37
C THR B 301 16.28 -21.01 -25.53
N VAL B 302 17.53 -21.11 -25.96
CA VAL B 302 18.31 -19.93 -26.27
C VAL B 302 18.30 -19.74 -27.78
N ILE B 303 17.79 -18.60 -28.23
CA ILE B 303 17.76 -18.34 -29.66
C ILE B 303 18.67 -17.18 -30.02
N ASP B 304 19.83 -17.50 -30.58
CA ASP B 304 20.74 -16.48 -31.09
C ASP B 304 20.87 -16.61 -32.59
N MET B 305 21.77 -15.82 -33.19
CA MET B 305 21.91 -15.74 -34.65
C MET B 305 22.19 -17.08 -35.33
N TYR B 306 22.77 -18.04 -34.61
CA TYR B 306 23.07 -19.34 -35.21
C TYR B 306 21.83 -20.19 -35.32
N LYS B 307 20.82 -19.88 -34.51
CA LYS B 307 19.56 -20.61 -34.56
C LYS B 307 18.54 -20.01 -35.50
N CYS B 308 18.51 -18.68 -35.54
CA CYS B 308 17.46 -18.02 -36.28
C CYS B 308 17.92 -16.59 -36.47
N VAL B 309 17.84 -16.06 -37.67
CA VAL B 309 18.23 -14.66 -37.85
C VAL B 309 17.00 -13.77 -37.84
N SER B 310 15.84 -14.38 -38.01
CA SER B 310 14.60 -13.61 -38.02
C SER B 310 13.48 -14.38 -37.35
N LEU B 311 12.98 -13.82 -36.25
CA LEU B 311 12.04 -14.52 -35.40
C LEU B 311 10.68 -13.84 -35.35
N GLN B 312 9.64 -14.65 -35.28
CA GLN B 312 8.28 -14.17 -35.02
C GLN B 312 7.73 -14.80 -33.75
N LEU B 313 7.42 -13.96 -32.77
CA LEU B 313 6.77 -14.43 -31.55
C LEU B 313 5.36 -13.85 -31.52
N ASP B 314 4.38 -14.67 -31.88
CA ASP B 314 3.03 -14.20 -32.17
C ASP B 314 3.05 -13.00 -33.12
N ASN B 315 2.84 -11.80 -32.57
CA ASN B 315 2.78 -10.60 -33.40
C ASN B 315 4.09 -9.82 -33.43
N LEU B 316 5.07 -10.25 -32.65
CA LEU B 316 6.39 -9.61 -32.65
C LEU B 316 7.27 -10.24 -33.72
N ARG B 317 7.86 -9.39 -34.56
CA ARG B 317 8.76 -9.86 -35.62
C ARG B 317 10.04 -9.03 -35.57
N PHE B 318 11.17 -9.71 -35.45
CA PHE B 318 12.42 -9.00 -35.25
C PHE B 318 13.58 -9.89 -35.65
N THR B 319 14.72 -9.25 -35.93
CA THR B 319 15.90 -9.99 -36.32
C THR B 319 16.81 -10.24 -35.12
N ILE B 320 17.72 -11.19 -35.29
CA ILE B 320 18.67 -11.54 -34.25
C ILE B 320 20.05 -11.60 -34.86
N THR B 321 20.88 -10.63 -34.48
CA THR B 321 22.21 -10.49 -35.05
C THR B 321 23.30 -10.85 -34.05
N GLN B 322 22.90 -11.13 -32.81
CA GLN B 322 23.86 -11.45 -31.76
C GLN B 322 24.03 -12.93 -31.46
N LEU B 323 25.04 -13.24 -30.66
CA LEU B 323 25.46 -14.60 -30.39
C LEU B 323 25.51 -14.86 -28.89
N ALA B 324 25.10 -16.05 -28.47
CA ALA B 324 25.12 -16.41 -27.05
C ALA B 324 26.45 -17.04 -26.62
N ASN B 325 26.79 -16.88 -25.35
CA ASN B 325 27.91 -17.61 -24.77
C ASN B 325 27.47 -19.03 -24.42
N VAL B 326 28.20 -20.02 -24.94
CA VAL B 326 27.67 -21.38 -25.05
C VAL B 326 28.13 -22.35 -23.95
N THR B 327 28.24 -21.85 -22.73
CA THR B 327 28.51 -22.74 -21.61
C THR B 327 27.26 -23.60 -21.32
N TYR B 328 27.39 -24.91 -21.56
CA TYR B 328 26.28 -25.83 -21.30
C TYR B 328 25.94 -25.95 -19.80
N ASN B 329 26.89 -26.29 -18.92
CA ASN B 329 28.23 -26.79 -19.27
C ASN B 329 28.18 -28.30 -19.13
N SER B 330 27.04 -28.78 -18.65
CA SER B 330 26.81 -30.20 -18.43
C SER B 330 25.35 -30.56 -18.72
N THR B 331 24.92 -31.69 -18.18
CA THR B 331 23.54 -32.14 -18.32
C THR B 331 22.62 -31.44 -17.33
N ILE B 332 21.49 -30.92 -17.83
CA ILE B 332 20.49 -30.29 -16.96
C ILE B 332 19.44 -31.31 -16.55
N LYS B 333 19.80 -32.17 -15.61
CA LYS B 333 18.85 -33.19 -15.13
C LYS B 333 18.20 -32.79 -13.80
N LEU B 334 16.91 -32.46 -13.90
CA LEU B 334 16.13 -31.98 -12.76
C LEU B 334 15.13 -33.05 -12.34
N GLU B 335 14.98 -33.26 -11.04
CA GLU B 335 14.05 -34.26 -10.53
C GLU B 335 12.66 -33.65 -10.44
N SER B 336 11.65 -34.47 -10.16
CA SER B 336 10.29 -33.98 -10.05
C SER B 336 9.98 -33.50 -8.64
N SER B 337 10.84 -33.89 -7.71
CA SER B 337 10.69 -33.48 -6.33
C SER B 337 11.05 -32.01 -6.15
N GLN B 338 11.64 -31.42 -7.17
CA GLN B 338 11.97 -30.00 -7.16
C GLN B 338 10.78 -29.16 -7.58
N ILE B 339 9.73 -29.82 -8.05
CA ILE B 339 8.53 -29.11 -8.47
C ILE B 339 7.50 -29.17 -7.35
N LEU B 340 7.19 -28.01 -6.78
CA LEU B 340 6.23 -27.95 -5.66
C LEU B 340 5.69 -26.54 -5.45
N SER B 341 4.73 -26.41 -4.55
CA SER B 341 4.16 -25.11 -4.19
C SER B 341 4.72 -24.61 -2.86
N ILE B 342 5.01 -23.31 -2.82
CA ILE B 342 5.46 -22.68 -1.58
C ILE B 342 4.33 -21.83 -0.97
N ASP B 343 3.13 -21.95 -1.53
CA ASP B 343 1.93 -21.32 -0.96
C ASP B 343 1.58 -21.98 0.37
N PRO B 344 1.39 -21.18 1.44
CA PRO B 344 1.20 -21.78 2.76
C PRO B 344 0.09 -22.82 2.88
N LEU B 345 -1.07 -22.60 2.26
CA LEU B 345 -2.13 -23.60 2.26
C LEU B 345 -1.61 -24.91 1.65
N ASP B 346 -0.98 -24.80 0.49
CA ASP B 346 -0.39 -25.99 -0.14
C ASP B 346 0.66 -26.71 0.73
N ILE B 347 1.60 -25.99 1.33
CA ILE B 347 2.58 -26.58 2.25
C ILE B 347 1.89 -27.33 3.38
N SER B 348 0.84 -26.68 3.94
CA SER B 348 0.02 -27.26 4.99
C SER B 348 -0.58 -28.61 4.59
N GLN B 349 -1.14 -28.63 3.39
CA GLN B 349 -1.70 -29.85 2.83
C GLN B 349 -0.63 -30.94 2.69
N ASN B 350 0.51 -30.54 2.10
CA ASN B 350 1.66 -31.44 1.97
C ASN B 350 2.15 -31.99 3.30
N LEU B 351 2.31 -31.11 4.28
CA LEU B 351 2.77 -31.54 5.59
C LEU B 351 1.80 -32.52 6.22
N ALA B 352 0.50 -32.32 5.99
CA ALA B 352 -0.50 -33.15 6.62
C ALA B 352 -0.44 -34.56 6.03
N ALA B 353 -0.18 -34.64 4.73
CA ALA B 353 -0.04 -35.94 4.08
C ALA B 353 1.26 -36.64 4.50
N VAL B 354 2.32 -35.87 4.67
CA VAL B 354 3.59 -36.41 5.14
C VAL B 354 3.43 -36.94 6.56
N ASN B 355 2.66 -36.23 7.38
CA ASN B 355 2.38 -36.64 8.75
C ASN B 355 1.45 -37.85 8.80
N LYS B 356 0.55 -37.94 7.84
CA LYS B 356 -0.35 -39.08 7.72
C LYS B 356 0.46 -40.33 7.39
N SER B 357 1.41 -40.16 6.48
CA SER B 357 2.30 -41.23 6.08
C SER B 357 3.22 -41.68 7.22
N LEU B 358 3.74 -40.71 7.97
CA LEU B 358 4.60 -41.00 9.12
C LEU B 358 3.87 -41.84 10.16
N SER B 359 2.58 -41.55 10.37
CA SER B 359 1.79 -42.31 11.33
C SER B 359 1.63 -43.76 10.88
N ASP B 360 1.54 -43.97 9.58
CA ASP B 360 1.48 -45.32 9.03
C ASP B 360 2.79 -46.06 9.26
N ALA B 361 3.90 -45.35 9.05
CA ALA B 361 5.22 -45.91 9.28
C ALA B 361 5.39 -46.28 10.75
N LEU B 362 4.86 -45.41 11.62
CA LEU B 362 5.01 -45.58 13.06
C LEU B 362 4.27 -46.81 13.57
N GLN B 363 3.07 -47.02 13.05
CA GLN B 363 2.25 -48.16 13.44
C GLN B 363 2.86 -49.46 12.92
N HIS B 364 3.29 -49.45 11.66
CA HIS B 364 3.96 -50.58 11.06
C HIS B 364 5.27 -50.85 11.80
N LEU B 365 5.85 -49.82 12.40
CA LEU B 365 7.05 -49.97 13.20
C LEU B 365 6.75 -50.66 14.54
N ALA B 366 5.55 -50.42 15.06
CA ALA B 366 5.12 -51.04 16.31
C ALA B 366 4.65 -52.46 16.03
N GLN B 367 4.22 -52.70 14.80
CA GLN B 367 3.78 -54.01 14.35
C GLN B 367 4.97 -54.94 14.12
N SER B 368 6.00 -54.44 13.44
CA SER B 368 7.25 -55.20 13.28
C SER B 368 7.94 -55.38 14.63
N ASP B 369 7.65 -54.47 15.55
CA ASP B 369 8.17 -54.53 16.91
C ASP B 369 7.67 -55.80 17.59
N THR B 370 6.50 -56.27 17.14
CA THR B 370 5.84 -57.42 17.74
C THR B 370 6.26 -58.75 17.13
N TYR B 371 6.30 -58.80 15.80
CA TYR B 371 6.69 -60.02 15.09
C TYR B 371 8.13 -60.40 15.45
N LEU B 372 8.96 -59.37 15.61
CA LEU B 372 10.34 -59.55 16.00
C LEU B 372 10.45 -60.02 17.45
N SER B 373 9.66 -59.40 18.32
CA SER B 373 9.65 -59.75 19.74
C SER B 373 9.05 -61.14 19.97
N ALA B 374 8.21 -61.56 19.04
CA ALA B 374 7.61 -62.89 19.09
C ALA B 374 8.53 -63.94 18.48
N ILE B 375 9.83 -63.83 18.78
CA ILE B 375 10.84 -64.74 18.24
C ILE B 375 11.99 -64.92 19.24
N LEU C 1 -17.19 -26.19 -10.00
CA LEU C 1 -17.40 -25.57 -8.69
C LEU C 1 -18.77 -25.90 -8.11
N ASP C 2 -18.80 -26.34 -6.85
CA ASP C 2 -20.01 -26.84 -6.21
C ASP C 2 -20.48 -25.93 -5.07
N PRO C 3 -21.21 -24.85 -5.40
CA PRO C 3 -21.60 -23.87 -4.38
C PRO C 3 -22.50 -24.47 -3.29
N ALA C 4 -23.34 -25.42 -3.65
CA ALA C 4 -24.24 -26.00 -2.66
C ALA C 4 -23.47 -26.66 -1.52
N ALA C 5 -22.37 -27.33 -1.84
CA ALA C 5 -21.59 -28.02 -0.83
C ALA C 5 -20.74 -27.03 -0.05
N LEU C 6 -20.15 -26.07 -0.77
CA LEU C 6 -19.32 -25.04 -0.16
C LEU C 6 -20.05 -24.23 0.89
N MET C 7 -21.35 -24.06 0.72
CA MET C 7 -22.11 -23.20 1.63
C MET C 7 -22.38 -23.93 2.92
N GLN C 8 -22.32 -25.25 2.87
CA GLN C 8 -22.53 -26.06 4.08
C GLN C 8 -21.36 -25.98 5.06
N ILE C 9 -20.21 -25.46 4.62
CA ILE C 9 -19.07 -25.26 5.52
C ILE C 9 -18.73 -23.80 5.60
N GLY C 10 -19.66 -22.94 5.19
CA GLY C 10 -19.50 -21.52 5.42
C GLY C 10 -18.83 -20.79 4.27
N VAL C 11 -18.71 -21.44 3.11
CA VAL C 11 -18.08 -20.77 1.97
C VAL C 11 -19.16 -20.21 1.06
N ILE C 12 -19.22 -18.89 1.00
CA ILE C 12 -20.33 -18.22 0.32
C ILE C 12 -19.84 -17.52 -0.93
N PRO C 13 -20.38 -17.91 -2.09
CA PRO C 13 -20.03 -17.16 -3.30
C PRO C 13 -20.77 -15.82 -3.33
N THR C 14 -20.06 -14.72 -3.19
CA THR C 14 -20.74 -13.44 -3.05
C THR C 14 -20.98 -12.77 -4.40
N ASN C 15 -20.11 -13.05 -5.38
CA ASN C 15 -20.27 -12.52 -6.72
C ASN C 15 -19.92 -13.56 -7.75
N VAL C 16 -20.57 -13.48 -8.90
CA VAL C 16 -20.26 -14.32 -10.06
C VAL C 16 -20.19 -13.36 -11.23
N ARG C 17 -19.02 -13.22 -11.84
CA ARG C 17 -18.81 -12.22 -12.90
C ARG C 17 -18.28 -12.82 -14.19
N GLN C 18 -18.44 -12.06 -15.27
CA GLN C 18 -17.88 -12.46 -16.55
C GLN C 18 -16.45 -11.93 -16.66
N LEU C 19 -15.62 -12.67 -17.39
CA LEU C 19 -14.24 -12.29 -17.62
C LEU C 19 -14.11 -11.70 -18.99
N MET C 20 -13.55 -10.50 -19.07
CA MET C 20 -13.37 -9.84 -20.36
C MET C 20 -11.91 -9.92 -20.70
N TYR C 21 -11.59 -9.83 -21.98
CA TYR C 21 -10.21 -9.75 -22.39
C TYR C 21 -10.08 -8.75 -23.52
N TYR C 22 -8.87 -8.24 -23.69
CA TYR C 22 -8.60 -7.20 -24.68
C TYR C 22 -8.32 -7.78 -26.07
N THR C 23 -8.82 -7.12 -27.10
CA THR C 23 -8.66 -7.61 -28.46
C THR C 23 -8.19 -6.51 -29.42
N GLU C 24 -8.80 -5.33 -29.30
CA GLU C 24 -8.44 -4.18 -30.13
C GLU C 24 -8.46 -2.91 -29.29
N ALA C 25 -7.50 -2.02 -29.52
CA ALA C 25 -7.39 -0.82 -28.70
C ALA C 25 -7.61 0.46 -29.50
N SER C 26 -8.67 1.19 -29.16
CA SER C 26 -8.88 2.53 -29.70
C SER C 26 -7.79 3.44 -29.15
N SER C 27 -7.25 4.30 -29.99
CA SER C 27 -6.08 5.07 -29.62
C SER C 27 -6.37 6.56 -29.64
N ALA C 28 -5.49 7.35 -29.01
CA ALA C 28 -5.62 8.80 -29.02
C ALA C 28 -4.30 9.46 -28.62
N PHE C 29 -3.89 10.48 -29.36
CA PHE C 29 -2.65 11.17 -29.04
C PHE C 29 -2.91 12.47 -28.30
N ILE C 30 -2.03 12.74 -27.33
CA ILE C 30 -2.08 13.89 -26.45
C ILE C 30 -0.71 14.55 -26.43
N VAL C 31 -0.67 15.88 -26.52
CA VAL C 31 0.57 16.60 -26.25
C VAL C 31 0.40 17.26 -24.89
N VAL C 32 1.32 16.97 -23.97
CA VAL C 32 1.32 17.70 -22.71
C VAL C 32 2.31 18.85 -22.81
N LYS C 33 1.82 20.08 -22.79
CA LYS C 33 2.70 21.23 -22.66
C LYS C 33 3.08 21.33 -21.20
N LEU C 34 4.34 21.07 -20.89
CA LEU C 34 4.79 21.19 -19.51
C LEU C 34 5.00 22.66 -19.16
N MET C 35 5.42 23.46 -20.13
CA MET C 35 5.59 24.89 -19.90
C MET C 35 4.33 25.66 -20.28
N PRO C 36 3.82 26.48 -19.35
CA PRO C 36 2.63 27.29 -19.68
C PRO C 36 2.95 28.63 -20.40
N THR C 37 2.08 29.00 -21.33
CA THR C 37 2.21 30.25 -22.09
C THR C 37 1.89 31.49 -21.25
N ILE C 38 2.74 32.50 -21.30
CA ILE C 38 2.46 33.78 -20.67
C ILE C 38 2.32 34.89 -21.72
N ASP C 39 1.08 35.25 -22.04
CA ASP C 39 0.85 36.22 -23.11
C ASP C 39 0.98 37.69 -22.66
N SER C 40 1.00 37.91 -21.35
CA SER C 40 1.22 39.24 -20.81
C SER C 40 2.63 39.72 -21.15
N PRO C 41 2.75 40.96 -21.62
CA PRO C 41 4.06 41.55 -21.95
C PRO C 41 4.87 41.85 -20.70
N ILE C 42 6.13 41.40 -20.69
CA ILE C 42 7.00 41.59 -19.54
C ILE C 42 8.06 42.65 -19.83
N SER C 43 8.23 43.59 -18.90
CA SER C 43 9.17 44.69 -19.07
C SER C 43 9.79 45.08 -17.74
N GLY C 44 11.13 45.16 -17.71
CA GLY C 44 11.85 45.50 -16.49
C GLY C 44 11.64 44.46 -15.40
N CYS C 45 11.52 43.21 -15.82
CA CYS C 45 11.25 42.13 -14.89
C CYS C 45 11.78 40.81 -15.43
N ASN C 46 12.55 40.10 -14.60
CA ASN C 46 12.99 38.76 -14.94
C ASN C 46 12.25 37.71 -14.13
N ILE C 47 11.26 37.08 -14.75
CA ILE C 47 10.50 36.03 -14.08
C ILE C 47 11.37 34.77 -13.91
N THR C 48 12.17 34.79 -12.86
CA THR C 48 13.14 33.73 -12.57
C THR C 48 12.50 32.35 -12.35
N SER C 49 11.18 32.31 -12.26
CA SER C 49 10.45 31.08 -12.00
C SER C 49 10.43 30.18 -13.22
N ILE C 50 10.11 30.79 -14.37
CA ILE C 50 10.02 30.06 -15.64
C ILE C 50 11.30 29.28 -15.87
N SER C 51 12.41 29.94 -15.60
CA SER C 51 13.74 29.43 -15.90
C SER C 51 14.12 28.22 -15.05
N SER C 52 13.90 28.32 -13.74
CA SER C 52 14.29 27.25 -12.84
C SER C 52 13.34 26.05 -12.95
N TYR C 53 12.08 26.31 -13.30
CA TYR C 53 11.13 25.25 -13.56
C TYR C 53 11.57 24.50 -14.81
N ASN C 54 11.86 25.26 -15.87
CA ASN C 54 12.39 24.69 -17.11
C ASN C 54 13.55 23.76 -16.83
N ALA C 55 14.60 24.32 -16.21
CA ALA C 55 15.83 23.60 -15.94
C ALA C 55 15.58 22.33 -15.15
N THR C 56 14.75 22.42 -14.12
CA THR C 56 14.54 21.27 -13.25
C THR C 56 13.73 20.19 -13.94
N VAL C 57 12.69 20.59 -14.67
CA VAL C 57 11.86 19.64 -15.40
C VAL C 57 12.67 18.94 -16.49
N THR C 58 13.43 19.74 -17.25
CA THR C 58 14.33 19.22 -18.27
C THR C 58 15.23 18.10 -17.73
N LYS C 59 15.80 18.32 -16.55
CA LYS C 59 16.66 17.31 -15.94
C LYS C 59 15.86 16.09 -15.51
N LEU C 60 14.61 16.32 -15.09
CA LEU C 60 13.76 15.24 -14.63
C LEU C 60 13.41 14.32 -15.80
N LEU C 61 13.45 14.90 -17.01
CA LEU C 61 13.10 14.15 -18.21
C LEU C 61 14.28 13.77 -19.11
N GLN C 62 15.51 13.96 -18.63
CA GLN C 62 16.70 13.48 -19.34
C GLN C 62 16.62 12.00 -19.69
N PRO C 63 16.43 11.13 -18.68
CA PRO C 63 16.50 9.70 -19.00
C PRO C 63 15.43 9.26 -19.99
N ILE C 64 14.21 9.79 -19.85
CA ILE C 64 13.15 9.47 -20.79
C ILE C 64 13.55 9.92 -22.19
N GLY C 65 13.97 11.18 -22.32
CA GLY C 65 14.42 11.70 -23.59
C GLY C 65 15.51 10.89 -24.26
N GLU C 66 16.52 10.51 -23.48
CA GLU C 66 17.64 9.74 -24.01
C GLU C 66 17.22 8.33 -24.41
N ASN C 67 16.30 7.74 -23.66
CA ASN C 67 15.80 6.42 -23.99
C ASN C 67 14.97 6.49 -25.27
N LEU C 68 14.23 7.58 -25.41
CA LEU C 68 13.42 7.81 -26.60
C LEU C 68 14.29 7.92 -27.85
N GLU C 69 15.38 8.68 -27.77
CA GLU C 69 16.27 8.81 -28.91
C GLU C 69 17.02 7.52 -29.23
N THR C 70 17.64 6.92 -28.23
CA THR C 70 18.27 5.61 -28.39
C THR C 70 17.34 4.66 -29.13
N ILE C 71 16.14 4.46 -28.61
CA ILE C 71 15.22 3.52 -29.24
C ILE C 71 14.81 3.93 -30.66
N ARG C 72 14.49 5.21 -30.86
CA ARG C 72 14.16 5.67 -32.21
C ARG C 72 15.30 5.38 -33.19
N ASN C 73 16.53 5.57 -32.74
CA ASN C 73 17.70 5.44 -33.61
C ASN C 73 18.13 4.01 -33.88
N GLN C 74 18.00 3.15 -32.88
CA GLN C 74 18.52 1.79 -33.00
C GLN C 74 17.48 0.81 -33.48
N LEU C 75 16.22 1.07 -33.15
CA LEU C 75 15.14 0.14 -33.47
C LEU C 75 14.48 0.52 -34.78
N ILE C 76 14.90 -0.12 -35.86
CA ILE C 76 14.44 0.21 -37.20
C ILE C 76 13.53 -0.86 -37.78
N PRO C 77 12.29 -0.48 -38.13
CA PRO C 77 11.36 -1.34 -38.88
C PRO C 77 11.85 -1.63 -40.30
N THR C 78 11.67 -2.86 -40.75
CA THR C 78 11.97 -3.22 -42.13
C THR C 78 11.01 -2.48 -43.04
N ARG C 79 9.72 -2.62 -42.76
CA ARG C 79 8.67 -1.93 -43.51
C ARG C 79 7.44 -1.60 -42.66
N ARG C 80 7.62 -1.65 -41.33
CA ARG C 80 6.62 -1.25 -40.31
C ARG C 80 5.13 -1.54 -40.56
N ARG C 81 4.52 -2.38 -39.74
CA ARG C 81 5.15 -3.05 -38.60
C ARG C 81 4.45 -4.39 -38.41
N PHE D 1 5.75 -11.09 -42.66
CA PHE D 1 6.82 -10.33 -42.01
C PHE D 1 6.30 -9.04 -41.35
N ALA D 2 5.13 -8.59 -41.80
CA ALA D 2 4.54 -7.32 -41.36
C ALA D 2 5.50 -6.14 -41.49
N GLY D 3 6.44 -6.05 -40.55
CA GLY D 3 7.45 -5.00 -40.56
C GLY D 3 8.54 -5.33 -39.55
N VAL D 4 9.41 -6.27 -39.93
CA VAL D 4 10.42 -6.83 -39.04
C VAL D 4 11.34 -5.78 -38.41
N VAL D 5 11.40 -5.76 -37.07
CA VAL D 5 12.19 -4.76 -36.36
C VAL D 5 13.65 -5.18 -36.23
N ILE D 6 14.54 -4.22 -36.54
CA ILE D 6 15.98 -4.41 -36.41
C ILE D 6 16.50 -3.70 -35.16
N GLY D 7 17.49 -4.28 -34.49
CA GLY D 7 18.19 -3.60 -33.41
C GLY D 7 17.65 -3.71 -31.99
N LEU D 8 17.00 -4.82 -31.66
CA LEU D 8 16.46 -5.05 -30.31
C LEU D 8 17.53 -5.14 -29.23
N ALA D 9 18.76 -5.41 -29.63
CA ALA D 9 19.87 -5.51 -28.68
C ALA D 9 20.13 -4.20 -27.97
N ALA D 10 19.63 -3.10 -28.55
CA ALA D 10 19.77 -1.77 -27.96
C ALA D 10 18.86 -1.59 -26.75
N LEU D 11 17.99 -2.57 -26.48
CA LEU D 11 17.13 -2.51 -25.30
C LEU D 11 17.85 -3.05 -24.07
N GLY D 12 18.98 -3.71 -24.28
CA GLY D 12 19.69 -4.35 -23.19
C GLY D 12 18.87 -5.55 -22.78
N VAL D 13 18.63 -5.71 -21.48
CA VAL D 13 17.76 -6.78 -21.02
C VAL D 13 16.35 -6.24 -20.88
N ALA D 14 15.41 -6.84 -21.59
CA ALA D 14 14.03 -6.36 -21.61
C ALA D 14 13.03 -7.50 -21.43
N THR D 15 11.89 -7.18 -20.84
CA THR D 15 10.83 -8.17 -20.69
C THR D 15 9.98 -8.20 -21.96
N ALA D 16 9.17 -9.25 -22.07
CA ALA D 16 8.23 -9.34 -23.18
C ALA D 16 7.40 -8.04 -23.35
N ALA D 17 6.91 -7.49 -22.24
CA ALA D 17 6.07 -6.29 -22.29
C ALA D 17 6.88 -5.11 -22.76
N GLN D 18 8.14 -5.06 -22.32
CA GLN D 18 9.00 -3.95 -22.73
C GLN D 18 9.31 -4.02 -24.22
N VAL D 19 9.62 -5.22 -24.70
CA VAL D 19 9.79 -5.45 -26.14
C VAL D 19 8.53 -5.03 -26.91
N THR D 20 7.37 -5.51 -26.44
CA THR D 20 6.09 -5.18 -27.05
C THR D 20 5.89 -3.69 -27.09
N ALA D 21 6.22 -3.02 -25.99
CA ALA D 21 6.10 -1.57 -25.90
C ALA D 21 7.10 -0.88 -26.83
N ALA D 22 8.29 -1.45 -26.96
CA ALA D 22 9.32 -0.88 -27.82
C ALA D 22 8.88 -0.90 -29.28
N VAL D 23 8.31 -2.03 -29.67
CA VAL D 23 7.77 -2.17 -31.02
C VAL D 23 6.71 -1.09 -31.29
N ALA D 24 5.76 -0.96 -30.35
CA ALA D 24 4.68 0.02 -30.48
C ALA D 24 5.21 1.45 -30.60
N LEU D 25 6.28 1.74 -29.86
CA LEU D 25 6.87 3.06 -29.85
C LEU D 25 7.41 3.43 -31.23
N VAL D 26 8.19 2.54 -31.84
CA VAL D 26 8.71 2.80 -33.19
C VAL D 26 7.60 2.72 -34.24
N LYS D 27 6.53 1.97 -33.93
CA LYS D 27 5.38 1.90 -34.82
C LYS D 27 4.64 3.24 -34.79
N ALA D 28 4.91 4.04 -33.76
CA ALA D 28 4.26 5.33 -33.62
C ALA D 28 5.09 6.53 -34.13
N ASN D 29 6.20 6.28 -34.82
CA ASN D 29 7.10 7.35 -35.26
C ASN D 29 6.46 8.52 -35.99
N GLU D 30 5.73 8.20 -37.07
CA GLU D 30 5.15 9.19 -37.95
C GLU D 30 4.11 10.09 -37.30
N ASN D 31 3.29 9.52 -36.42
CA ASN D 31 2.27 10.31 -35.73
C ASN D 31 2.91 11.24 -34.72
N ALA D 32 3.84 10.70 -33.94
CA ALA D 32 4.57 11.50 -32.97
C ALA D 32 5.36 12.61 -33.67
N ALA D 33 6.07 12.26 -34.74
CA ALA D 33 6.79 13.24 -35.55
C ALA D 33 5.86 14.34 -36.08
N ALA D 34 4.66 13.94 -36.50
CA ALA D 34 3.70 14.85 -37.10
C ALA D 34 3.18 15.86 -36.09
N ILE D 35 2.91 15.37 -34.89
CA ILE D 35 2.44 16.23 -33.80
C ILE D 35 3.54 17.21 -33.36
N LEU D 36 4.72 16.66 -33.10
CA LEU D 36 5.85 17.46 -32.64
C LEU D 36 6.31 18.45 -33.72
N ASN D 37 5.89 18.21 -34.95
CA ASN D 37 6.20 19.12 -36.04
C ASN D 37 5.49 20.46 -35.82
N LEU D 38 4.45 20.43 -35.00
CA LEU D 38 3.61 21.60 -34.74
C LEU D 38 3.91 22.20 -33.37
N LYS D 39 5.07 21.87 -32.82
CA LYS D 39 5.40 22.22 -31.44
C LYS D 39 5.33 23.73 -31.19
N ASN D 40 5.73 24.51 -32.19
CA ASN D 40 5.78 25.96 -32.11
C ASN D 40 4.40 26.59 -32.09
N ALA D 41 3.56 26.16 -33.03
CA ALA D 41 2.15 26.54 -33.03
C ALA D 41 1.49 26.20 -31.70
N ILE D 42 1.66 24.95 -31.29
CA ILE D 42 1.15 24.44 -30.01
C ILE D 42 1.60 25.30 -28.83
N GLN D 43 2.89 25.62 -28.81
CA GLN D 43 3.46 26.38 -27.70
C GLN D 43 2.90 27.80 -27.62
N LYS D 44 2.59 28.40 -28.77
CA LYS D 44 2.11 29.77 -28.78
C LYS D 44 0.64 29.89 -28.37
N THR D 45 -0.15 28.87 -28.65
CA THR D 45 -1.55 28.86 -28.22
C THR D 45 -1.64 28.87 -26.70
N ASN D 46 -2.47 29.77 -26.17
CA ASN D 46 -2.72 29.85 -24.73
C ASN D 46 -4.05 29.17 -24.42
N ALA D 47 -4.01 27.87 -24.12
CA ALA D 47 -5.23 27.14 -23.80
C ALA D 47 -4.95 25.91 -22.96
N ALA D 48 -5.90 25.57 -22.10
CA ALA D 48 -5.79 24.38 -21.26
C ALA D 48 -5.93 23.12 -22.11
N VAL D 49 -6.86 23.16 -23.07
CA VAL D 49 -7.09 22.05 -23.98
C VAL D 49 -7.32 22.61 -25.38
N ALA D 50 -6.54 22.16 -26.36
CA ALA D 50 -6.61 22.69 -27.71
C ALA D 50 -6.39 21.61 -28.78
N ASP D 51 -7.14 21.71 -29.88
CA ASP D 51 -7.09 20.73 -30.94
C ASP D 51 -5.78 20.82 -31.72
N VAL D 52 -5.20 19.67 -32.05
CA VAL D 52 -4.01 19.63 -32.88
C VAL D 52 -4.36 19.23 -34.31
N VAL D 53 -4.47 20.21 -35.20
CA VAL D 53 -4.87 19.98 -36.59
C VAL D 53 -3.73 20.16 -37.60
N GLN D 54 -3.79 19.37 -38.67
CA GLN D 54 -2.85 19.47 -39.78
C GLN D 54 -3.63 19.34 -41.06
N ALA D 55 -3.74 20.43 -41.81
CA ALA D 55 -4.58 20.50 -43.00
C ALA D 55 -6.02 20.07 -42.69
N THR D 56 -6.64 20.80 -41.76
CA THR D 56 -8.03 20.58 -41.34
C THR D 56 -8.29 19.23 -40.63
N GLN D 57 -7.29 18.36 -40.60
CA GLN D 57 -7.45 17.05 -39.96
C GLN D 57 -6.77 17.00 -38.58
N SER D 58 -7.51 16.55 -37.58
CA SER D 58 -7.02 16.55 -36.20
C SER D 58 -6.08 15.38 -35.92
N LEU D 59 -4.95 15.67 -35.29
CA LEU D 59 -3.96 14.64 -34.97
C LEU D 59 -4.01 14.23 -33.51
N GLY D 60 -4.51 15.14 -32.66
CA GLY D 60 -4.56 14.91 -31.24
C GLY D 60 -4.99 16.12 -30.43
N THR D 61 -4.55 16.19 -29.18
CA THR D 61 -4.99 17.24 -28.28
C THR D 61 -3.82 17.79 -27.47
N ALA D 62 -3.63 19.10 -27.51
CA ALA D 62 -2.63 19.74 -26.67
C ALA D 62 -3.24 20.15 -25.33
N VAL D 63 -2.68 19.62 -24.25
CA VAL D 63 -3.17 19.98 -22.92
C VAL D 63 -2.11 20.68 -22.09
N GLN D 64 -2.58 21.53 -21.17
CA GLN D 64 -1.69 22.29 -20.31
C GLN D 64 -2.35 22.36 -18.93
N ALA D 65 -1.77 21.64 -17.97
CA ALA D 65 -2.48 21.34 -16.74
C ALA D 65 -2.64 22.52 -15.78
N VAL D 66 -1.76 23.52 -15.88
CA VAL D 66 -1.87 24.68 -15.00
C VAL D 66 -2.21 25.99 -15.75
N GLN D 67 -2.77 25.85 -16.94
CA GLN D 67 -2.99 26.98 -17.82
C GLN D 67 -4.01 28.00 -17.32
N ASP D 68 -5.22 27.52 -17.03
CA ASP D 68 -6.30 28.37 -16.55
C ASP D 68 -5.92 29.11 -15.27
N HIS D 69 -5.34 28.36 -14.35
CA HIS D 69 -4.88 28.90 -13.07
C HIS D 69 -3.85 30.04 -13.27
N ILE D 70 -3.03 29.92 -14.30
CA ILE D 70 -2.06 30.96 -14.62
C ILE D 70 -2.78 32.18 -15.19
N ASN D 71 -3.66 31.93 -16.14
CA ASN D 71 -4.48 32.99 -16.73
C ASN D 71 -5.23 33.80 -15.69
N SER D 72 -5.69 33.13 -14.63
CA SER D 72 -6.54 33.77 -13.65
C SER D 72 -5.79 34.63 -12.63
N VAL D 73 -4.47 34.44 -12.52
CA VAL D 73 -3.70 35.19 -11.53
C VAL D 73 -2.67 36.13 -12.15
N VAL D 74 -2.27 35.84 -13.39
CA VAL D 74 -1.25 36.64 -14.05
C VAL D 74 -1.79 38.03 -14.45
N SER D 75 -0.97 39.03 -14.18
CA SER D 75 -1.31 40.42 -14.47
C SER D 75 -1.39 40.59 -15.98
N PRO D 76 -2.26 41.49 -16.46
CA PRO D 76 -2.39 41.80 -17.89
C PRO D 76 -1.08 42.30 -18.48
N ALA D 77 -0.23 42.84 -17.60
CA ALA D 77 1.12 43.26 -17.96
C ALA D 77 2.05 43.07 -16.76
N ILE D 78 3.22 42.50 -16.99
CA ILE D 78 4.19 42.31 -15.91
C ILE D 78 5.32 43.33 -15.99
N THR D 79 5.41 44.18 -14.98
CA THR D 79 6.44 45.21 -14.94
C THR D 79 7.24 45.11 -13.65
N ALA D 80 8.19 46.02 -13.48
CA ALA D 80 9.02 46.06 -12.27
C ALA D 80 8.19 46.40 -11.04
N ALA D 81 6.98 46.89 -11.26
CA ALA D 81 6.02 47.10 -10.19
C ALA D 81 5.63 45.72 -9.66
N ASN D 82 5.01 44.94 -10.54
CA ASN D 82 4.68 43.55 -10.24
C ASN D 82 5.94 42.77 -9.92
N CYS D 83 6.52 42.19 -10.97
CA CYS D 83 7.68 41.31 -10.91
C CYS D 83 7.71 40.39 -9.68
N LYS D 84 8.16 40.95 -8.55
CA LYS D 84 8.25 40.22 -7.29
C LYS D 84 6.93 39.54 -6.95
N ALA D 85 5.83 40.26 -7.18
CA ALA D 85 4.50 39.72 -6.91
C ALA D 85 4.12 38.65 -7.93
N GLN D 86 4.29 38.98 -9.21
CA GLN D 86 3.97 38.04 -10.28
C GLN D 86 4.87 36.80 -10.24
N ASP D 87 6.17 37.00 -10.10
CA ASP D 87 7.11 35.89 -10.03
C ASP D 87 6.86 35.02 -8.80
N ALA D 88 6.26 35.60 -7.77
CA ALA D 88 5.93 34.84 -6.57
C ALA D 88 4.81 33.85 -6.85
N ILE D 89 3.68 34.37 -7.34
CA ILE D 89 2.51 33.54 -7.56
C ILE D 89 2.71 32.53 -8.70
N ILE D 90 3.32 32.97 -9.80
CA ILE D 90 3.61 32.11 -10.94
C ILE D 90 4.51 30.95 -10.50
N GLY D 91 5.61 31.30 -9.85
CA GLY D 91 6.57 30.34 -9.36
C GLY D 91 5.99 29.28 -8.45
N SER D 92 4.97 29.64 -7.67
CA SER D 92 4.36 28.69 -6.74
C SER D 92 3.44 27.71 -7.48
N ILE D 93 2.84 28.17 -8.57
CA ILE D 93 2.01 27.31 -9.40
C ILE D 93 2.87 26.28 -10.15
N LEU D 94 3.93 26.76 -10.80
CA LEU D 94 4.88 25.88 -11.49
C LEU D 94 5.52 24.88 -10.53
N ASN D 95 6.01 25.38 -9.40
CA ASN D 95 6.69 24.55 -8.42
C ASN D 95 5.82 23.44 -7.85
N LEU D 96 4.53 23.72 -7.71
CA LEU D 96 3.59 22.74 -7.21
C LEU D 96 3.40 21.61 -8.22
N TYR D 97 3.33 21.99 -9.49
CA TYR D 97 3.18 21.02 -10.57
C TYR D 97 4.45 20.17 -10.63
N LEU D 98 5.59 20.85 -10.59
CA LEU D 98 6.90 20.20 -10.52
C LEU D 98 7.00 19.15 -9.40
N THR D 99 6.50 19.47 -8.21
CA THR D 99 6.52 18.54 -7.09
C THR D 99 5.65 17.33 -7.45
N GLU D 100 4.57 17.60 -8.16
CA GLU D 100 3.70 16.52 -8.60
C GLU D 100 4.40 15.66 -9.66
N LEU D 101 5.03 16.32 -10.64
CA LEU D 101 5.80 15.59 -11.65
C LEU D 101 6.85 14.67 -11.05
N THR D 102 7.55 15.14 -10.03
CA THR D 102 8.61 14.36 -9.41
C THR D 102 8.10 13.09 -8.71
N THR D 103 6.79 12.95 -8.58
CA THR D 103 6.27 11.77 -7.91
C THR D 103 5.94 10.66 -8.92
N ILE D 104 5.97 10.98 -10.21
CA ILE D 104 5.65 9.99 -11.22
C ILE D 104 6.76 9.76 -12.23
N PHE D 105 7.84 10.53 -12.13
CA PHE D 105 8.97 10.39 -13.05
C PHE D 105 10.27 10.18 -12.28
N HIS D 106 10.59 8.93 -11.98
CA HIS D 106 11.83 8.64 -11.27
C HIS D 106 12.56 7.48 -11.94
N ASN D 107 13.58 7.81 -12.75
CA ASN D 107 14.34 6.77 -13.44
C ASN D 107 15.12 5.84 -12.49
N GLN D 108 14.73 4.58 -12.48
CA GLN D 108 15.39 3.58 -11.65
C GLN D 108 15.78 2.46 -12.56
N ILE D 109 15.24 2.47 -13.78
CA ILE D 109 15.33 1.32 -14.67
C ILE D 109 16.01 1.65 -15.99
N THR D 110 16.30 0.58 -16.73
CA THR D 110 17.05 0.61 -17.98
C THR D 110 16.32 1.37 -19.08
N ASN D 111 15.02 1.08 -19.23
CA ASN D 111 14.22 1.66 -20.30
C ASN D 111 13.01 2.46 -19.78
N PRO D 112 13.29 3.65 -19.22
CA PRO D 112 12.27 4.50 -18.59
C PRO D 112 11.17 4.93 -19.55
N ALA D 113 11.46 4.95 -20.84
CA ALA D 113 10.49 5.42 -21.81
C ALA D 113 9.43 4.36 -22.09
N LEU D 114 9.68 3.14 -21.62
CA LEU D 114 8.77 2.04 -21.92
C LEU D 114 7.78 1.74 -20.79
N SER D 115 8.00 2.32 -19.62
CA SER D 115 7.05 2.18 -18.51
C SER D 115 5.68 2.74 -18.88
N PRO D 116 4.61 1.99 -18.58
CA PRO D 116 3.26 2.50 -18.85
C PRO D 116 2.98 3.77 -18.07
N ILE D 117 2.10 4.61 -18.59
CA ILE D 117 1.59 5.74 -17.83
C ILE D 117 0.21 5.38 -17.29
N THR D 118 0.11 5.27 -15.97
CA THR D 118 -1.12 4.82 -15.35
C THR D 118 -2.13 5.97 -15.24
N ILE D 119 -3.35 5.63 -14.85
CA ILE D 119 -4.38 6.65 -14.71
C ILE D 119 -4.02 7.63 -13.60
N GLN D 120 -3.41 7.11 -12.53
CA GLN D 120 -2.92 7.94 -11.45
C GLN D 120 -1.91 8.93 -11.98
N ALA D 121 -0.98 8.44 -12.79
CA ALA D 121 0.06 9.29 -13.35
C ALA D 121 -0.55 10.25 -14.36
N LEU D 122 -1.62 9.80 -15.02
CA LEU D 122 -2.31 10.63 -16.00
C LEU D 122 -3.05 11.81 -15.36
N ARG D 123 -3.65 11.58 -14.19
CA ARG D 123 -4.35 12.63 -13.45
C ARG D 123 -3.39 13.73 -13.03
N ILE D 124 -2.23 13.32 -12.54
CA ILE D 124 -1.18 14.25 -12.13
C ILE D 124 -0.69 15.08 -13.32
N LEU D 125 -0.55 14.40 -14.46
CA LEU D 125 0.09 15.00 -15.61
C LEU D 125 -0.89 15.94 -16.34
N LEU D 126 -2.16 15.54 -16.36
CA LEU D 126 -3.18 16.29 -17.09
C LEU D 126 -4.01 17.24 -16.22
N GLY D 127 -3.99 17.03 -14.92
CA GLY D 127 -4.72 17.90 -14.01
C GLY D 127 -6.23 17.92 -14.28
N SER D 128 -6.76 19.13 -14.40
CA SER D 128 -8.18 19.34 -14.66
C SER D 128 -8.56 19.06 -16.12
N THR D 129 -7.55 18.89 -16.96
CA THR D 129 -7.80 18.68 -18.37
C THR D 129 -8.21 17.24 -18.64
N LEU D 130 -7.86 16.34 -17.72
CA LEU D 130 -8.16 14.92 -17.89
C LEU D 130 -9.63 14.61 -18.19
N PRO D 131 -10.59 15.17 -17.42
CA PRO D 131 -11.97 14.88 -17.81
C PRO D 131 -12.31 15.37 -19.22
N THR D 132 -11.91 16.58 -19.60
CA THR D 132 -12.18 17.09 -20.94
C THR D 132 -11.61 16.19 -22.03
N VAL D 133 -10.35 15.81 -21.89
CA VAL D 133 -9.68 14.93 -22.85
C VAL D 133 -10.40 13.59 -23.04
N VAL D 134 -10.77 12.96 -21.94
CA VAL D 134 -11.48 11.70 -22.00
C VAL D 134 -12.85 11.88 -22.65
N GLU D 135 -13.53 12.96 -22.29
CA GLU D 135 -14.86 13.24 -22.83
C GLU D 135 -14.85 13.47 -24.35
N LYS D 136 -13.74 13.96 -24.89
CA LYS D 136 -13.68 14.22 -26.33
C LYS D 136 -13.08 13.07 -27.15
N SER D 137 -11.82 12.77 -26.91
CA SER D 137 -11.04 11.93 -27.82
C SER D 137 -11.18 10.42 -27.58
N PHE D 138 -12.41 9.96 -27.44
CA PHE D 138 -12.70 8.54 -27.36
C PHE D 138 -14.13 8.25 -27.79
N ASN D 139 -14.35 8.10 -29.09
CA ASN D 139 -15.68 7.79 -29.59
C ASN D 139 -16.11 6.40 -29.11
N THR D 140 -16.50 6.32 -27.84
CA THR D 140 -16.86 5.04 -27.24
C THR D 140 -18.21 5.08 -26.58
N GLN D 141 -18.67 3.92 -26.12
CA GLN D 141 -19.96 3.80 -25.46
C GLN D 141 -19.76 3.60 -23.95
N ILE D 142 -18.51 3.60 -23.52
CA ILE D 142 -18.19 3.62 -22.09
C ILE D 142 -18.17 5.06 -21.62
N SER D 143 -18.88 5.33 -20.53
CA SER D 143 -19.00 6.69 -20.02
C SER D 143 -17.66 7.28 -19.58
N ALA D 144 -17.54 8.60 -19.69
CA ALA D 144 -16.37 9.30 -19.17
C ALA D 144 -16.22 8.98 -17.68
N ALA D 145 -17.34 8.94 -16.96
CA ALA D 145 -17.30 8.67 -15.55
C ALA D 145 -16.69 7.30 -15.25
N GLU D 146 -16.96 6.31 -16.11
CA GLU D 146 -16.35 5.00 -15.95
C GLU D 146 -14.88 4.99 -16.37
N LEU D 147 -14.56 5.72 -17.43
CA LEU D 147 -13.19 5.79 -17.88
C LEU D 147 -12.31 6.44 -16.82
N LEU D 148 -12.75 7.61 -16.34
CA LEU D 148 -12.02 8.36 -15.32
C LEU D 148 -11.84 7.57 -14.03
N SER D 149 -12.83 6.76 -13.67
CA SER D 149 -12.87 6.15 -12.35
C SER D 149 -12.37 4.72 -12.29
N SER D 150 -11.53 4.33 -13.25
CA SER D 150 -11.03 2.96 -13.30
C SER D 150 -9.66 2.90 -13.98
N GLY D 151 -9.20 1.69 -14.29
CA GLY D 151 -7.86 1.50 -14.81
C GLY D 151 -7.84 1.08 -16.26
N LEU D 152 -8.94 1.35 -16.96
CA LEU D 152 -9.04 1.03 -18.38
C LEU D 152 -8.11 1.91 -19.20
N LEU D 153 -7.96 3.17 -18.78
CA LEU D 153 -7.05 4.04 -19.51
C LEU D 153 -5.60 3.76 -19.11
N THR D 154 -4.71 3.93 -20.09
CA THR D 154 -3.30 3.67 -19.89
C THR D 154 -2.55 4.38 -21.00
N GLY D 155 -1.40 4.95 -20.66
CA GLY D 155 -0.64 5.71 -21.62
C GLY D 155 0.75 5.16 -21.92
N GLN D 156 1.32 5.66 -23.01
CA GLN D 156 2.69 5.34 -23.41
C GLN D 156 3.26 6.61 -24.03
N ILE D 157 4.45 7.00 -23.58
CA ILE D 157 5.15 8.13 -24.18
C ILE D 157 5.72 7.72 -25.54
N VAL D 158 5.39 8.49 -26.57
CA VAL D 158 5.82 8.13 -27.91
C VAL D 158 6.59 9.28 -28.54
N GLY D 159 6.83 10.32 -27.75
CA GLY D 159 7.56 11.48 -28.25
C GLY D 159 7.92 12.42 -27.11
N LEU D 160 8.93 13.25 -27.34
CA LEU D 160 9.36 14.23 -26.35
C LEU D 160 10.35 15.24 -26.92
N ASP D 161 9.95 16.51 -26.93
CA ASP D 161 10.82 17.61 -27.34
C ASP D 161 11.25 18.38 -26.09
N LEU D 162 12.50 18.23 -25.70
CA LEU D 162 12.96 18.85 -24.45
C LEU D 162 13.07 20.38 -24.51
N THR D 163 13.43 20.91 -25.67
CA THR D 163 13.50 22.36 -25.83
C THR D 163 12.12 22.99 -25.61
N TYR D 164 11.09 22.42 -26.23
CA TYR D 164 9.75 22.97 -26.09
C TYR D 164 9.03 22.44 -24.85
N MET D 165 9.63 21.42 -24.22
CA MET D 165 9.03 20.71 -23.10
C MET D 165 7.65 20.18 -23.45
N GLN D 166 7.55 19.53 -24.61
CA GLN D 166 6.32 18.87 -25.05
C GLN D 166 6.47 17.34 -25.04
N MET D 167 5.55 16.67 -24.35
CA MET D 167 5.55 15.22 -24.28
C MET D 167 4.35 14.67 -25.03
N VAL D 168 4.60 13.91 -26.09
CA VAL D 168 3.53 13.23 -26.78
C VAL D 168 3.26 11.88 -26.10
N ILE D 169 1.98 11.60 -25.88
CA ILE D 169 1.56 10.40 -25.16
C ILE D 169 0.44 9.69 -25.90
N LYS D 170 0.53 8.39 -26.04
CA LYS D 170 -0.55 7.66 -26.68
C LYS D 170 -1.40 6.97 -25.63
N ILE D 171 -2.67 7.37 -25.56
CA ILE D 171 -3.64 6.77 -24.65
C ILE D 171 -4.42 5.72 -25.42
N GLU D 172 -4.62 4.56 -24.80
CA GLU D 172 -5.33 3.47 -25.43
C GLU D 172 -6.53 3.08 -24.60
N LEU D 173 -7.67 2.89 -25.24
CA LEU D 173 -8.84 2.35 -24.56
C LEU D 173 -9.16 0.99 -25.12
N PRO D 174 -8.92 -0.05 -24.32
CA PRO D 174 -9.13 -1.43 -24.76
C PRO D 174 -10.60 -1.68 -25.06
N THR D 175 -10.87 -2.24 -26.23
CA THR D 175 -12.21 -2.69 -26.55
C THR D 175 -12.31 -4.14 -26.10
N LEU D 176 -13.30 -4.43 -25.27
CA LEU D 176 -13.30 -5.68 -24.52
C LEU D 176 -14.31 -6.67 -25.02
N THR D 177 -13.96 -7.95 -24.95
CA THR D 177 -14.86 -9.02 -25.35
C THR D 177 -14.93 -10.08 -24.27
N VAL D 178 -16.14 -10.52 -23.93
CA VAL D 178 -16.33 -11.57 -22.94
C VAL D 178 -15.56 -12.83 -23.34
N GLN D 179 -14.88 -13.44 -22.38
CA GLN D 179 -14.31 -14.78 -22.57
C GLN D 179 -15.42 -15.79 -22.34
N PRO D 180 -15.72 -16.61 -23.36
CA PRO D 180 -16.86 -17.53 -23.23
C PRO D 180 -16.63 -18.66 -22.21
N ALA D 181 -17.70 -19.07 -21.56
CA ALA D 181 -17.71 -20.21 -20.65
C ALA D 181 -16.82 -20.02 -19.43
N THR D 182 -16.55 -18.77 -19.09
CA THR D 182 -15.68 -18.47 -17.96
C THR D 182 -16.41 -17.61 -16.94
N GLN D 183 -16.21 -17.91 -15.66
CA GLN D 183 -16.74 -17.07 -14.59
C GLN D 183 -15.67 -16.76 -13.58
N ILE D 184 -15.70 -15.55 -13.04
CA ILE D 184 -14.86 -15.20 -11.89
C ILE D 184 -15.78 -15.11 -10.70
N ILE D 185 -15.45 -15.85 -9.66
CA ILE D 185 -16.36 -15.99 -8.53
C ILE D 185 -15.62 -15.59 -7.26
N ASP D 186 -16.24 -14.71 -6.48
CA ASP D 186 -15.66 -14.26 -5.23
C ASP D 186 -16.25 -15.12 -4.14
N LEU D 187 -15.41 -15.54 -3.20
CA LEU D 187 -15.86 -16.41 -2.12
C LEU D 187 -15.62 -15.74 -0.77
N ALA D 188 -16.65 -15.64 0.05
CA ALA D 188 -16.44 -15.17 1.42
C ALA D 188 -16.62 -16.33 2.40
N THR D 189 -16.09 -16.18 3.60
CA THR D 189 -16.33 -17.22 4.60
C THR D 189 -16.98 -16.64 5.84
N ILE D 190 -17.93 -17.40 6.38
CA ILE D 190 -18.35 -17.17 7.74
C ILE D 190 -17.71 -18.31 8.53
N SER D 191 -17.66 -18.19 9.85
CA SER D 191 -17.10 -19.25 10.66
C SER D 191 -18.05 -20.44 10.69
N ALA D 192 -17.49 -21.63 10.88
CA ALA D 192 -18.26 -22.85 11.03
C ALA D 192 -17.88 -23.44 12.37
N PHE D 193 -18.71 -24.31 12.91
CA PHE D 193 -18.35 -24.96 14.16
C PHE D 193 -18.13 -26.45 13.90
N ILE D 194 -16.88 -26.87 13.90
CA ILE D 194 -16.51 -28.21 13.48
C ILE D 194 -15.64 -28.85 14.54
N ASN D 195 -16.03 -30.05 14.97
CA ASN D 195 -15.33 -30.83 16.00
C ASN D 195 -14.94 -29.97 17.19
N ASN D 196 -15.93 -29.28 17.72
CA ASN D 196 -15.80 -28.42 18.89
C ASN D 196 -14.96 -27.14 18.75
N GLN D 197 -14.67 -26.74 17.51
CA GLN D 197 -13.87 -25.53 17.28
C GLN D 197 -14.57 -24.58 16.33
N GLU D 198 -14.49 -23.28 16.61
CA GLU D 198 -14.95 -22.30 15.65
C GLU D 198 -13.83 -22.07 14.64
N VAL D 199 -14.09 -22.39 13.37
CA VAL D 199 -13.05 -22.40 12.34
C VAL D 199 -13.53 -21.71 11.07
N MET D 200 -12.61 -21.38 10.18
CA MET D 200 -12.99 -20.94 8.84
C MET D 200 -12.23 -21.75 7.82
N ALA D 201 -12.91 -22.06 6.73
CA ALA D 201 -12.32 -22.74 5.60
C ALA D 201 -11.25 -21.87 4.97
N GLN D 202 -10.16 -22.50 4.54
CA GLN D 202 -9.03 -21.82 3.92
C GLN D 202 -9.04 -22.12 2.43
N LEU D 203 -9.41 -21.13 1.63
CA LEU D 203 -9.54 -21.24 0.19
C LEU D 203 -9.18 -19.86 -0.41
N PRO D 204 -8.86 -19.82 -1.70
CA PRO D 204 -8.68 -18.52 -2.34
C PRO D 204 -9.96 -17.69 -2.26
N THR D 205 -9.86 -16.37 -2.21
CA THR D 205 -11.05 -15.54 -2.11
C THR D 205 -11.66 -15.21 -3.46
N ARG D 206 -11.00 -15.61 -4.54
CA ARG D 206 -11.52 -15.30 -5.88
C ARG D 206 -10.92 -16.26 -6.87
N VAL D 207 -11.77 -16.98 -7.58
CA VAL D 207 -11.34 -18.01 -8.50
C VAL D 207 -11.88 -17.80 -9.92
N MET D 208 -11.19 -18.37 -10.89
CA MET D 208 -11.67 -18.45 -12.25
C MET D 208 -12.09 -19.88 -12.54
N VAL D 209 -13.28 -20.02 -13.13
CA VAL D 209 -13.87 -21.31 -13.43
C VAL D 209 -14.21 -21.40 -14.93
N THR D 210 -13.66 -22.40 -15.62
CA THR D 210 -14.04 -22.73 -17.00
C THR D 210 -14.19 -24.23 -17.13
N GLY D 211 -15.41 -24.72 -17.15
CA GLY D 211 -15.63 -26.15 -17.21
C GLY D 211 -15.15 -26.82 -15.94
N SER D 212 -14.22 -27.77 -16.07
CA SER D 212 -13.74 -28.52 -14.91
C SER D 212 -12.48 -27.91 -14.31
N LEU D 213 -12.03 -26.81 -14.91
CA LEU D 213 -10.82 -26.13 -14.48
C LEU D 213 -11.12 -25.00 -13.47
N ILE D 214 -10.37 -24.96 -12.38
CA ILE D 214 -10.44 -23.86 -11.42
C ILE D 214 -9.04 -23.33 -11.13
N GLN D 215 -8.91 -22.00 -11.08
CA GLN D 215 -7.63 -21.38 -10.76
C GLN D 215 -7.84 -20.19 -9.82
N ALA D 216 -6.89 -19.96 -8.91
CA ALA D 216 -6.95 -18.78 -8.08
C ALA D 216 -6.87 -17.63 -9.06
N TYR D 217 -7.64 -16.58 -8.85
CA TYR D 217 -7.62 -15.47 -9.78
C TYR D 217 -7.77 -14.19 -8.98
N PRO D 218 -6.69 -13.74 -8.34
CA PRO D 218 -6.86 -12.60 -7.46
C PRO D 218 -6.68 -11.34 -8.27
N ALA D 219 -7.69 -10.99 -9.04
CA ALA D 219 -7.62 -9.93 -10.03
C ALA D 219 -7.30 -8.58 -9.36
N SER D 220 -6.02 -8.34 -9.08
CA SER D 220 -5.62 -7.25 -8.19
C SER D 220 -5.46 -5.87 -8.86
N GLN D 221 -4.92 -5.84 -10.07
CA GLN D 221 -4.79 -4.60 -10.81
C GLN D 221 -6.01 -4.43 -11.71
N CYS D 222 -6.76 -5.52 -11.87
CA CYS D 222 -7.86 -5.57 -12.80
C CYS D 222 -8.97 -4.56 -12.51
N THR D 223 -9.72 -4.22 -13.55
CA THR D 223 -10.89 -3.38 -13.42
C THR D 223 -12.12 -4.24 -13.17
N ILE D 224 -12.77 -4.04 -12.02
CA ILE D 224 -13.94 -4.80 -11.66
C ILE D 224 -15.21 -3.95 -11.65
N THR D 225 -16.27 -4.46 -12.28
CA THR D 225 -17.60 -3.90 -12.19
C THR D 225 -18.51 -4.98 -11.55
N PRO D 226 -19.78 -4.66 -11.26
CA PRO D 226 -20.63 -5.71 -10.66
C PRO D 226 -20.82 -6.98 -11.52
N ASN D 227 -20.76 -6.89 -12.84
CA ASN D 227 -20.97 -8.06 -13.69
C ASN D 227 -19.72 -8.58 -14.41
N THR D 228 -18.69 -7.76 -14.53
CA THR D 228 -17.52 -8.15 -15.31
C THR D 228 -16.19 -7.78 -14.67
N VAL D 229 -15.18 -8.60 -14.94
CA VAL D 229 -13.81 -8.33 -14.54
C VAL D 229 -12.99 -8.13 -15.80
N TYR D 230 -12.22 -7.04 -15.88
CA TYR D 230 -11.30 -6.88 -17.00
C TYR D 230 -9.86 -6.89 -16.55
N CYS D 231 -9.09 -7.81 -17.10
CA CYS D 231 -7.67 -7.85 -16.82
C CYS D 231 -6.89 -7.46 -18.07
N ARG D 232 -5.91 -6.58 -17.89
CA ARG D 232 -5.07 -6.15 -19.01
C ARG D 232 -4.23 -7.35 -19.39
N TYR D 233 -3.78 -8.05 -18.35
CA TYR D 233 -2.92 -9.19 -18.48
C TYR D 233 -3.59 -10.42 -17.87
N ASN D 234 -2.80 -11.20 -17.16
CA ASN D 234 -3.32 -12.37 -16.46
C ASN D 234 -2.57 -12.52 -15.15
N ASP D 235 -3.21 -13.12 -14.16
CA ASP D 235 -2.54 -13.36 -12.88
C ASP D 235 -3.03 -14.63 -12.20
N ALA D 236 -3.65 -15.50 -12.98
CA ALA D 236 -4.18 -16.75 -12.45
C ALA D 236 -3.08 -17.55 -11.78
N GLN D 237 -3.46 -18.40 -10.84
CA GLN D 237 -2.48 -19.17 -10.09
C GLN D 237 -2.98 -20.60 -9.97
N VAL D 238 -2.08 -21.56 -9.99
CA VAL D 238 -2.46 -22.97 -9.99
C VAL D 238 -2.97 -23.35 -8.60
N LEU D 239 -4.06 -24.10 -8.54
CA LEU D 239 -4.54 -24.62 -7.26
C LEU D 239 -4.11 -26.08 -7.05
N SER D 240 -3.92 -26.47 -5.79
CA SER D 240 -3.52 -27.84 -5.50
C SER D 240 -4.68 -28.79 -5.75
N ASP D 241 -4.38 -30.08 -5.85
CA ASP D 241 -5.44 -31.05 -6.08
C ASP D 241 -6.44 -31.05 -4.94
N ASP D 242 -5.97 -30.83 -3.71
CA ASP D 242 -6.85 -30.80 -2.55
C ASP D 242 -7.84 -29.62 -2.59
N THR D 243 -7.34 -28.43 -2.94
CA THR D 243 -8.18 -27.23 -3.01
C THR D 243 -9.21 -27.39 -4.14
N MET D 244 -8.75 -27.88 -5.29
CA MET D 244 -9.63 -28.22 -6.41
C MET D 244 -10.73 -29.16 -5.95
N ALA D 245 -10.34 -30.26 -5.30
CA ALA D 245 -11.32 -31.25 -4.87
C ALA D 245 -12.30 -30.61 -3.88
N CYS D 246 -11.78 -29.83 -2.95
CA CYS D 246 -12.63 -29.12 -2.00
C CYS D 246 -13.64 -28.25 -2.72
N LEU D 247 -13.17 -27.44 -3.66
CA LEU D 247 -14.02 -26.50 -4.40
C LEU D 247 -15.07 -27.23 -5.26
N GLN D 248 -14.82 -28.50 -5.56
CA GLN D 248 -15.72 -29.30 -6.36
C GLN D 248 -16.64 -30.11 -5.47
N GLY D 249 -16.57 -29.87 -4.16
CA GLY D 249 -17.58 -30.44 -3.28
C GLY D 249 -17.16 -31.62 -2.43
N ASN D 250 -15.91 -32.06 -2.55
CA ASN D 250 -15.36 -33.08 -1.65
C ASN D 250 -14.88 -32.41 -0.36
N LEU D 251 -15.81 -32.20 0.57
CA LEU D 251 -15.55 -31.37 1.74
C LEU D 251 -14.54 -31.98 2.68
N THR D 252 -14.26 -33.27 2.52
CA THR D 252 -13.27 -33.93 3.37
C THR D 252 -11.86 -33.57 2.96
N ARG D 253 -11.72 -32.96 1.79
CA ARG D 253 -10.42 -32.49 1.34
C ARG D 253 -10.15 -31.03 1.73
N CYS D 254 -11.12 -30.41 2.41
CA CYS D 254 -11.04 -28.99 2.80
C CYS D 254 -10.17 -28.78 4.02
N THR D 255 -9.63 -27.56 4.16
CA THR D 255 -8.81 -27.17 5.31
C THR D 255 -9.46 -26.04 6.10
N PHE D 256 -9.53 -26.20 7.41
CA PHE D 256 -10.12 -25.16 8.26
C PHE D 256 -9.13 -24.70 9.29
N SER D 257 -9.12 -23.40 9.58
CA SER D 257 -8.27 -22.88 10.64
C SER D 257 -9.11 -22.27 11.76
N PRO D 258 -8.68 -22.44 13.02
CA PRO D 258 -9.43 -21.87 14.13
C PRO D 258 -9.36 -20.34 14.07
N VAL D 259 -10.46 -19.69 14.42
CA VAL D 259 -10.54 -18.24 14.34
C VAL D 259 -11.11 -17.66 15.64
N VAL D 260 -10.85 -16.38 15.84
CA VAL D 260 -11.54 -15.62 16.87
C VAL D 260 -12.82 -15.12 16.20
N GLY D 261 -13.95 -15.72 16.55
CA GLY D 261 -15.21 -15.41 15.89
C GLY D 261 -15.79 -14.08 16.34
N SER D 262 -16.72 -13.58 15.54
CA SER D 262 -17.39 -12.34 15.91
C SER D 262 -18.76 -12.34 15.26
N PHE D 263 -19.64 -11.46 15.73
CA PHE D 263 -20.95 -11.29 15.13
C PHE D 263 -20.85 -11.11 13.61
N LEU D 264 -19.99 -10.21 13.17
CA LEU D 264 -19.98 -9.85 11.76
C LEU D 264 -19.42 -10.90 10.80
N THR D 265 -18.77 -11.92 11.35
CA THR D 265 -18.31 -13.02 10.51
C THR D 265 -19.01 -14.33 10.85
N ARG D 266 -20.17 -14.28 11.50
CA ARG D 266 -20.90 -15.52 11.84
C ARG D 266 -22.13 -15.85 10.99
N PHE D 267 -22.50 -14.94 10.10
CA PHE D 267 -23.64 -15.17 9.20
C PHE D 267 -23.55 -14.28 7.97
N VAL D 268 -24.29 -14.65 6.93
CA VAL D 268 -24.49 -13.80 5.76
C VAL D 268 -25.93 -13.91 5.36
N LEU D 269 -26.39 -12.93 4.59
CA LEU D 269 -27.67 -13.07 3.90
C LEU D 269 -27.48 -13.52 2.46
N PHE D 270 -28.28 -14.49 2.05
CA PHE D 270 -28.17 -15.04 0.72
C PHE D 270 -29.54 -15.08 0.05
N ASP D 271 -29.85 -14.02 -0.68
CA ASP D 271 -31.12 -13.90 -1.42
C ASP D 271 -32.32 -14.16 -0.49
N GLY D 272 -32.26 -13.60 0.73
CA GLY D 272 -33.38 -13.70 1.64
C GLY D 272 -33.30 -14.80 2.68
N ILE D 273 -32.37 -15.74 2.53
CA ILE D 273 -32.16 -16.69 3.62
C ILE D 273 -30.82 -16.43 4.33
N VAL D 274 -30.66 -17.03 5.51
CA VAL D 274 -29.50 -16.80 6.34
C VAL D 274 -28.69 -18.09 6.46
N TYR D 275 -27.38 -17.95 6.31
CA TYR D 275 -26.45 -19.02 6.63
C TYR D 275 -25.71 -18.49 7.82
N ALA D 276 -25.78 -19.20 8.94
CA ALA D 276 -25.22 -18.69 10.17
C ALA D 276 -24.59 -19.80 10.98
N ASN D 277 -23.51 -19.47 11.69
CA ASN D 277 -22.99 -20.38 12.70
C ASN D 277 -23.83 -20.18 13.96
N CYS D 278 -24.84 -21.04 14.13
CA CYS D 278 -25.80 -20.89 15.22
C CYS D 278 -25.34 -21.60 16.48
N ARG D 279 -24.07 -22.00 16.47
CA ARG D 279 -23.46 -22.54 17.67
C ARG D 279 -22.60 -21.48 18.36
N SER D 280 -21.85 -20.71 17.57
CA SER D 280 -20.96 -19.69 18.14
C SER D 280 -21.72 -18.41 18.41
N MET D 281 -22.94 -18.35 17.93
CA MET D 281 -23.79 -17.16 17.97
C MET D 281 -25.20 -17.61 18.35
N LEU D 282 -25.93 -16.77 19.11
CA LEU D 282 -27.33 -17.06 19.42
C LEU D 282 -28.27 -16.69 18.27
N CYS D 283 -28.83 -17.69 17.61
CA CYS D 283 -29.85 -17.44 16.59
C CYS D 283 -31.23 -17.58 17.23
N LYS D 284 -31.90 -16.45 17.41
CA LYS D 284 -33.18 -16.42 18.12
C LYS D 284 -34.32 -16.31 17.14
N CYS D 285 -35.12 -17.35 17.05
CA CYS D 285 -36.27 -17.35 16.18
C CYS D 285 -37.46 -16.73 16.93
N MET D 286 -38.06 -15.69 16.37
CA MET D 286 -39.21 -15.03 17.01
C MET D 286 -40.56 -15.59 16.57
N GLN D 287 -40.58 -16.24 15.41
CA GLN D 287 -41.80 -16.75 14.81
C GLN D 287 -41.41 -17.87 13.85
N PRO D 288 -41.62 -19.14 14.27
CA PRO D 288 -42.10 -19.57 15.60
C PRO D 288 -41.03 -19.36 16.67
N ALA D 289 -41.42 -18.79 17.81
CA ALA D 289 -40.45 -18.51 18.88
C ALA D 289 -39.68 -19.75 19.36
N ALA D 290 -38.36 -19.73 19.18
CA ALA D 290 -37.45 -20.80 19.63
C ALA D 290 -35.99 -20.42 19.39
N VAL D 291 -35.09 -20.94 20.23
CA VAL D 291 -33.67 -20.80 19.95
C VAL D 291 -33.29 -21.85 18.91
N ILE D 292 -32.59 -21.43 17.86
CA ILE D 292 -32.17 -22.36 16.83
C ILE D 292 -30.88 -23.02 17.27
N LEU D 293 -30.96 -24.30 17.64
CA LEU D 293 -29.80 -25.08 18.02
C LEU D 293 -29.15 -25.68 16.78
N GLN D 294 -27.83 -25.78 16.81
CA GLN D 294 -27.08 -26.36 15.71
C GLN D 294 -26.41 -27.65 16.14
N PRO D 295 -26.84 -28.79 15.57
CA PRO D 295 -26.18 -30.06 15.90
C PRO D 295 -24.72 -30.01 15.45
N SER D 296 -23.88 -30.85 16.06
CA SER D 296 -22.47 -30.87 15.71
C SER D 296 -22.23 -31.43 14.31
N SER D 297 -23.26 -32.05 13.76
CA SER D 297 -23.19 -32.62 12.42
C SER D 297 -23.29 -31.54 11.36
N SER D 298 -23.79 -30.38 11.76
CA SER D 298 -23.93 -29.24 10.86
C SER D 298 -22.93 -28.16 11.21
N PRO D 299 -21.97 -27.93 10.32
CA PRO D 299 -20.98 -26.85 10.51
C PRO D 299 -21.65 -25.48 10.55
N VAL D 300 -22.65 -25.26 9.71
CA VAL D 300 -23.42 -24.02 9.74
C VAL D 300 -24.90 -24.37 9.63
N THR D 301 -25.75 -23.40 9.93
CA THR D 301 -27.19 -23.61 9.86
C THR D 301 -27.73 -22.86 8.66
N VAL D 302 -28.59 -23.50 7.89
CA VAL D 302 -29.39 -22.83 6.88
C VAL D 302 -30.70 -22.38 7.50
N ILE D 303 -30.83 -21.08 7.73
CA ILE D 303 -32.08 -20.57 8.23
C ILE D 303 -32.94 -20.11 7.07
N ASP D 304 -33.77 -21.01 6.59
CA ASP D 304 -34.79 -20.70 5.59
C ASP D 304 -36.12 -20.59 6.30
N MET D 305 -37.19 -20.43 5.52
CA MET D 305 -38.54 -20.25 6.06
C MET D 305 -39.01 -21.45 6.88
N TYR D 306 -38.53 -22.64 6.56
CA TYR D 306 -38.99 -23.83 7.28
C TYR D 306 -38.46 -23.85 8.71
N LYS D 307 -37.30 -23.25 8.94
CA LYS D 307 -36.73 -23.16 10.28
C LYS D 307 -37.26 -21.95 11.08
N CYS D 308 -37.49 -20.85 10.38
CA CYS D 308 -37.81 -19.60 11.06
C CYS D 308 -38.40 -18.61 10.06
N VAL D 309 -39.47 -17.93 10.45
CA VAL D 309 -40.12 -16.94 9.58
C VAL D 309 -39.70 -15.50 9.95
N SER D 310 -39.41 -15.31 11.22
CA SER D 310 -39.01 -14.02 11.73
C SER D 310 -37.81 -14.26 12.62
N LEU D 311 -36.67 -13.67 12.29
CA LEU D 311 -35.43 -13.96 13.02
C LEU D 311 -34.85 -12.78 13.79
N GLN D 312 -34.28 -13.08 14.95
CA GLN D 312 -33.49 -12.09 15.67
C GLN D 312 -32.05 -12.56 15.84
N LEU D 313 -31.11 -11.73 15.38
CA LEU D 313 -29.67 -11.96 15.60
C LEU D 313 -29.13 -10.72 16.27
N ASP D 314 -28.97 -10.79 17.59
CA ASP D 314 -28.67 -9.64 18.43
C ASP D 314 -29.68 -8.51 18.24
N ASN D 315 -29.22 -7.42 17.63
CA ASN D 315 -30.05 -6.24 17.40
C ASN D 315 -30.73 -6.26 16.05
N LEU D 316 -30.40 -7.26 15.23
CA LEU D 316 -31.05 -7.38 13.92
C LEU D 316 -32.34 -8.20 14.00
N ARG D 317 -33.39 -7.66 13.40
CA ARG D 317 -34.68 -8.34 13.35
C ARG D 317 -35.23 -8.22 11.94
N PHE D 318 -35.55 -9.35 11.35
CA PHE D 318 -36.04 -9.36 9.98
C PHE D 318 -36.71 -10.69 9.69
N THR D 319 -37.53 -10.72 8.64
CA THR D 319 -38.18 -11.95 8.21
C THR D 319 -37.40 -12.71 7.15
N ILE D 320 -37.64 -14.01 7.08
CA ILE D 320 -37.03 -14.91 6.11
C ILE D 320 -38.05 -15.21 4.99
N THR D 321 -37.60 -15.27 3.74
CA THR D 321 -38.48 -15.55 2.60
C THR D 321 -38.10 -16.82 1.85
N GLN D 322 -39.00 -17.29 0.99
CA GLN D 322 -38.78 -18.53 0.25
C GLN D 322 -37.66 -18.37 -0.79
N LEU D 323 -36.84 -19.41 -0.93
CA LEU D 323 -35.83 -19.43 -1.98
C LEU D 323 -35.87 -20.78 -2.69
N ALA D 324 -36.11 -20.78 -3.99
CA ALA D 324 -36.10 -22.02 -4.77
C ALA D 324 -34.69 -22.59 -4.96
N ASN D 325 -34.64 -23.91 -5.20
CA ASN D 325 -33.41 -24.64 -5.54
C ASN D 325 -32.36 -24.69 -4.43
N VAL D 326 -32.82 -24.63 -3.19
CA VAL D 326 -31.92 -24.76 -2.04
C VAL D 326 -31.95 -26.18 -1.48
N THR D 327 -30.83 -26.89 -1.66
CA THR D 327 -30.69 -28.26 -1.22
C THR D 327 -29.46 -28.44 -0.34
N TYR D 328 -29.54 -29.42 0.57
CA TYR D 328 -28.47 -29.72 1.50
C TYR D 328 -28.83 -30.99 2.26
N ASN D 329 -27.88 -31.90 2.40
CA ASN D 329 -28.09 -33.06 3.24
C ASN D 329 -27.83 -32.70 4.70
N SER D 330 -27.22 -31.52 4.88
CA SER D 330 -26.82 -30.95 6.18
C SER D 330 -26.56 -31.96 7.30
N THR D 331 -25.37 -32.57 7.21
CA THR D 331 -24.89 -33.61 8.11
C THR D 331 -23.64 -34.05 7.40
N ILE D 332 -22.55 -33.35 7.68
CA ILE D 332 -21.29 -33.64 7.04
C ILE D 332 -20.35 -34.19 8.10
N LYS D 333 -19.61 -35.25 7.76
CA LYS D 333 -18.60 -35.75 8.68
C LYS D 333 -17.21 -35.31 8.23
N LEU D 334 -16.57 -34.50 9.07
CA LEU D 334 -15.26 -33.97 8.75
C LEU D 334 -14.30 -34.49 9.79
N GLU D 335 -13.02 -34.53 9.44
CA GLU D 335 -12.02 -35.06 10.33
C GLU D 335 -11.27 -33.92 11.00
N SER D 336 -10.83 -34.11 12.24
CA SER D 336 -10.12 -33.07 12.96
C SER D 336 -8.74 -32.82 12.36
N SER D 337 -8.29 -33.72 11.49
CA SER D 337 -7.00 -33.53 10.85
C SER D 337 -7.12 -32.47 9.77
N GLN D 338 -8.36 -32.10 9.43
CA GLN D 338 -8.61 -31.03 8.48
C GLN D 338 -8.45 -29.67 9.14
N ILE D 339 -8.31 -29.66 10.46
CA ILE D 339 -8.25 -28.41 11.19
C ILE D 339 -6.82 -28.09 11.60
N LEU D 340 -6.29 -27.00 11.05
CA LEU D 340 -4.89 -26.65 11.23
C LEU D 340 -4.62 -25.20 10.82
N SER D 341 -3.45 -24.68 11.18
CA SER D 341 -3.09 -23.31 10.86
C SER D 341 -2.22 -23.25 9.63
N ILE D 342 -2.45 -22.27 8.76
CA ILE D 342 -1.63 -22.13 7.57
C ILE D 342 -0.66 -20.96 7.73
N ASP D 343 -0.55 -20.45 8.94
CA ASP D 343 0.45 -19.43 9.29
C ASP D 343 1.87 -19.99 9.25
N PRO D 344 2.81 -19.30 8.54
CA PRO D 344 4.17 -19.84 8.38
C PRO D 344 4.86 -20.26 9.69
N LEU D 345 4.82 -19.43 10.74
CA LEU D 345 5.40 -19.83 12.02
C LEU D 345 4.76 -21.12 12.54
N ASP D 346 3.44 -21.22 12.42
CA ASP D 346 2.71 -22.41 12.90
C ASP D 346 3.05 -23.68 12.11
N ILE D 347 3.18 -23.54 10.78
CA ILE D 347 3.58 -24.65 9.92
C ILE D 347 4.97 -25.14 10.31
N SER D 348 5.91 -24.22 10.47
CA SER D 348 7.27 -24.58 10.79
C SER D 348 7.37 -25.26 12.17
N GLN D 349 6.49 -24.90 13.09
CA GLN D 349 6.44 -25.56 14.39
C GLN D 349 5.90 -26.97 14.18
N ASN D 350 4.91 -27.07 13.30
CA ASN D 350 4.29 -28.33 12.94
C ASN D 350 5.29 -29.24 12.23
N LEU D 351 6.02 -28.67 11.29
CA LEU D 351 7.10 -29.41 10.61
C LEU D 351 8.17 -29.90 11.60
N ALA D 352 8.67 -29.00 12.45
CA ALA D 352 9.70 -29.34 13.42
C ALA D 352 9.26 -30.49 14.32
N ALA D 353 7.97 -30.60 14.56
CA ALA D 353 7.47 -31.67 15.41
C ALA D 353 7.42 -33.00 14.66
N VAL D 354 7.15 -32.93 13.35
CA VAL D 354 7.14 -34.12 12.51
C VAL D 354 8.55 -34.63 12.28
N ASN D 355 9.47 -33.71 11.98
CA ASN D 355 10.90 -34.04 11.82
C ASN D 355 11.43 -34.78 13.04
N LYS D 356 10.98 -34.35 14.22
CA LYS D 356 11.35 -34.95 15.49
C LYS D 356 10.74 -36.34 15.65
N SER D 357 9.47 -36.45 15.28
CA SER D 357 8.75 -37.72 15.34
C SER D 357 9.42 -38.73 14.41
N LEU D 358 9.88 -38.24 13.26
CA LEU D 358 10.55 -39.06 12.25
C LEU D 358 11.90 -39.56 12.73
N SER D 359 12.66 -38.68 13.39
CA SER D 359 13.96 -39.05 13.93
C SER D 359 13.84 -40.18 14.95
N ASP D 360 12.73 -40.21 15.66
CA ASP D 360 12.48 -41.24 16.64
C ASP D 360 12.14 -42.57 15.95
N ALA D 361 11.63 -42.48 14.73
CA ALA D 361 11.33 -43.66 13.93
C ALA D 361 12.60 -44.18 13.24
N LEU D 362 13.45 -43.26 12.79
CA LEU D 362 14.73 -43.63 12.19
C LEU D 362 15.63 -44.31 13.20
N GLN D 363 15.43 -43.98 14.47
CA GLN D 363 16.14 -44.58 15.58
C GLN D 363 15.61 -45.97 15.81
N HIS D 364 14.29 -46.06 16.00
CA HIS D 364 13.60 -47.33 16.18
C HIS D 364 13.93 -48.29 15.03
N LEU D 365 14.01 -47.77 13.81
CA LEU D 365 14.42 -48.57 12.66
C LEU D 365 15.80 -49.16 12.87
N ALA D 366 16.71 -48.37 13.44
CA ALA D 366 18.07 -48.85 13.66
C ALA D 366 18.13 -49.90 14.78
N GLN D 367 17.38 -49.68 15.86
CA GLN D 367 17.30 -50.65 16.96
C GLN D 367 16.72 -51.95 16.44
N SER D 368 15.74 -51.85 15.55
CA SER D 368 15.04 -53.01 15.01
C SER D 368 15.85 -53.72 13.92
N ASP D 369 16.97 -53.14 13.53
CA ASP D 369 17.86 -53.76 12.54
C ASP D 369 19.02 -54.45 13.23
N THR D 370 19.33 -54.00 14.45
CA THR D 370 20.36 -54.63 15.26
C THR D 370 19.70 -55.66 16.17
N TYR D 371 18.39 -55.54 16.36
CA TYR D 371 17.60 -56.56 17.02
C TYR D 371 17.45 -57.73 16.04
N LEU D 372 17.25 -57.37 14.77
CA LEU D 372 17.42 -58.31 13.66
C LEU D 372 18.94 -58.40 13.45
N SER D 373 19.38 -59.10 12.40
CA SER D 373 20.82 -59.20 12.08
C SER D 373 21.69 -59.52 13.30
N ALA D 374 21.06 -60.02 14.34
CA ALA D 374 21.74 -60.61 15.48
C ALA D 374 21.21 -62.02 15.48
N ILE D 375 20.13 -62.19 14.73
CA ILE D 375 19.46 -63.47 14.58
C ILE D 375 19.93 -64.19 13.31
N LEU E 1 1.45 -13.86 30.04
CA LEU E 1 2.60 -13.23 29.42
C LEU E 1 3.71 -12.98 30.45
N ASP E 2 4.92 -13.41 30.11
CA ASP E 2 6.07 -13.27 30.99
C ASP E 2 7.15 -12.38 30.35
N PRO E 3 7.00 -11.05 30.44
CA PRO E 3 7.95 -10.15 29.78
C PRO E 3 9.38 -10.30 30.28
N ALA E 4 9.55 -10.77 31.52
CA ALA E 4 10.88 -10.92 32.07
C ALA E 4 11.67 -11.99 31.31
N ALA E 5 11.05 -13.16 31.12
CA ALA E 5 11.70 -14.23 30.39
C ALA E 5 11.99 -13.76 28.97
N LEU E 6 10.99 -13.11 28.37
CA LEU E 6 11.09 -12.71 26.98
C LEU E 6 12.25 -11.77 26.70
N MET E 7 12.59 -10.92 27.66
CA MET E 7 13.68 -9.97 27.45
C MET E 7 15.02 -10.68 27.44
N GLN E 8 15.04 -11.86 28.05
CA GLN E 8 16.25 -12.65 28.10
C GLN E 8 16.62 -13.23 26.75
N ILE E 9 15.68 -13.20 25.80
CA ILE E 9 15.98 -13.64 24.45
C ILE E 9 15.75 -12.51 23.45
N GLY E 10 15.74 -11.27 23.94
CA GLY E 10 15.70 -10.10 23.06
C GLY E 10 14.33 -9.66 22.59
N VAL E 11 13.28 -10.10 23.26
CA VAL E 11 11.92 -9.71 22.88
C VAL E 11 11.52 -8.61 23.83
N ILE E 12 11.39 -7.40 23.30
CA ILE E 12 11.16 -6.22 24.13
C ILE E 12 9.71 -5.73 24.02
N PRO E 13 8.95 -5.74 25.13
CA PRO E 13 7.67 -5.06 25.18
C PRO E 13 7.84 -3.53 25.09
N THR E 14 7.45 -2.93 23.98
CA THR E 14 7.78 -1.53 23.76
C THR E 14 6.66 -0.59 24.15
N ASN E 15 5.41 -1.06 23.99
CA ASN E 15 4.23 -0.33 24.42
C ASN E 15 3.25 -1.28 25.09
N VAL E 16 2.58 -0.78 26.12
CA VAL E 16 1.43 -1.45 26.72
C VAL E 16 0.26 -0.48 26.68
N ARG E 17 -0.82 -0.87 26.00
CA ARG E 17 -1.96 0.01 25.75
C ARG E 17 -3.28 -0.60 26.22
N GLN E 18 -4.26 0.27 26.44
CA GLN E 18 -5.62 -0.17 26.74
C GLN E 18 -6.39 -0.41 25.46
N LEU E 19 -7.31 -1.38 25.53
CA LEU E 19 -8.20 -1.69 24.42
C LEU E 19 -9.57 -1.03 24.63
N MET E 20 -10.02 -0.29 23.63
CA MET E 20 -11.30 0.40 23.70
C MET E 20 -12.26 -0.21 22.69
N TYR E 21 -13.53 -0.29 23.08
CA TYR E 21 -14.61 -0.59 22.15
C TYR E 21 -15.72 0.42 22.43
N TYR E 22 -16.80 0.37 21.64
CA TYR E 22 -17.87 1.35 21.79
C TYR E 22 -19.27 0.73 21.94
N THR E 23 -20.12 1.34 22.77
CA THR E 23 -21.49 0.86 22.95
C THR E 23 -22.55 1.76 22.31
N GLU E 24 -22.12 2.93 21.83
CA GLU E 24 -23.02 3.88 21.15
C GLU E 24 -22.24 4.98 20.45
N ALA E 25 -22.86 5.64 19.48
CA ALA E 25 -22.21 6.69 18.71
C ALA E 25 -23.05 7.96 18.59
N SER E 26 -22.39 9.10 18.52
CA SER E 26 -23.07 10.36 18.22
C SER E 26 -22.94 10.66 16.73
N SER E 27 -24.08 10.87 16.07
CA SER E 27 -24.08 11.07 14.63
C SER E 27 -24.41 12.49 14.23
N ALA E 28 -24.09 12.85 12.99
CA ALA E 28 -24.39 14.17 12.46
C ALA E 28 -24.65 14.05 10.97
N PHE E 29 -25.59 14.84 10.46
CA PHE E 29 -25.93 14.79 9.05
C PHE E 29 -25.30 15.93 8.27
N ILE E 30 -24.61 15.57 7.20
CA ILE E 30 -24.03 16.50 6.26
C ILE E 30 -24.72 16.28 4.93
N VAL E 31 -25.11 17.35 4.27
CA VAL E 31 -25.52 17.24 2.89
C VAL E 31 -24.44 17.88 2.02
N VAL E 32 -23.90 17.12 1.07
CA VAL E 32 -22.84 17.61 0.21
C VAL E 32 -23.46 18.18 -1.06
N LYS E 33 -23.30 19.48 -1.28
CA LYS E 33 -23.67 20.09 -2.57
C LYS E 33 -22.55 19.79 -3.53
N LEU E 34 -22.84 19.07 -4.60
CA LEU E 34 -21.82 18.70 -5.56
C LEU E 34 -21.70 19.77 -6.62
N MET E 35 -22.72 20.61 -6.69
CA MET E 35 -22.75 21.73 -7.63
C MET E 35 -22.68 23.06 -6.90
N PRO E 36 -21.62 23.84 -7.18
CA PRO E 36 -21.51 25.18 -6.59
C PRO E 36 -22.53 26.18 -7.15
N THR E 37 -22.82 27.22 -6.38
CA THR E 37 -23.78 28.25 -6.74
C THR E 37 -23.07 29.40 -7.46
N ILE E 38 -23.66 29.86 -8.55
CA ILE E 38 -23.11 31.00 -9.29
C ILE E 38 -24.07 32.19 -9.31
N ASP E 39 -23.95 33.05 -8.30
CA ASP E 39 -24.85 34.19 -8.16
C ASP E 39 -24.62 35.30 -9.19
N SER E 40 -23.50 35.22 -9.90
CA SER E 40 -23.21 36.14 -10.99
C SER E 40 -24.26 36.03 -12.10
N PRO E 41 -24.79 37.19 -12.53
CA PRO E 41 -25.76 37.29 -13.63
C PRO E 41 -25.13 36.91 -14.97
N ILE E 42 -25.82 36.07 -15.74
CA ILE E 42 -25.31 35.66 -17.04
C ILE E 42 -25.94 36.46 -18.18
N SER E 43 -25.11 36.97 -19.09
CA SER E 43 -25.60 37.72 -20.24
C SER E 43 -24.96 37.24 -21.54
N GLY E 44 -25.77 36.61 -22.39
CA GLY E 44 -25.34 36.23 -23.73
C GLY E 44 -24.17 35.27 -23.84
N CYS E 45 -24.23 34.16 -23.11
CA CYS E 45 -23.25 33.09 -23.24
C CYS E 45 -23.70 31.83 -22.52
N ASN E 46 -23.06 30.71 -22.86
CA ASN E 46 -23.35 29.43 -22.23
C ASN E 46 -22.14 28.91 -21.46
N ILE E 47 -22.27 28.80 -20.14
CA ILE E 47 -21.23 28.15 -19.34
C ILE E 47 -21.32 26.63 -19.50
N THR E 48 -20.65 26.14 -20.55
CA THR E 48 -20.78 24.76 -20.99
C THR E 48 -20.12 23.76 -20.02
N SER E 49 -19.24 24.28 -19.18
CA SER E 49 -18.49 23.44 -18.27
C SER E 49 -19.37 22.92 -17.13
N ILE E 50 -20.46 23.63 -16.86
CA ILE E 50 -21.37 23.26 -15.78
C ILE E 50 -22.19 22.02 -16.16
N SER E 51 -22.62 21.99 -17.42
CA SER E 51 -23.46 20.92 -17.94
C SER E 51 -22.75 19.57 -18.01
N SER E 52 -21.50 19.60 -18.49
CA SER E 52 -20.73 18.38 -18.69
C SER E 52 -20.25 17.86 -17.33
N TYR E 53 -19.94 18.78 -16.43
CA TYR E 53 -19.63 18.41 -15.06
C TYR E 53 -20.86 17.71 -14.48
N ASN E 54 -22.02 18.31 -14.73
CA ASN E 54 -23.30 17.76 -14.27
C ASN E 54 -23.55 16.34 -14.77
N ALA E 55 -23.48 16.14 -16.08
CA ALA E 55 -23.73 14.83 -16.66
C ALA E 55 -22.80 13.74 -16.10
N THR E 56 -21.53 14.10 -15.95
CA THR E 56 -20.50 13.15 -15.57
C THR E 56 -20.62 12.75 -14.10
N VAL E 57 -20.86 13.74 -13.24
CA VAL E 57 -21.02 13.46 -11.83
C VAL E 57 -22.30 12.65 -11.64
N THR E 58 -23.31 12.97 -12.44
CA THR E 58 -24.59 12.28 -12.41
C THR E 58 -24.46 10.81 -12.82
N LYS E 59 -23.62 10.54 -13.81
CA LYS E 59 -23.42 9.18 -14.25
C LYS E 59 -22.57 8.43 -13.25
N LEU E 60 -21.66 9.16 -12.61
CA LEU E 60 -20.78 8.59 -11.60
C LEU E 60 -21.58 8.07 -10.39
N LEU E 61 -22.68 8.76 -10.09
CA LEU E 61 -23.47 8.48 -8.89
C LEU E 61 -24.74 7.66 -9.12
N GLN E 62 -25.10 7.42 -10.38
CA GLN E 62 -26.27 6.59 -10.70
C GLN E 62 -26.33 5.24 -9.96
N PRO E 63 -25.22 4.47 -9.94
CA PRO E 63 -25.33 3.19 -9.23
C PRO E 63 -25.63 3.33 -7.75
N ILE E 64 -25.10 4.36 -7.10
CA ILE E 64 -25.39 4.59 -5.69
C ILE E 64 -26.84 5.00 -5.53
N GLY E 65 -27.26 5.98 -6.34
CA GLY E 65 -28.65 6.40 -6.39
C GLY E 65 -29.63 5.27 -6.67
N GLU E 66 -29.31 4.41 -7.62
CA GLU E 66 -30.16 3.27 -7.92
C GLU E 66 -30.24 2.35 -6.72
N ASN E 67 -29.11 2.19 -6.02
CA ASN E 67 -29.04 1.28 -4.88
C ASN E 67 -29.78 1.80 -3.65
N LEU E 68 -29.76 3.11 -3.43
CA LEU E 68 -30.47 3.72 -2.33
C LEU E 68 -31.96 3.56 -2.52
N GLU E 69 -32.40 3.78 -3.76
CA GLU E 69 -33.81 3.69 -4.12
C GLU E 69 -34.34 2.28 -3.94
N THR E 70 -33.56 1.31 -4.42
CA THR E 70 -33.92 -0.10 -4.27
C THR E 70 -34.12 -0.43 -2.81
N ILE E 71 -33.14 -0.09 -1.98
CA ILE E 71 -33.18 -0.42 -0.57
C ILE E 71 -34.30 0.31 0.14
N ARG E 72 -34.40 1.61 -0.10
CA ARG E 72 -35.43 2.42 0.52
C ARG E 72 -36.83 1.97 0.10
N ASN E 73 -36.95 1.44 -1.12
CA ASN E 73 -38.25 0.99 -1.62
C ASN E 73 -38.65 -0.42 -1.22
N GLN E 74 -37.70 -1.27 -0.84
CA GLN E 74 -38.01 -2.68 -0.68
C GLN E 74 -37.64 -3.23 0.68
N LEU E 75 -36.97 -2.41 1.47
CA LEU E 75 -36.55 -2.79 2.80
C LEU E 75 -37.43 -2.05 3.78
N ILE E 76 -38.44 -2.71 4.29
CA ILE E 76 -39.52 -2.00 4.98
C ILE E 76 -39.59 -2.45 6.43
N PRO E 77 -39.44 -1.49 7.37
CA PRO E 77 -39.54 -1.78 8.81
C PRO E 77 -40.97 -2.07 9.22
N THR E 78 -41.21 -3.25 9.81
CA THR E 78 -42.56 -3.62 10.21
C THR E 78 -43.01 -2.81 11.41
N ARG E 79 -44.32 -2.80 11.63
CA ARG E 79 -44.96 -2.03 12.68
C ARG E 79 -44.38 -2.25 14.06
N ARG E 80 -44.73 -1.33 14.98
CA ARG E 80 -44.06 -1.15 16.28
C ARG E 80 -42.63 -0.64 16.06
N ARG E 81 -42.04 -0.07 17.11
CA ARG E 81 -40.80 0.71 17.03
C ARG E 81 -40.98 2.02 16.28
N PHE F 1 -32.28 0.13 16.30
CA PHE F 1 -33.10 -0.64 15.38
C PHE F 1 -32.98 -2.13 15.67
N ALA F 2 -33.91 -2.76 16.39
CA ALA F 2 -35.23 -2.25 16.86
C ALA F 2 -36.25 -1.95 15.75
N GLY F 3 -37.18 -2.88 15.56
CA GLY F 3 -38.09 -2.86 14.43
C GLY F 3 -37.79 -4.02 13.50
N VAL F 4 -38.82 -4.66 12.96
CA VAL F 4 -38.62 -5.84 12.12
C VAL F 4 -38.61 -5.51 10.63
N VAL F 5 -37.47 -5.74 9.97
CA VAL F 5 -37.35 -5.34 8.57
C VAL F 5 -37.80 -6.44 7.59
N ILE F 6 -38.61 -6.02 6.61
CA ILE F 6 -39.14 -6.93 5.59
C ILE F 6 -38.47 -6.64 4.26
N GLY F 7 -38.04 -7.70 3.59
CA GLY F 7 -37.52 -7.59 2.24
C GLY F 7 -36.01 -7.57 2.14
N LEU F 8 -35.32 -8.32 2.99
CA LEU F 8 -33.85 -8.37 2.91
C LEU F 8 -33.37 -9.04 1.61
N ALA F 9 -34.25 -9.83 1.01
CA ALA F 9 -33.98 -10.48 -0.28
C ALA F 9 -33.47 -9.47 -1.29
N ALA F 10 -33.94 -8.24 -1.16
CA ALA F 10 -33.58 -7.18 -2.10
C ALA F 10 -32.09 -6.87 -2.09
N LEU F 11 -31.38 -7.30 -1.04
CA LEU F 11 -29.94 -7.09 -0.96
C LEU F 11 -29.12 -8.11 -1.78
N GLY F 12 -29.76 -9.21 -2.16
CA GLY F 12 -29.07 -10.28 -2.85
C GLY F 12 -28.20 -10.94 -1.81
N VAL F 13 -26.91 -11.09 -2.12
CA VAL F 13 -25.98 -11.66 -1.15
C VAL F 13 -25.25 -10.55 -0.41
N ALA F 14 -25.33 -10.56 0.92
CA ALA F 14 -24.81 -9.46 1.71
C ALA F 14 -24.12 -10.00 2.96
N THR F 15 -23.03 -9.35 3.35
CA THR F 15 -22.35 -9.64 4.61
C THR F 15 -23.14 -9.02 5.76
N ALA F 16 -22.91 -9.56 6.96
CA ALA F 16 -23.47 -9.04 8.19
C ALA F 16 -23.24 -7.53 8.33
N ALA F 17 -22.10 -7.05 7.87
CA ALA F 17 -21.79 -5.63 7.95
C ALA F 17 -22.71 -4.84 7.02
N GLN F 18 -22.91 -5.38 5.83
CA GLN F 18 -23.80 -4.80 4.83
C GLN F 18 -25.28 -4.83 5.25
N VAL F 19 -25.72 -5.96 5.81
CA VAL F 19 -27.07 -6.02 6.36
C VAL F 19 -27.25 -4.94 7.41
N THR F 20 -26.29 -4.85 8.31
CA THR F 20 -26.33 -3.88 9.38
C THR F 20 -26.41 -2.47 8.82
N ALA F 21 -25.60 -2.18 7.81
CA ALA F 21 -25.59 -0.86 7.20
C ALA F 21 -26.95 -0.56 6.57
N ALA F 22 -27.56 -1.55 5.94
CA ALA F 22 -28.83 -1.34 5.24
C ALA F 22 -29.94 -1.06 6.22
N VAL F 23 -29.88 -1.69 7.37
CA VAL F 23 -30.86 -1.44 8.39
C VAL F 23 -30.72 -0.01 8.89
N ALA F 24 -29.50 0.48 9.00
CA ALA F 24 -29.23 1.86 9.43
C ALA F 24 -29.75 2.85 8.38
N LEU F 25 -29.56 2.50 7.12
CA LEU F 25 -30.08 3.28 5.99
C LEU F 25 -31.58 3.54 6.11
N VAL F 26 -32.36 2.51 6.42
CA VAL F 26 -33.81 2.69 6.47
C VAL F 26 -34.21 3.45 7.72
N LYS F 27 -33.44 3.28 8.80
CA LYS F 27 -33.65 4.06 10.01
C LYS F 27 -33.47 5.55 9.74
N ALA F 28 -32.63 5.89 8.77
CA ALA F 28 -32.32 7.27 8.46
C ALA F 28 -33.27 7.87 7.42
N ASN F 29 -34.29 7.12 7.01
CA ASN F 29 -35.23 7.58 5.97
C ASN F 29 -35.74 8.99 6.23
N GLU F 30 -36.31 9.18 7.42
CA GLU F 30 -36.92 10.43 7.82
C GLU F 30 -35.95 11.61 7.83
N ASN F 31 -34.82 11.40 8.52
CA ASN F 31 -33.76 12.40 8.60
C ASN F 31 -33.25 12.85 7.24
N ALA F 32 -33.01 11.89 6.36
CA ALA F 32 -32.56 12.19 5.00
C ALA F 32 -33.64 12.95 4.23
N ALA F 33 -34.88 12.48 4.36
CA ALA F 33 -36.01 13.06 3.65
C ALA F 33 -36.25 14.52 4.02
N ALA F 34 -36.12 14.84 5.31
CA ALA F 34 -36.33 16.19 5.79
C ALA F 34 -35.28 17.16 5.27
N ILE F 35 -34.02 16.72 5.27
CA ILE F 35 -32.93 17.56 4.76
C ILE F 35 -33.13 17.78 3.27
N LEU F 36 -33.35 16.70 2.54
CA LEU F 36 -33.56 16.76 1.11
C LEU F 36 -34.84 17.52 0.75
N ASN F 37 -35.74 17.68 1.71
CA ASN F 37 -36.93 18.48 1.46
C ASN F 37 -36.59 19.97 1.26
N LEU F 38 -35.40 20.35 1.71
CA LEU F 38 -34.95 21.73 1.68
C LEU F 38 -33.93 21.92 0.56
N LYS F 39 -33.81 20.92 -0.31
CA LYS F 39 -32.80 20.92 -1.36
C LYS F 39 -32.79 22.22 -2.17
N ASN F 40 -33.98 22.79 -2.35
CA ASN F 40 -34.13 24.02 -3.10
C ASN F 40 -33.43 25.18 -2.41
N ALA F 41 -33.82 25.44 -1.16
CA ALA F 41 -33.16 26.43 -0.32
C ALA F 41 -31.64 26.24 -0.22
N ILE F 42 -31.22 25.02 0.11
CA ILE F 42 -29.82 24.66 0.26
C ILE F 42 -29.00 25.04 -0.97
N GLN F 43 -29.59 24.82 -2.14
CA GLN F 43 -28.91 25.05 -3.41
C GLN F 43 -28.83 26.54 -3.73
N LYS F 44 -29.80 27.30 -3.24
CA LYS F 44 -29.84 28.74 -3.49
C LYS F 44 -28.80 29.47 -2.65
N THR F 45 -28.43 28.87 -1.51
CA THR F 45 -27.51 29.50 -0.58
C THR F 45 -26.08 29.39 -1.05
N ASN F 46 -25.43 30.54 -1.28
CA ASN F 46 -24.01 30.55 -1.59
C ASN F 46 -23.19 30.56 -0.29
N ALA F 47 -22.65 29.41 0.06
CA ALA F 47 -21.87 29.24 1.28
C ALA F 47 -21.12 27.92 1.18
N ALA F 48 -19.87 27.92 1.66
CA ALA F 48 -19.11 26.67 1.71
C ALA F 48 -19.65 25.81 2.85
N VAL F 49 -20.07 26.48 3.92
CA VAL F 49 -20.65 25.81 5.07
C VAL F 49 -21.84 26.63 5.55
N ALA F 50 -22.98 25.96 5.75
CA ALA F 50 -24.19 26.61 6.22
C ALA F 50 -25.08 25.63 6.97
N ASP F 51 -25.84 26.15 7.93
CA ASP F 51 -26.70 25.31 8.75
C ASP F 51 -27.97 24.97 7.97
N VAL F 52 -28.39 23.71 8.04
CA VAL F 52 -29.67 23.33 7.47
C VAL F 52 -30.71 23.29 8.57
N VAL F 53 -31.56 24.31 8.57
CA VAL F 53 -32.46 24.55 9.69
C VAL F 53 -33.91 24.52 9.24
N GLN F 54 -34.77 23.87 10.03
CA GLN F 54 -36.21 23.91 9.78
C GLN F 54 -37.00 24.12 11.07
N ALA F 55 -37.75 25.23 11.12
CA ALA F 55 -38.52 25.63 12.29
C ALA F 55 -37.65 25.76 13.55
N THR F 56 -36.64 26.62 13.48
CA THR F 56 -35.69 26.86 14.57
C THR F 56 -34.96 25.59 15.00
N GLN F 57 -34.79 24.66 14.06
CA GLN F 57 -34.15 23.38 14.36
C GLN F 57 -33.14 23.00 13.29
N SER F 58 -31.89 22.81 13.71
CA SER F 58 -30.82 22.38 12.81
C SER F 58 -30.92 20.90 12.50
N LEU F 59 -31.06 20.57 11.22
CA LEU F 59 -31.10 19.18 10.80
C LEU F 59 -29.69 18.69 10.50
N GLY F 60 -28.82 19.63 10.15
CA GLY F 60 -27.43 19.30 9.85
C GLY F 60 -26.67 20.44 9.20
N THR F 61 -25.63 20.10 8.46
CA THR F 61 -24.77 21.09 7.83
C THR F 61 -24.72 20.85 6.34
N ALA F 62 -24.87 21.92 5.55
CA ALA F 62 -24.71 21.82 4.11
C ALA F 62 -23.34 22.32 3.73
N VAL F 63 -22.60 21.53 2.96
CA VAL F 63 -21.25 21.88 2.58
C VAL F 63 -21.04 21.97 1.07
N GLN F 64 -20.13 22.85 0.66
CA GLN F 64 -19.78 22.96 -0.76
C GLN F 64 -18.27 23.08 -0.89
N ALA F 65 -17.64 21.97 -1.29
CA ALA F 65 -16.19 21.83 -1.28
C ALA F 65 -15.38 22.85 -2.10
N VAL F 66 -15.97 23.43 -3.14
CA VAL F 66 -15.23 24.34 -4.03
C VAL F 66 -15.81 25.77 -4.07
N GLN F 67 -16.73 26.06 -3.16
CA GLN F 67 -17.54 27.27 -3.24
C GLN F 67 -16.75 28.57 -3.08
N ASP F 68 -15.83 28.58 -2.12
CA ASP F 68 -15.04 29.77 -1.82
C ASP F 68 -14.11 30.13 -2.98
N HIS F 69 -13.45 29.11 -3.52
CA HIS F 69 -12.60 29.23 -4.70
C HIS F 69 -13.37 29.77 -5.91
N ILE F 70 -14.55 29.20 -6.17
CA ILE F 70 -15.42 29.67 -7.24
C ILE F 70 -15.81 31.12 -7.00
N ASN F 71 -16.04 31.47 -5.73
CA ASN F 71 -16.43 32.82 -5.35
C ASN F 71 -15.33 33.87 -5.57
N SER F 72 -14.08 33.44 -5.44
CA SER F 72 -12.96 34.37 -5.54
C SER F 72 -12.37 34.45 -6.94
N VAL F 73 -12.97 33.77 -7.91
CA VAL F 73 -12.46 33.79 -9.27
C VAL F 73 -13.57 34.11 -10.26
N VAL F 74 -14.81 34.12 -9.79
CA VAL F 74 -15.94 34.36 -10.69
C VAL F 74 -16.22 35.87 -10.82
N SER F 75 -16.37 36.32 -12.06
CA SER F 75 -16.70 37.70 -12.33
C SER F 75 -18.04 38.05 -11.68
N PRO F 76 -18.19 39.32 -11.25
CA PRO F 76 -19.45 39.78 -10.65
C PRO F 76 -20.63 39.67 -11.61
N ALA F 77 -20.34 39.64 -12.91
CA ALA F 77 -21.38 39.49 -13.93
C ALA F 77 -20.81 38.84 -15.19
N ILE F 78 -21.29 37.64 -15.50
CA ILE F 78 -20.84 36.91 -16.68
C ILE F 78 -21.42 37.56 -17.94
N THR F 79 -20.53 38.03 -18.82
CA THR F 79 -20.98 38.64 -20.06
C THR F 79 -20.46 37.90 -21.28
N ALA F 80 -20.74 38.44 -22.46
CA ALA F 80 -20.29 37.85 -23.71
C ALA F 80 -18.77 37.90 -23.84
N ALA F 81 -18.15 38.88 -23.19
CA ALA F 81 -16.70 39.05 -23.24
C ALA F 81 -15.97 37.99 -22.41
N ASN F 82 -16.14 38.06 -21.10
CA ASN F 82 -15.43 37.17 -20.18
C ASN F 82 -15.85 35.70 -20.27
N CYS F 83 -16.89 35.43 -21.07
CA CYS F 83 -17.48 34.09 -21.13
C CYS F 83 -16.47 32.99 -21.41
N LYS F 84 -15.50 33.27 -22.28
CA LYS F 84 -14.47 32.29 -22.59
C LYS F 84 -13.55 32.06 -21.39
N ALA F 85 -13.12 33.15 -20.76
CA ALA F 85 -12.25 33.06 -19.59
C ALA F 85 -13.02 32.53 -18.37
N GLN F 86 -14.24 33.02 -18.20
CA GLN F 86 -15.07 32.60 -17.08
C GLN F 86 -15.34 31.10 -17.12
N ASP F 87 -15.68 30.59 -18.30
CA ASP F 87 -15.94 29.16 -18.44
C ASP F 87 -14.67 28.34 -18.29
N ALA F 88 -13.53 28.93 -18.68
CA ALA F 88 -12.25 28.26 -18.55
C ALA F 88 -11.95 27.98 -17.07
N ILE F 89 -11.91 29.04 -16.28
CA ILE F 89 -11.56 28.92 -14.87
C ILE F 89 -12.59 28.10 -14.10
N ILE F 90 -13.87 28.33 -14.38
CA ILE F 90 -14.94 27.53 -13.75
C ILE F 90 -14.77 26.06 -14.08
N GLY F 91 -14.56 25.76 -15.36
CA GLY F 91 -14.39 24.39 -15.81
C GLY F 91 -13.22 23.66 -15.18
N SER F 92 -12.13 24.38 -14.97
CA SER F 92 -10.95 23.78 -14.35
C SER F 92 -11.25 23.38 -12.90
N ILE F 93 -11.96 24.26 -12.19
CA ILE F 93 -12.27 24.04 -10.78
C ILE F 93 -13.19 22.82 -10.57
N LEU F 94 -14.26 22.74 -11.37
CA LEU F 94 -15.16 21.60 -11.31
C LEU F 94 -14.47 20.32 -11.75
N ASN F 95 -13.67 20.41 -12.82
CA ASN F 95 -12.97 19.23 -13.34
C ASN F 95 -11.96 18.65 -12.38
N LEU F 96 -11.30 19.50 -11.61
CA LEU F 96 -10.35 19.03 -10.61
C LEU F 96 -11.12 18.31 -9.51
N TYR F 97 -12.25 18.88 -9.11
CA TYR F 97 -13.10 18.27 -8.09
C TYR F 97 -13.64 16.93 -8.61
N LEU F 98 -14.16 16.95 -9.83
CA LEU F 98 -14.65 15.76 -10.52
C LEU F 98 -13.62 14.63 -10.52
N THR F 99 -12.38 14.97 -10.85
CA THR F 99 -11.28 14.02 -10.85
C THR F 99 -11.13 13.35 -9.47
N GLU F 100 -11.29 14.16 -8.43
CA GLU F 100 -11.14 13.66 -7.07
C GLU F 100 -12.31 12.77 -6.70
N LEU F 101 -13.51 13.14 -7.10
CA LEU F 101 -14.69 12.29 -6.93
C LEU F 101 -14.50 10.90 -7.56
N THR F 102 -13.98 10.87 -8.79
CA THR F 102 -13.80 9.61 -9.49
C THR F 102 -12.78 8.69 -8.85
N THR F 103 -12.03 9.19 -7.87
CA THR F 103 -11.07 8.35 -7.16
C THR F 103 -11.68 7.63 -5.94
N ILE F 104 -12.92 7.97 -5.59
CA ILE F 104 -13.58 7.33 -4.45
C ILE F 104 -14.92 6.65 -4.78
N PHE F 105 -15.47 6.92 -5.96
CA PHE F 105 -16.74 6.29 -6.32
C PHE F 105 -16.67 5.34 -7.52
N HIS F 106 -15.71 4.42 -7.56
CA HIS F 106 -15.80 3.38 -8.59
C HIS F 106 -16.94 2.42 -8.28
N ASN F 107 -17.71 2.07 -9.29
CA ASN F 107 -18.83 1.15 -9.13
C ASN F 107 -18.36 -0.29 -9.41
N GLN F 108 -18.19 -1.06 -8.34
CA GLN F 108 -17.56 -2.36 -8.42
C GLN F 108 -18.41 -3.47 -7.80
N ILE F 109 -19.25 -3.12 -6.83
CA ILE F 109 -19.94 -4.14 -6.04
C ILE F 109 -21.45 -4.08 -6.17
N THR F 110 -22.12 -4.98 -5.45
CA THR F 110 -23.57 -5.17 -5.56
C THR F 110 -24.39 -4.05 -4.90
N ASN F 111 -24.03 -3.71 -3.66
CA ASN F 111 -24.71 -2.66 -2.93
C ASN F 111 -23.78 -1.47 -2.60
N PRO F 112 -23.46 -0.65 -3.61
CA PRO F 112 -22.49 0.45 -3.48
C PRO F 112 -22.87 1.49 -2.44
N ALA F 113 -24.16 1.67 -2.21
CA ALA F 113 -24.63 2.66 -1.24
C ALA F 113 -24.31 2.25 0.20
N LEU F 114 -24.08 0.96 0.43
CA LEU F 114 -23.77 0.48 1.77
C LEU F 114 -22.27 0.61 2.14
N SER F 115 -21.42 0.91 1.17
CA SER F 115 -19.99 1.03 1.43
C SER F 115 -19.69 2.23 2.32
N PRO F 116 -18.86 2.01 3.36
CA PRO F 116 -18.51 3.09 4.30
C PRO F 116 -17.73 4.23 3.63
N ILE F 117 -17.97 5.46 4.07
CA ILE F 117 -17.18 6.59 3.61
C ILE F 117 -16.08 6.82 4.62
N THR F 118 -14.85 6.50 4.25
CA THR F 118 -13.70 6.64 5.14
C THR F 118 -13.28 8.10 5.26
N ILE F 119 -12.46 8.40 6.26
CA ILE F 119 -11.96 9.75 6.46
C ILE F 119 -11.22 10.26 5.21
N GLN F 120 -10.51 9.35 4.52
CA GLN F 120 -9.82 9.71 3.28
C GLN F 120 -10.82 10.18 2.24
N ALA F 121 -11.92 9.44 2.13
CA ALA F 121 -13.00 9.82 1.23
C ALA F 121 -13.68 11.12 1.70
N LEU F 122 -13.83 11.28 3.02
CA LEU F 122 -14.45 12.50 3.55
C LEU F 122 -13.61 13.75 3.25
N ARG F 123 -12.29 13.62 3.35
CA ARG F 123 -11.37 14.71 3.02
C ARG F 123 -11.57 15.20 1.60
N ILE F 124 -11.68 14.28 0.65
CA ILE F 124 -11.90 14.60 -0.75
C ILE F 124 -13.27 15.19 -0.95
N LEU F 125 -14.25 14.57 -0.32
CA LEU F 125 -15.64 14.96 -0.49
C LEU F 125 -15.87 16.41 0.00
N LEU F 126 -15.39 16.73 1.21
CA LEU F 126 -15.70 18.03 1.80
C LEU F 126 -14.61 19.08 1.55
N GLY F 127 -13.41 18.63 1.20
CA GLY F 127 -12.30 19.53 0.99
C GLY F 127 -11.96 20.35 2.23
N SER F 128 -11.91 21.67 2.06
CA SER F 128 -11.49 22.57 3.12
C SER F 128 -12.59 22.81 4.15
N THR F 129 -13.80 22.35 3.86
CA THR F 129 -14.90 22.51 4.79
C THR F 129 -14.82 21.49 5.92
N LEU F 130 -14.08 20.40 5.71
CA LEU F 130 -14.03 19.32 6.72
C LEU F 130 -13.60 19.77 8.13
N PRO F 131 -12.57 20.64 8.23
CA PRO F 131 -12.26 21.14 9.57
C PRO F 131 -13.43 21.88 10.20
N THR F 132 -14.08 22.75 9.43
CA THR F 132 -15.21 23.50 9.95
C THR F 132 -16.35 22.59 10.41
N VAL F 133 -16.63 21.57 9.62
CA VAL F 133 -17.68 20.61 9.92
C VAL F 133 -17.41 19.80 11.20
N VAL F 134 -16.23 19.20 11.28
CA VAL F 134 -15.86 18.39 12.44
C VAL F 134 -15.92 19.19 13.73
N GLU F 135 -15.48 20.45 13.65
CA GLU F 135 -15.44 21.32 14.83
C GLU F 135 -16.83 21.65 15.36
N LYS F 136 -17.81 21.74 14.47
CA LYS F 136 -19.16 22.16 14.86
C LYS F 136 -20.17 21.02 14.99
N SER F 137 -20.07 19.99 14.15
CA SER F 137 -21.09 18.95 14.11
C SER F 137 -21.04 17.99 15.30
N PHE F 138 -19.96 18.03 16.06
CA PHE F 138 -19.82 17.11 17.18
C PHE F 138 -19.59 17.81 18.52
N ASN F 139 -20.48 17.52 19.46
CA ASN F 139 -20.31 17.97 20.85
C ASN F 139 -19.50 16.93 21.62
N THR F 140 -18.18 17.06 21.59
CA THR F 140 -17.32 16.07 22.24
C THR F 140 -16.09 16.68 22.92
N GLN F 141 -15.44 15.87 23.74
CA GLN F 141 -14.22 16.26 24.42
C GLN F 141 -13.00 16.01 23.53
N ILE F 142 -13.11 14.96 22.70
CA ILE F 142 -12.08 14.62 21.73
C ILE F 142 -11.85 15.78 20.76
N SER F 143 -10.60 16.24 20.68
CA SER F 143 -10.26 17.44 19.92
C SER F 143 -10.49 17.25 18.44
N ALA F 144 -10.71 18.38 17.74
CA ALA F 144 -10.84 18.38 16.30
C ALA F 144 -9.60 17.74 15.68
N ALA F 145 -8.42 18.14 16.19
CA ALA F 145 -7.17 17.62 15.69
C ALA F 145 -7.09 16.09 15.78
N GLU F 146 -7.55 15.52 16.89
CA GLU F 146 -7.58 14.06 16.97
C GLU F 146 -8.59 13.45 15.98
N LEU F 147 -9.77 14.06 15.88
CA LEU F 147 -10.78 13.60 14.93
C LEU F 147 -10.31 13.69 13.48
N LEU F 148 -9.67 14.81 13.11
CA LEU F 148 -9.21 15.02 11.75
C LEU F 148 -8.02 14.12 11.36
N SER F 149 -7.24 13.67 12.36
CA SER F 149 -6.01 12.96 12.06
C SER F 149 -6.05 11.44 12.28
N SER F 150 -7.16 10.94 12.80
CA SER F 150 -7.33 9.49 13.00
C SER F 150 -8.39 8.89 12.09
N GLY F 151 -8.72 7.62 12.33
CA GLY F 151 -9.71 6.93 11.52
C GLY F 151 -11.00 6.74 12.28
N LEU F 152 -11.26 7.64 13.23
CA LEU F 152 -12.44 7.55 14.10
C LEU F 152 -13.75 7.90 13.40
N LEU F 153 -13.71 8.89 12.52
CA LEU F 153 -14.88 9.32 11.77
C LEU F 153 -15.12 8.48 10.51
N THR F 154 -16.32 7.93 10.39
CA THR F 154 -16.72 7.28 9.14
C THR F 154 -18.06 7.84 8.75
N GLY F 155 -18.34 7.84 7.45
CA GLY F 155 -19.64 8.24 6.96
C GLY F 155 -20.40 7.12 6.29
N GLN F 156 -21.70 7.31 6.16
CA GLN F 156 -22.54 6.41 5.38
C GLN F 156 -23.47 7.31 4.58
N ILE F 157 -23.63 7.02 3.29
CA ILE F 157 -24.55 7.76 2.45
C ILE F 157 -25.98 7.32 2.76
N VAL F 158 -26.81 8.26 3.22
CA VAL F 158 -28.20 7.93 3.57
C VAL F 158 -29.25 8.60 2.68
N GLY F 159 -28.81 9.38 1.70
CA GLY F 159 -29.73 10.12 0.84
C GLY F 159 -29.02 10.69 -0.36
N LEU F 160 -29.72 10.78 -1.48
CA LEU F 160 -29.13 11.31 -2.69
C LEU F 160 -30.20 11.84 -3.64
N ASP F 161 -30.18 13.14 -3.90
CA ASP F 161 -31.03 13.70 -4.96
C ASP F 161 -30.14 14.00 -6.15
N LEU F 162 -30.33 13.24 -7.22
CA LEU F 162 -29.49 13.38 -8.41
C LEU F 162 -29.75 14.67 -9.19
N THR F 163 -30.99 15.13 -9.25
CA THR F 163 -31.30 16.36 -9.98
C THR F 163 -30.58 17.54 -9.35
N TYR F 164 -30.62 17.62 -8.02
CA TYR F 164 -29.99 18.72 -7.32
C TYR F 164 -28.54 18.43 -6.97
N MET F 165 -28.10 17.20 -7.29
CA MET F 165 -26.75 16.75 -7.01
C MET F 165 -26.38 16.94 -5.54
N GLN F 166 -27.28 16.54 -4.64
CA GLN F 166 -27.01 16.66 -3.21
C GLN F 166 -26.99 15.28 -2.57
N MET F 167 -25.93 15.01 -1.80
CA MET F 167 -25.75 13.72 -1.16
C MET F 167 -25.77 13.89 0.35
N VAL F 168 -26.79 13.33 1.00
CA VAL F 168 -26.83 13.30 2.46
C VAL F 168 -25.98 12.15 3.00
N ILE F 169 -25.15 12.45 3.98
CA ILE F 169 -24.23 11.50 4.58
C ILE F 169 -24.40 11.52 6.10
N LYS F 170 -24.41 10.35 6.72
CA LYS F 170 -24.39 10.30 8.17
C LYS F 170 -22.98 10.01 8.67
N ILE F 171 -22.46 10.89 9.51
CA ILE F 171 -21.14 10.71 10.09
C ILE F 171 -21.33 10.22 11.52
N GLU F 172 -20.61 9.18 11.90
CA GLU F 172 -20.70 8.73 13.28
C GLU F 172 -19.39 9.02 14.01
N LEU F 173 -19.50 9.49 15.24
CA LEU F 173 -18.36 9.51 16.14
C LEU F 173 -18.61 8.47 17.20
N PRO F 174 -17.75 7.45 17.27
CA PRO F 174 -17.92 6.43 18.32
C PRO F 174 -17.75 7.00 19.73
N THR F 175 -18.45 6.41 20.69
CA THR F 175 -18.22 6.74 22.08
C THR F 175 -17.60 5.50 22.74
N LEU F 176 -16.35 5.64 23.17
CA LEU F 176 -15.47 4.52 23.44
C LEU F 176 -15.31 4.21 24.91
N THR F 177 -15.25 2.92 25.24
CA THR F 177 -15.07 2.51 26.63
C THR F 177 -14.01 1.41 26.78
N VAL F 178 -13.07 1.64 27.69
CA VAL F 178 -12.01 0.67 28.00
C VAL F 178 -12.58 -0.74 28.20
N GLN F 179 -12.02 -1.71 27.50
CA GLN F 179 -12.34 -3.11 27.78
C GLN F 179 -11.59 -3.55 29.03
N PRO F 180 -12.32 -4.08 30.01
CA PRO F 180 -11.69 -4.35 31.31
C PRO F 180 -10.71 -5.53 31.28
N ALA F 181 -9.60 -5.39 32.02
CA ALA F 181 -8.62 -6.47 32.20
C ALA F 181 -7.96 -6.93 30.89
N THR F 182 -7.65 -5.99 30.01
CA THR F 182 -7.17 -6.31 28.67
C THR F 182 -6.10 -5.31 28.24
N GLN F 183 -4.96 -5.80 27.75
CA GLN F 183 -3.94 -4.89 27.27
C GLN F 183 -3.52 -5.27 25.88
N ILE F 184 -3.16 -4.26 25.08
CA ILE F 184 -2.52 -4.50 23.80
C ILE F 184 -1.04 -4.17 23.94
N ILE F 185 -0.19 -5.12 23.59
CA ILE F 185 1.25 -5.00 23.84
C ILE F 185 2.06 -5.20 22.57
N ASP F 186 2.97 -4.27 22.32
CA ASP F 186 3.85 -4.33 21.18
C ASP F 186 5.16 -4.98 21.56
N LEU F 187 5.58 -5.97 20.78
CA LEU F 187 6.85 -6.65 21.01
C LEU F 187 7.81 -6.30 19.89
N ALA F 188 9.01 -5.86 20.26
CA ALA F 188 10.08 -5.65 19.30
C ALA F 188 11.13 -6.70 19.57
N THR F 189 11.96 -6.98 18.58
CA THR F 189 13.08 -7.87 18.81
C THR F 189 14.43 -7.22 18.47
N ILE F 190 15.39 -7.39 19.37
CA ILE F 190 16.77 -7.20 19.03
C ILE F 190 17.31 -8.59 18.70
N SER F 191 18.47 -8.67 18.06
CA SER F 191 19.04 -9.99 17.81
C SER F 191 19.64 -10.61 19.07
N ALA F 192 19.68 -11.94 19.12
CA ALA F 192 20.30 -12.64 20.23
C ALA F 192 21.39 -13.46 19.61
N PHE F 193 22.33 -13.94 20.42
CA PHE F 193 23.32 -14.87 19.93
C PHE F 193 23.14 -16.23 20.61
N ILE F 194 22.71 -17.21 19.83
CA ILE F 194 22.26 -18.49 20.38
C ILE F 194 22.89 -19.61 19.58
N ASN F 195 23.56 -20.52 20.28
CA ASN F 195 24.24 -21.64 19.64
C ASN F 195 25.02 -21.24 18.39
N ASN F 196 25.88 -20.25 18.58
CA ASN F 196 26.81 -19.78 17.56
C ASN F 196 26.19 -19.04 16.39
N GLN F 197 24.90 -18.70 16.52
CA GLN F 197 24.22 -17.95 15.47
C GLN F 197 23.59 -16.66 15.99
N GLU F 198 23.64 -15.60 15.18
CA GLU F 198 22.87 -14.41 15.46
C GLU F 198 21.44 -14.57 14.92
N VAL F 199 20.46 -14.49 15.81
CA VAL F 199 19.08 -14.81 15.46
C VAL F 199 18.10 -13.78 16.00
N MET F 200 16.84 -13.82 15.54
CA MET F 200 15.74 -13.13 16.22
C MET F 200 14.63 -14.11 16.53
N ALA F 201 14.01 -13.93 17.69
CA ALA F 201 12.80 -14.65 18.05
C ALA F 201 11.73 -14.39 17.03
N GLN F 202 10.96 -15.43 16.70
CA GLN F 202 9.85 -15.31 15.76
C GLN F 202 8.54 -15.32 16.51
N LEU F 203 7.94 -14.14 16.64
CA LEU F 203 6.74 -13.94 17.46
C LEU F 203 5.87 -12.90 16.76
N PRO F 204 4.56 -12.87 17.07
CA PRO F 204 3.69 -11.80 16.57
C PRO F 204 4.14 -10.46 17.16
N THR F 205 4.06 -9.37 16.41
CA THR F 205 4.58 -8.10 16.91
C THR F 205 3.59 -7.33 17.78
N ARG F 206 2.34 -7.76 17.80
CA ARG F 206 1.37 -7.11 18.65
C ARG F 206 0.42 -8.14 19.16
N VAL F 207 0.22 -8.18 20.47
CA VAL F 207 -0.68 -9.17 21.04
C VAL F 207 -1.75 -8.53 21.93
N MET F 208 -2.89 -9.21 22.05
CA MET F 208 -3.88 -8.86 23.04
C MET F 208 -3.79 -9.88 24.17
N VAL F 209 -3.75 -9.37 25.40
CA VAL F 209 -3.62 -10.18 26.60
C VAL F 209 -4.78 -9.91 27.56
N THR F 210 -5.51 -10.96 27.92
CA THR F 210 -6.54 -10.85 28.94
C THR F 210 -6.60 -12.14 29.77
N GLY F 211 -6.26 -12.03 31.05
CA GLY F 211 -6.12 -13.19 31.89
C GLY F 211 -4.98 -14.07 31.40
N SER F 212 -5.27 -15.34 31.16
CA SER F 212 -4.26 -16.26 30.62
C SER F 212 -4.43 -16.41 29.10
N LEU F 213 -5.30 -15.59 28.53
CA LEU F 213 -5.55 -15.61 27.11
C LEU F 213 -4.63 -14.62 26.38
N ILE F 214 -3.99 -15.10 25.32
CA ILE F 214 -3.14 -14.29 24.47
C ILE F 214 -3.54 -14.55 23.02
N GLN F 215 -3.76 -13.49 22.26
CA GLN F 215 -4.05 -13.65 20.85
C GLN F 215 -3.21 -12.68 20.07
N ALA F 216 -2.98 -12.95 18.80
CA ALA F 216 -2.29 -12.00 17.95
C ALA F 216 -3.29 -10.89 17.66
N TYR F 217 -2.85 -9.65 17.74
CA TYR F 217 -3.78 -8.56 17.56
C TYR F 217 -3.15 -7.43 16.75
N PRO F 218 -2.95 -7.64 15.45
CA PRO F 218 -2.43 -6.49 14.70
C PRO F 218 -3.59 -5.53 14.64
N ALA F 219 -3.35 -4.24 14.67
CA ALA F 219 -4.51 -3.37 14.64
C ALA F 219 -4.32 -2.44 13.47
N SER F 220 -4.30 -3.02 12.27
CA SER F 220 -3.85 -2.30 11.07
C SER F 220 -4.82 -1.21 10.66
N GLN F 221 -6.10 -1.48 10.77
CA GLN F 221 -7.11 -0.49 10.45
C GLN F 221 -7.36 0.44 11.64
N CYS F 222 -7.00 -0.01 12.82
CA CYS F 222 -7.43 0.63 14.06
C CYS F 222 -6.76 1.96 14.34
N THR F 223 -7.42 2.75 15.20
CA THR F 223 -6.89 4.03 15.66
C THR F 223 -6.08 3.85 16.95
N ILE F 224 -4.84 4.28 16.93
CA ILE F 224 -3.90 3.98 18.00
C ILE F 224 -3.33 5.26 18.57
N THR F 225 -3.25 5.33 19.90
CA THR F 225 -2.74 6.47 20.63
C THR F 225 -1.64 5.94 21.53
N PRO F 226 -0.86 6.81 22.19
CA PRO F 226 0.19 6.22 23.01
C PRO F 226 -0.32 5.31 24.13
N ASN F 227 -1.57 5.48 24.55
CA ASN F 227 -2.11 4.71 25.66
C ASN F 227 -3.25 3.77 25.28
N THR F 228 -3.77 3.91 24.07
CA THR F 228 -5.05 3.34 23.77
C THR F 228 -5.18 2.88 22.31
N VAL F 229 -5.81 1.73 22.11
CA VAL F 229 -6.12 1.23 20.77
C VAL F 229 -7.62 1.14 20.64
N TYR F 230 -8.21 1.86 19.69
CA TYR F 230 -9.61 1.64 19.35
C TYR F 230 -9.78 0.89 18.06
N CYS F 231 -10.40 -0.28 18.16
CA CYS F 231 -10.74 -1.07 16.99
C CYS F 231 -12.25 -1.14 16.88
N ARG F 232 -12.76 -1.02 15.65
CA ARG F 232 -14.19 -1.14 15.44
C ARG F 232 -14.52 -2.61 15.46
N TYR F 233 -13.74 -3.38 14.72
CA TYR F 233 -13.91 -4.81 14.61
C TYR F 233 -12.72 -5.56 15.21
N ASN F 234 -13.01 -6.44 16.17
CA ASN F 234 -12.01 -7.33 16.75
C ASN F 234 -11.33 -8.26 15.72
N ASP F 235 -10.08 -7.97 15.36
CA ASP F 235 -9.38 -8.75 14.33
C ASP F 235 -8.29 -9.68 14.88
N ALA F 236 -8.52 -10.23 16.06
CA ALA F 236 -7.60 -11.15 16.70
C ALA F 236 -7.35 -12.42 15.89
N GLN F 237 -6.18 -13.03 16.09
CA GLN F 237 -5.87 -14.32 15.49
C GLN F 237 -5.41 -15.30 16.55
N VAL F 238 -5.78 -16.57 16.39
CA VAL F 238 -5.41 -17.59 17.35
C VAL F 238 -3.90 -17.84 17.23
N LEU F 239 -3.22 -17.97 18.38
CA LEU F 239 -1.82 -18.38 18.43
C LEU F 239 -1.69 -19.88 18.71
N SER F 240 -0.60 -20.49 18.25
CA SER F 240 -0.39 -21.92 18.50
C SER F 240 -0.07 -22.18 19.96
N ASP F 241 -0.08 -23.44 20.37
CA ASP F 241 0.27 -23.80 21.75
C ASP F 241 1.73 -23.46 22.05
N ASP F 242 2.62 -23.68 21.09
CA ASP F 242 4.02 -23.30 21.24
C ASP F 242 4.23 -21.79 21.41
N THR F 243 3.58 -20.98 20.58
CA THR F 243 3.70 -19.52 20.69
C THR F 243 3.16 -19.04 22.01
N MET F 244 2.02 -19.60 22.44
CA MET F 244 1.45 -19.33 23.76
C MET F 244 2.47 -19.63 24.83
N ALA F 245 3.06 -20.82 24.76
CA ALA F 245 4.01 -21.29 25.75
C ALA F 245 5.24 -20.37 25.80
N CYS F 246 5.82 -20.10 24.64
CA CYS F 246 6.91 -19.14 24.53
C CYS F 246 6.61 -17.77 25.18
N LEU F 247 5.48 -17.17 24.78
CA LEU F 247 5.04 -15.88 25.32
C LEU F 247 4.77 -15.91 26.83
N GLN F 248 4.64 -17.10 27.39
CA GLN F 248 4.33 -17.25 28.81
C GLN F 248 5.56 -17.63 29.61
N GLY F 249 6.70 -17.70 28.93
CA GLY F 249 7.97 -17.77 29.62
C GLY F 249 8.69 -19.08 29.40
N ASN F 250 8.11 -19.99 28.62
CA ASN F 250 8.79 -21.25 28.35
C ASN F 250 9.66 -21.07 27.13
N LEU F 251 10.91 -20.66 27.35
CA LEU F 251 11.77 -20.22 26.25
C LEU F 251 12.23 -21.33 25.34
N THR F 252 12.07 -22.57 25.78
CA THR F 252 12.49 -23.70 24.97
C THR F 252 11.51 -23.99 23.86
N ARG F 253 10.34 -23.38 23.92
CA ARG F 253 9.34 -23.55 22.88
C ARG F 253 9.34 -22.40 21.87
N CYS F 254 10.26 -21.45 22.03
CA CYS F 254 10.38 -20.32 21.12
C CYS F 254 11.09 -20.73 19.86
N THR F 255 10.95 -19.91 18.82
CA THR F 255 11.51 -20.17 17.51
C THR F 255 12.35 -18.96 17.14
N PHE F 256 13.54 -19.21 16.58
CA PHE F 256 14.47 -18.15 16.23
C PHE F 256 14.90 -18.33 14.79
N SER F 257 15.04 -17.24 14.06
CA SER F 257 15.56 -17.31 12.70
C SER F 257 16.86 -16.53 12.59
N PRO F 258 17.85 -17.10 11.89
CA PRO F 258 19.11 -16.39 11.66
C PRO F 258 18.79 -15.08 10.97
N VAL F 259 19.47 -14.01 11.36
CA VAL F 259 19.27 -12.72 10.74
C VAL F 259 20.61 -12.13 10.32
N VAL F 260 20.57 -11.19 9.39
CA VAL F 260 21.74 -10.39 9.11
C VAL F 260 21.67 -9.22 10.11
N GLY F 261 22.56 -9.23 11.08
CA GLY F 261 22.47 -8.27 12.15
C GLY F 261 22.87 -6.88 11.68
N SER F 262 22.43 -5.86 12.41
CA SER F 262 22.97 -4.54 12.21
C SER F 262 23.04 -3.83 13.55
N PHE F 263 23.70 -2.68 13.57
CA PHE F 263 23.86 -1.90 14.78
C PHE F 263 22.48 -1.62 15.37
N LEU F 264 21.61 -1.08 14.53
CA LEU F 264 20.33 -0.57 14.98
C LEU F 264 19.34 -1.63 15.44
N THR F 265 19.70 -2.91 15.25
CA THR F 265 18.83 -4.00 15.67
C THR F 265 19.51 -4.86 16.72
N ARG F 266 20.61 -4.37 17.28
CA ARG F 266 21.37 -5.13 18.28
C ARG F 266 21.19 -4.64 19.73
N PHE F 267 20.52 -3.51 19.91
CA PHE F 267 20.22 -3.06 21.25
C PHE F 267 18.98 -2.15 21.33
N VAL F 268 18.49 -2.03 22.56
CA VAL F 268 17.34 -1.22 22.84
C VAL F 268 17.63 -0.52 24.16
N LEU F 269 17.02 0.65 24.38
CA LEU F 269 17.01 1.22 25.72
C LEU F 269 15.70 0.92 26.42
N PHE F 270 15.79 0.47 27.65
CA PHE F 270 14.60 0.10 28.37
C PHE F 270 14.59 0.78 29.71
N ASP F 271 14.01 1.98 29.74
CA ASP F 271 13.88 2.77 30.97
C ASP F 271 15.23 3.06 31.60
N GLY F 272 16.22 3.34 30.76
CA GLY F 272 17.57 3.66 31.22
C GLY F 272 18.55 2.49 31.30
N ILE F 273 18.06 1.28 31.07
CA ILE F 273 18.90 0.10 30.97
C ILE F 273 19.08 -0.20 29.50
N VAL F 274 20.23 -0.77 29.13
CA VAL F 274 20.45 -1.23 27.78
C VAL F 274 20.33 -2.75 27.74
N TYR F 275 19.48 -3.25 26.83
CA TYR F 275 19.49 -4.67 26.51
C TYR F 275 20.17 -4.76 25.16
N ALA F 276 21.27 -5.51 25.09
CA ALA F 276 22.11 -5.55 23.89
C ALA F 276 22.61 -6.94 23.59
N ASN F 277 22.84 -7.20 22.31
CA ASN F 277 23.56 -8.38 21.87
C ASN F 277 25.03 -8.00 21.83
N CYS F 278 25.71 -8.33 22.94
CA CYS F 278 27.10 -7.90 23.17
C CYS F 278 28.12 -8.84 22.55
N ARG F 279 27.60 -9.89 21.91
CA ARG F 279 28.47 -10.75 21.14
C ARG F 279 28.60 -10.24 19.70
N SER F 280 27.49 -9.89 19.06
CA SER F 280 27.55 -9.44 17.68
C SER F 280 27.93 -7.96 17.59
N MET F 281 27.85 -7.29 18.72
CA MET F 281 28.17 -5.87 18.81
C MET F 281 29.25 -5.65 19.88
N LEU F 282 30.13 -4.68 19.68
CA LEU F 282 31.13 -4.32 20.69
C LEU F 282 30.53 -3.42 21.76
N CYS F 283 30.41 -3.93 22.97
CA CYS F 283 29.84 -3.10 24.02
C CYS F 283 31.01 -2.59 24.85
N LYS F 284 31.43 -1.36 24.57
CA LYS F 284 32.61 -0.80 25.20
C LYS F 284 32.22 0.09 26.38
N CYS F 285 32.51 -0.37 27.58
CA CYS F 285 32.29 0.45 28.76
C CYS F 285 33.41 1.46 28.94
N MET F 286 33.07 2.72 29.21
CA MET F 286 34.10 3.73 29.39
C MET F 286 34.50 3.84 30.85
N GLN F 287 33.53 3.67 31.72
CA GLN F 287 33.77 3.70 33.15
C GLN F 287 32.87 2.69 33.85
N PRO F 288 33.45 1.63 34.43
CA PRO F 288 34.88 1.27 34.35
C PRO F 288 35.28 0.87 32.94
N ALA F 289 36.55 1.06 32.58
CA ALA F 289 37.03 0.67 31.25
C ALA F 289 37.02 -0.84 31.09
N ALA F 290 36.18 -1.32 30.18
CA ALA F 290 36.12 -2.73 29.87
C ALA F 290 35.39 -2.94 28.55
N VAL F 291 35.53 -4.13 27.97
CA VAL F 291 34.63 -4.57 26.91
C VAL F 291 33.77 -5.62 27.59
N ILE F 292 32.46 -5.42 27.56
CA ILE F 292 31.54 -6.36 28.18
C ILE F 292 31.47 -7.55 27.24
N LEU F 293 31.73 -8.72 27.79
CA LEU F 293 31.68 -9.94 27.00
C LEU F 293 30.42 -10.68 27.34
N GLN F 294 29.85 -11.33 26.34
CA GLN F 294 28.61 -12.02 26.51
C GLN F 294 28.84 -13.51 26.43
N PRO F 295 28.68 -14.22 27.54
CA PRO F 295 28.85 -15.68 27.48
C PRO F 295 27.82 -16.28 26.55
N SER F 296 28.15 -17.36 25.85
CA SER F 296 27.33 -17.80 24.75
C SER F 296 26.05 -18.42 25.30
N SER F 297 25.99 -18.57 26.61
CA SER F 297 24.78 -19.07 27.26
C SER F 297 23.91 -17.93 27.77
N SER F 298 24.31 -16.70 27.49
CA SER F 298 23.41 -15.56 27.63
C SER F 298 23.13 -15.02 26.24
N PRO F 299 21.88 -15.19 25.77
CA PRO F 299 21.48 -14.78 24.43
C PRO F 299 21.64 -13.28 24.22
N VAL F 300 21.36 -12.48 25.25
CA VAL F 300 21.52 -11.03 25.21
C VAL F 300 22.16 -10.56 26.51
N THR F 301 22.67 -9.33 26.54
CA THR F 301 23.30 -8.80 27.76
C THR F 301 22.38 -7.74 28.34
N VAL F 302 22.21 -7.75 29.65
CA VAL F 302 21.58 -6.64 30.37
C VAL F 302 22.69 -5.72 30.88
N ILE F 303 22.76 -4.50 30.34
CA ILE F 303 23.74 -3.57 30.84
C ILE F 303 23.06 -2.53 31.71
N ASP F 304 23.10 -2.75 33.02
CA ASP F 304 22.64 -1.77 33.99
C ASP F 304 23.87 -1.16 34.64
N MET F 305 23.67 -0.38 35.70
CA MET F 305 24.78 0.30 36.37
C MET F 305 25.74 -0.67 37.07
N TYR F 306 25.31 -1.88 37.38
CA TYR F 306 26.24 -2.84 37.98
C TYR F 306 27.38 -3.20 37.01
N LYS F 307 27.06 -3.32 35.72
CA LYS F 307 28.06 -3.67 34.69
C LYS F 307 28.77 -2.45 34.12
N CYS F 308 28.07 -1.32 34.03
CA CYS F 308 28.67 -0.17 33.39
C CYS F 308 28.00 1.13 33.83
N VAL F 309 28.77 2.19 33.91
CA VAL F 309 28.24 3.49 34.29
C VAL F 309 28.26 4.45 33.10
N SER F 310 29.33 4.41 32.33
CA SER F 310 29.42 5.20 31.12
C SER F 310 29.69 4.24 29.97
N LEU F 311 28.72 4.10 29.06
CA LEU F 311 28.81 3.12 27.98
C LEU F 311 29.07 3.76 26.63
N GLN F 312 29.88 3.11 25.80
CA GLN F 312 30.03 3.52 24.40
C GLN F 312 29.58 2.44 23.43
N LEU F 313 28.60 2.76 22.58
CA LEU F 313 28.13 1.88 21.51
C LEU F 313 28.41 2.59 20.19
N ASP F 314 29.50 2.21 19.53
CA ASP F 314 30.01 2.92 18.37
C ASP F 314 30.06 4.41 18.68
N ASN F 315 29.19 5.19 18.05
CA ASN F 315 29.18 6.65 18.24
C ASN F 315 28.26 7.19 19.35
N LEU F 316 27.45 6.32 19.96
CA LEU F 316 26.63 6.77 21.09
C LEU F 316 27.41 6.61 22.38
N ARG F 317 27.38 7.63 23.24
CA ARG F 317 27.97 7.52 24.56
C ARG F 317 26.97 8.06 25.55
N PHE F 318 26.70 7.29 26.60
CA PHE F 318 25.71 7.74 27.56
C PHE F 318 25.95 7.08 28.89
N THR F 319 25.38 7.67 29.93
CA THR F 319 25.46 7.09 31.25
C THR F 319 24.26 6.19 31.51
N ILE F 320 24.52 5.13 32.25
CA ILE F 320 23.48 4.22 32.66
C ILE F 320 23.28 4.50 34.13
N THR F 321 22.19 5.18 34.44
CA THR F 321 21.92 5.56 35.82
C THR F 321 20.67 4.85 36.29
N GLN F 322 20.48 3.62 35.84
CA GLN F 322 19.39 2.82 36.35
C GLN F 322 19.91 1.45 36.72
N LEU F 323 19.30 0.85 37.73
CA LEU F 323 19.65 -0.52 38.11
C LEU F 323 18.56 -1.48 37.68
N ALA F 324 18.96 -2.62 37.13
CA ALA F 324 18.02 -3.67 36.74
C ALA F 324 17.80 -4.65 37.87
N ASN F 325 16.57 -5.15 38.01
CA ASN F 325 16.27 -6.11 39.06
C ASN F 325 16.55 -7.55 38.63
N VAL F 326 17.17 -8.31 39.54
CA VAL F 326 17.68 -9.65 39.24
C VAL F 326 16.58 -10.69 38.94
N THR F 327 15.79 -10.42 37.90
CA THR F 327 14.90 -11.42 37.31
C THR F 327 15.75 -12.27 36.36
N TYR F 328 16.48 -13.20 36.96
CA TYR F 328 17.52 -13.99 36.30
C TYR F 328 17.09 -15.47 36.47
N ASN F 329 17.89 -16.48 36.13
CA ASN F 329 19.27 -16.40 35.61
C ASN F 329 19.36 -16.01 34.16
N SER F 330 20.45 -15.34 33.80
CA SER F 330 20.73 -14.97 32.42
C SER F 330 21.06 -16.22 31.59
N THR F 331 21.54 -17.26 32.29
CA THR F 331 21.86 -18.55 31.69
C THR F 331 20.62 -19.29 31.20
N ILE F 332 20.54 -19.51 29.89
CA ILE F 332 19.40 -20.17 29.29
C ILE F 332 19.86 -21.25 28.32
N LYS F 333 19.35 -22.47 28.49
CA LYS F 333 19.66 -23.56 27.59
C LYS F 333 18.58 -23.69 26.51
N LEU F 334 18.99 -23.44 25.27
CA LEU F 334 18.10 -23.54 24.12
C LEU F 334 18.73 -24.50 23.12
N GLU F 335 17.90 -25.26 22.41
CA GLU F 335 18.38 -26.24 21.46
C GLU F 335 18.51 -25.62 20.08
N SER F 336 19.40 -26.17 19.26
CA SER F 336 19.59 -25.66 17.91
C SER F 336 18.40 -25.98 17.03
N SER F 337 17.60 -26.96 17.44
CA SER F 337 16.38 -27.28 16.72
C SER F 337 15.36 -26.14 16.80
N GLN F 338 15.56 -25.20 17.72
CA GLN F 338 14.68 -24.05 17.81
C GLN F 338 15.06 -23.00 16.77
N ILE F 339 16.20 -23.20 16.13
CA ILE F 339 16.66 -22.25 15.12
C ILE F 339 16.32 -22.72 13.70
N LEU F 340 15.48 -21.94 13.02
CA LEU F 340 14.95 -22.34 11.73
C LEU F 340 14.33 -21.13 11.05
N SER F 341 14.01 -21.28 9.77
CA SER F 341 13.47 -20.20 8.96
C SER F 341 11.97 -20.43 8.73
N ILE F 342 11.17 -19.37 8.78
CA ILE F 342 9.74 -19.52 8.57
C ILE F 342 9.29 -18.92 7.23
N ASP F 343 10.27 -18.63 6.37
CA ASP F 343 10.02 -18.23 4.99
C ASP F 343 9.44 -19.40 4.24
N PRO F 344 8.27 -19.22 3.57
CA PRO F 344 7.63 -20.32 2.82
C PRO F 344 8.58 -21.11 1.92
N LEU F 345 9.44 -20.45 1.15
CA LEU F 345 10.39 -21.19 0.32
C LEU F 345 11.22 -22.15 1.17
N ASP F 346 11.78 -21.64 2.27
CA ASP F 346 12.59 -22.45 3.16
C ASP F 346 11.82 -23.62 3.81
N ILE F 347 10.63 -23.34 4.32
CA ILE F 347 9.77 -24.36 4.92
C ILE F 347 9.54 -25.49 3.91
N SER F 348 9.27 -25.09 2.67
CA SER F 348 8.98 -26.07 1.64
C SER F 348 10.19 -26.95 1.34
N GLN F 349 11.40 -26.36 1.37
CA GLN F 349 12.66 -27.09 1.21
C GLN F 349 12.88 -28.06 2.37
N ASN F 350 12.55 -27.61 3.58
CA ASN F 350 12.67 -28.45 4.77
C ASN F 350 11.65 -29.59 4.74
N LEU F 351 10.46 -29.30 4.23
CA LEU F 351 9.44 -30.34 4.09
C LEU F 351 9.88 -31.38 3.07
N ALA F 352 10.37 -30.93 1.92
CA ALA F 352 10.92 -31.83 0.91
C ALA F 352 11.96 -32.78 1.49
N ALA F 353 12.89 -32.26 2.29
CA ALA F 353 13.94 -33.09 2.88
C ALA F 353 13.36 -34.07 3.90
N VAL F 354 12.39 -33.63 4.68
CA VAL F 354 11.72 -34.52 5.62
C VAL F 354 10.96 -35.61 4.86
N ASN F 355 10.28 -35.23 3.78
CA ASN F 355 9.57 -36.21 2.98
C ASN F 355 10.50 -37.27 2.40
N LYS F 356 11.64 -36.82 1.87
CA LYS F 356 12.65 -37.72 1.33
C LYS F 356 13.16 -38.73 2.37
N SER F 357 13.54 -38.23 3.54
CA SER F 357 13.94 -39.08 4.67
C SER F 357 12.86 -40.10 5.02
N LEU F 358 11.62 -39.65 5.13
CA LEU F 358 10.50 -40.55 5.40
C LEU F 358 10.28 -41.52 4.24
N SER F 359 10.46 -41.03 3.01
CA SER F 359 10.26 -41.85 1.81
C SER F 359 11.04 -43.14 1.87
N ASP F 360 12.27 -43.06 2.34
CA ASP F 360 13.12 -44.24 2.37
C ASP F 360 13.15 -44.94 3.73
N ALA F 361 12.61 -44.31 4.77
CA ALA F 361 12.37 -45.02 6.03
C ALA F 361 11.21 -45.98 5.82
N LEU F 362 10.31 -45.61 4.91
CA LEU F 362 9.20 -46.46 4.51
C LEU F 362 9.71 -47.57 3.61
N GLN F 363 10.72 -47.24 2.81
CA GLN F 363 11.30 -48.21 1.90
C GLN F 363 12.11 -49.22 2.70
N HIS F 364 12.87 -48.70 3.66
CA HIS F 364 13.62 -49.53 4.61
C HIS F 364 12.68 -50.42 5.43
N LEU F 365 11.40 -50.05 5.49
CA LEU F 365 10.40 -50.86 6.20
C LEU F 365 9.87 -52.00 5.33
N ALA F 366 9.50 -51.69 4.09
CA ALA F 366 9.00 -52.70 3.17
C ALA F 366 10.05 -53.77 2.88
N GLN F 367 11.32 -53.36 2.86
CA GLN F 367 12.41 -54.32 2.72
C GLN F 367 13.00 -54.65 4.10
N SER F 368 12.11 -54.71 5.08
CA SER F 368 12.42 -55.28 6.38
C SER F 368 11.31 -56.28 6.68
N ASP F 369 10.21 -56.15 5.96
CA ASP F 369 9.14 -57.14 5.96
C ASP F 369 9.55 -58.27 5.03
N THR F 370 10.58 -58.02 4.25
CA THR F 370 11.15 -59.01 3.33
C THR F 370 12.11 -59.93 4.09
N TYR F 371 12.82 -59.36 5.05
CA TYR F 371 13.76 -60.13 5.86
C TYR F 371 13.01 -60.83 6.99
N LEU F 372 11.86 -60.28 7.37
CA LEU F 372 11.10 -60.80 8.50
C LEU F 372 10.18 -61.96 8.10
N SER F 373 9.99 -62.15 6.80
CA SER F 373 9.17 -63.25 6.29
C SER F 373 10.08 -64.42 5.91
N ALA F 374 11.36 -64.12 5.73
CA ALA F 374 12.37 -65.14 5.47
C ALA F 374 13.13 -65.48 6.75
N ILE F 375 12.38 -65.85 7.79
CA ILE F 375 12.93 -66.15 9.09
C ILE F 375 11.83 -66.71 9.99
#